data_1GBS
# 
_entry.id   1GBS 
# 
_audit_conform.dict_name       mmcif_pdbx.dic 
_audit_conform.dict_version    5.399 
_audit_conform.dict_location   http://mmcif.pdb.org/dictionaries/ascii/mmcif_pdbx.dic 
# 
loop_
_database_2.database_id 
_database_2.database_code 
_database_2.pdbx_database_accession 
_database_2.pdbx_DOI 
PDB   1GBS         pdb_00001gbs 10.2210/pdb1gbs/pdb 
WWPDB D_1000173507 ?            ?                   
# 
loop_
_pdbx_audit_revision_history.ordinal 
_pdbx_audit_revision_history.data_content_type 
_pdbx_audit_revision_history.major_revision 
_pdbx_audit_revision_history.minor_revision 
_pdbx_audit_revision_history.revision_date 
1 'Structure model' 1 0 1995-07-10 
2 'Structure model' 1 1 2008-03-24 
3 'Structure model' 1 2 2011-07-13 
4 'Structure model' 1 3 2024-06-05 
5 'Structure model' 1 4 2024-11-20 
# 
_pdbx_audit_revision_details.ordinal             1 
_pdbx_audit_revision_details.revision_ordinal    1 
_pdbx_audit_revision_details.data_content_type   'Structure model' 
_pdbx_audit_revision_details.provider            repository 
_pdbx_audit_revision_details.type                'Initial release' 
_pdbx_audit_revision_details.description         ? 
_pdbx_audit_revision_details.details             ? 
# 
loop_
_pdbx_audit_revision_group.ordinal 
_pdbx_audit_revision_group.revision_ordinal 
_pdbx_audit_revision_group.data_content_type 
_pdbx_audit_revision_group.group 
1 2 'Structure model' 'Version format compliance' 
2 3 'Structure model' 'Version format compliance' 
3 4 'Structure model' 'Data collection'           
4 4 'Structure model' 'Database references'       
5 4 'Structure model' Other                       
6 5 'Structure model' 'Structure summary'         
# 
loop_
_pdbx_audit_revision_category.ordinal 
_pdbx_audit_revision_category.revision_ordinal 
_pdbx_audit_revision_category.data_content_type 
_pdbx_audit_revision_category.category 
1 4 'Structure model' chem_comp_atom            
2 4 'Structure model' chem_comp_bond            
3 4 'Structure model' database_2                
4 4 'Structure model' pdbx_database_status      
5 5 'Structure model' pdbx_entry_details        
6 5 'Structure model' pdbx_modification_feature 
# 
loop_
_pdbx_audit_revision_item.ordinal 
_pdbx_audit_revision_item.revision_ordinal 
_pdbx_audit_revision_item.data_content_type 
_pdbx_audit_revision_item.item 
1 4 'Structure model' '_database_2.pdbx_DOI'                
2 4 'Structure model' '_database_2.pdbx_database_accession' 
3 4 'Structure model' '_pdbx_database_status.process_site'  
# 
_pdbx_database_status.status_code                     REL 
_pdbx_database_status.entry_id                        1GBS 
_pdbx_database_status.recvd_initial_deposition_date   1995-03-15 
_pdbx_database_status.deposit_site                    ? 
_pdbx_database_status.process_site                    BNL 
_pdbx_database_status.SG_entry                        . 
_pdbx_database_status.pdb_format_compatible           Y 
_pdbx_database_status.status_code_mr                  ? 
_pdbx_database_status.status_code_sf                  ? 
_pdbx_database_status.status_code_cs                  ? 
_pdbx_database_status.status_code_nmr_data            ? 
_pdbx_database_status.methods_development_category    ? 
# 
loop_
_audit_author.name 
_audit_author.pdbx_ordinal 
'Rao, Z.'    1 
'Machin, K.' 2 
'Isaacs, N.' 3 
# 
loop_
_citation.id 
_citation.title 
_citation.journal_abbrev 
_citation.journal_volume 
_citation.page_first 
_citation.page_last 
_citation.year 
_citation.journal_id_ASTM 
_citation.country 
_citation.journal_id_ISSN 
_citation.journal_id_CSD 
_citation.book_publisher 
_citation.pdbx_database_id_PubMed 
_citation.pdbx_database_id_DOI 
primary 'A strategy for rapid and effective refinement applied to black swan lysozyme.'         'Acta Crystallogr.,Sect.D'        
51 331 336 1995 ABCRE6 DK 0907-4449 0766 ? 15299299 10.1107/S0907444994009893 
1       'A Strategy for Rapid and Effective Refinement Applied to Black Swan Lysozyme'          'Acta Crystallogr.,Sect.D'        
51 331 ?   1995 ABCRE6 DK 0907-4449 0766 ? ?        ?                         
2       'Structure Determination and Refinement of the Goose-Type Lysozyme from the Black Swan' 'Thesis, University of Melbourne' 
?  ?   ?   1989 ?      US 1043-1802 2064 ? ?        ?                         
3       'Structure of a G-Type Goose_Type Lysozyme at 2.5 Angstroms Resolution'                 Aust.J.Biol.Sci.                  
38 13  ?   1985 AJBSAM AT 0004-9417 0866 ? ?        ?                         
# 
loop_
_citation_author.citation_id 
_citation_author.name 
_citation_author.ordinal 
_citation_author.identifier_ORCID 
primary 'Rao, Z.'      1  ? 
primary 'Esnouf, R.'   2  ? 
primary 'Isaacs, N.'   3  ? 
primary 'Stuart, D.'   4  ? 
1       'Rao, Z.'      5  ? 
1       'Esnouf, R.'   6  ? 
1       'Isaacs, N.'   7  ? 
1       'Stuart, D.'   8  ? 
2       'Rao, Z.'      9  ? 
3       'Isaacs, N.'   10 ? 
3       'Machin, K.'   11 ? 
3       'Masakuno, M.' 12 ? 
# 
loop_
_entity.id 
_entity.type 
_entity.src_method 
_entity.pdbx_description 
_entity.formula_weight 
_entity.pdbx_number_of_molecules 
_entity.pdbx_ec 
_entity.pdbx_mutation 
_entity.pdbx_fragment 
_entity.details 
1 polymer man 'AUSTRALIAN BLACK SWAN EGG WHITE LYSOZYME' 20434.172 1   3.2.1.17 ? ? ? 
2 water   nat water                                      18.015    152 ?        ? ? ? 
# 
_entity_poly.entity_id                      1 
_entity_poly.type                           'polypeptide(L)' 
_entity_poly.nstd_linkage                   no 
_entity_poly.nstd_monomer                   no 
_entity_poly.pdbx_seq_one_letter_code       
;RTDCYGNVNRIDTTGASCKTAKPEGLSYCGVPASKTIAERDLKAMDRYKTIIKKVGEKLCVEPAVIAGIISRESHAGKVL
KNGWGDRGNGFGLMQVDKRSHKPQGTWNGEVHITQGTTILTDFIKRIQKKFPSWTKDQQLKGGISAYNAGAGNVRSYARM
DIGTTHDDYANDVVARAQYYKQHGY
;
_entity_poly.pdbx_seq_one_letter_code_can   
;RTDCYGNVNRIDTTGASCKTAKPEGLSYCGVPASKTIAERDLKAMDRYKTIIKKVGEKLCVEPAVIAGIISRESHAGKVL
KNGWGDRGNGFGLMQVDKRSHKPQGTWNGEVHITQGTTILTDFIKRIQKKFPSWTKDQQLKGGISAYNAGAGNVRSYARM
DIGTTHDDYANDVVARAQYYKQHGY
;
_entity_poly.pdbx_strand_id                 A 
_entity_poly.pdbx_target_identifier         ? 
# 
_pdbx_entity_nonpoly.entity_id   2 
_pdbx_entity_nonpoly.name        water 
_pdbx_entity_nonpoly.comp_id     HOH 
# 
loop_
_entity_poly_seq.entity_id 
_entity_poly_seq.num 
_entity_poly_seq.mon_id 
_entity_poly_seq.hetero 
1 1   ARG n 
1 2   THR n 
1 3   ASP n 
1 4   CYS n 
1 5   TYR n 
1 6   GLY n 
1 7   ASN n 
1 8   VAL n 
1 9   ASN n 
1 10  ARG n 
1 11  ILE n 
1 12  ASP n 
1 13  THR n 
1 14  THR n 
1 15  GLY n 
1 16  ALA n 
1 17  SER n 
1 18  CYS n 
1 19  LYS n 
1 20  THR n 
1 21  ALA n 
1 22  LYS n 
1 23  PRO n 
1 24  GLU n 
1 25  GLY n 
1 26  LEU n 
1 27  SER n 
1 28  TYR n 
1 29  CYS n 
1 30  GLY n 
1 31  VAL n 
1 32  PRO n 
1 33  ALA n 
1 34  SER n 
1 35  LYS n 
1 36  THR n 
1 37  ILE n 
1 38  ALA n 
1 39  GLU n 
1 40  ARG n 
1 41  ASP n 
1 42  LEU n 
1 43  LYS n 
1 44  ALA n 
1 45  MET n 
1 46  ASP n 
1 47  ARG n 
1 48  TYR n 
1 49  LYS n 
1 50  THR n 
1 51  ILE n 
1 52  ILE n 
1 53  LYS n 
1 54  LYS n 
1 55  VAL n 
1 56  GLY n 
1 57  GLU n 
1 58  LYS n 
1 59  LEU n 
1 60  CYS n 
1 61  VAL n 
1 62  GLU n 
1 63  PRO n 
1 64  ALA n 
1 65  VAL n 
1 66  ILE n 
1 67  ALA n 
1 68  GLY n 
1 69  ILE n 
1 70  ILE n 
1 71  SER n 
1 72  ARG n 
1 73  GLU n 
1 74  SER n 
1 75  HIS n 
1 76  ALA n 
1 77  GLY n 
1 78  LYS n 
1 79  VAL n 
1 80  LEU n 
1 81  LYS n 
1 82  ASN n 
1 83  GLY n 
1 84  TRP n 
1 85  GLY n 
1 86  ASP n 
1 87  ARG n 
1 88  GLY n 
1 89  ASN n 
1 90  GLY n 
1 91  PHE n 
1 92  GLY n 
1 93  LEU n 
1 94  MET n 
1 95  GLN n 
1 96  VAL n 
1 97  ASP n 
1 98  LYS n 
1 99  ARG n 
1 100 SER n 
1 101 HIS n 
1 102 LYS n 
1 103 PRO n 
1 104 GLN n 
1 105 GLY n 
1 106 THR n 
1 107 TRP n 
1 108 ASN n 
1 109 GLY n 
1 110 GLU n 
1 111 VAL n 
1 112 HIS n 
1 113 ILE n 
1 114 THR n 
1 115 GLN n 
1 116 GLY n 
1 117 THR n 
1 118 THR n 
1 119 ILE n 
1 120 LEU n 
1 121 THR n 
1 122 ASP n 
1 123 PHE n 
1 124 ILE n 
1 125 LYS n 
1 126 ARG n 
1 127 ILE n 
1 128 GLN n 
1 129 LYS n 
1 130 LYS n 
1 131 PHE n 
1 132 PRO n 
1 133 SER n 
1 134 TRP n 
1 135 THR n 
1 136 LYS n 
1 137 ASP n 
1 138 GLN n 
1 139 GLN n 
1 140 LEU n 
1 141 LYS n 
1 142 GLY n 
1 143 GLY n 
1 144 ILE n 
1 145 SER n 
1 146 ALA n 
1 147 TYR n 
1 148 ASN n 
1 149 ALA n 
1 150 GLY n 
1 151 ALA n 
1 152 GLY n 
1 153 ASN n 
1 154 VAL n 
1 155 ARG n 
1 156 SER n 
1 157 TYR n 
1 158 ALA n 
1 159 ARG n 
1 160 MET n 
1 161 ASP n 
1 162 ILE n 
1 163 GLY n 
1 164 THR n 
1 165 THR n 
1 166 HIS n 
1 167 ASP n 
1 168 ASP n 
1 169 TYR n 
1 170 ALA n 
1 171 ASN n 
1 172 ASP n 
1 173 VAL n 
1 174 VAL n 
1 175 ALA n 
1 176 ARG n 
1 177 ALA n 
1 178 GLN n 
1 179 TYR n 
1 180 TYR n 
1 181 LYS n 
1 182 GLN n 
1 183 HIS n 
1 184 GLY n 
1 185 TYR n 
# 
_entity_src_gen.entity_id                          1 
_entity_src_gen.pdbx_src_id                        1 
_entity_src_gen.pdbx_alt_source_flag               sample 
_entity_src_gen.pdbx_seq_type                      ? 
_entity_src_gen.pdbx_beg_seq_num                   ? 
_entity_src_gen.pdbx_end_seq_num                   ? 
_entity_src_gen.gene_src_common_name               'black swan' 
_entity_src_gen.gene_src_genus                     Cygnus 
_entity_src_gen.pdbx_gene_src_gene                 ? 
_entity_src_gen.gene_src_species                   ? 
_entity_src_gen.gene_src_strain                    ? 
_entity_src_gen.gene_src_tissue                    ? 
_entity_src_gen.gene_src_tissue_fraction           ? 
_entity_src_gen.gene_src_details                   ? 
_entity_src_gen.pdbx_gene_src_fragment             ? 
_entity_src_gen.pdbx_gene_src_scientific_name      'Cygnus atratus' 
_entity_src_gen.pdbx_gene_src_ncbi_taxonomy_id     8868 
_entity_src_gen.pdbx_gene_src_variant              ? 
_entity_src_gen.pdbx_gene_src_cell_line            ? 
_entity_src_gen.pdbx_gene_src_atcc                 ? 
_entity_src_gen.pdbx_gene_src_organ                ? 
_entity_src_gen.pdbx_gene_src_organelle            ? 
_entity_src_gen.pdbx_gene_src_cell                 ? 
_entity_src_gen.pdbx_gene_src_cellular_location    ? 
_entity_src_gen.host_org_common_name               ? 
_entity_src_gen.pdbx_host_org_scientific_name      ? 
_entity_src_gen.pdbx_host_org_ncbi_taxonomy_id     ? 
_entity_src_gen.host_org_genus                     ? 
_entity_src_gen.pdbx_host_org_gene                 ? 
_entity_src_gen.pdbx_host_org_organ                ? 
_entity_src_gen.host_org_species                   ? 
_entity_src_gen.pdbx_host_org_tissue               ? 
_entity_src_gen.pdbx_host_org_tissue_fraction      ? 
_entity_src_gen.pdbx_host_org_strain               ? 
_entity_src_gen.pdbx_host_org_variant              ? 
_entity_src_gen.pdbx_host_org_cell_line            ? 
_entity_src_gen.pdbx_host_org_atcc                 ? 
_entity_src_gen.pdbx_host_org_culture_collection   ? 
_entity_src_gen.pdbx_host_org_cell                 ? 
_entity_src_gen.pdbx_host_org_organelle            ? 
_entity_src_gen.pdbx_host_org_cellular_location    ? 
_entity_src_gen.pdbx_host_org_vector_type          ? 
_entity_src_gen.pdbx_host_org_vector               ? 
_entity_src_gen.host_org_details                   ? 
_entity_src_gen.expression_system_id               ? 
_entity_src_gen.plasmid_name                       ? 
_entity_src_gen.plasmid_details                    ? 
_entity_src_gen.pdbx_description                   ? 
# 
loop_
_chem_comp.id 
_chem_comp.type 
_chem_comp.mon_nstd_flag 
_chem_comp.name 
_chem_comp.pdbx_synonyms 
_chem_comp.formula 
_chem_comp.formula_weight 
ALA 'L-peptide linking' y ALANINE         ? 'C3 H7 N O2'     89.093  
ARG 'L-peptide linking' y ARGININE        ? 'C6 H15 N4 O2 1' 175.209 
ASN 'L-peptide linking' y ASPARAGINE      ? 'C4 H8 N2 O3'    132.118 
ASP 'L-peptide linking' y 'ASPARTIC ACID' ? 'C4 H7 N O4'     133.103 
CYS 'L-peptide linking' y CYSTEINE        ? 'C3 H7 N O2 S'   121.158 
GLN 'L-peptide linking' y GLUTAMINE       ? 'C5 H10 N2 O3'   146.144 
GLU 'L-peptide linking' y 'GLUTAMIC ACID' ? 'C5 H9 N O4'     147.129 
GLY 'peptide linking'   y GLYCINE         ? 'C2 H5 N O2'     75.067  
HIS 'L-peptide linking' y HISTIDINE       ? 'C6 H10 N3 O2 1' 156.162 
HOH non-polymer         . WATER           ? 'H2 O'           18.015  
ILE 'L-peptide linking' y ISOLEUCINE      ? 'C6 H13 N O2'    131.173 
LEU 'L-peptide linking' y LEUCINE         ? 'C6 H13 N O2'    131.173 
LYS 'L-peptide linking' y LYSINE          ? 'C6 H15 N2 O2 1' 147.195 
MET 'L-peptide linking' y METHIONINE      ? 'C5 H11 N O2 S'  149.211 
PHE 'L-peptide linking' y PHENYLALANINE   ? 'C9 H11 N O2'    165.189 
PRO 'L-peptide linking' y PROLINE         ? 'C5 H9 N O2'     115.130 
SER 'L-peptide linking' y SERINE          ? 'C3 H7 N O3'     105.093 
THR 'L-peptide linking' y THREONINE       ? 'C4 H9 N O3'     119.119 
TRP 'L-peptide linking' y TRYPTOPHAN      ? 'C11 H12 N2 O2'  204.225 
TYR 'L-peptide linking' y TYROSINE        ? 'C9 H11 N O3'    181.189 
VAL 'L-peptide linking' y VALINE          ? 'C5 H11 N O2'    117.146 
# 
loop_
_pdbx_poly_seq_scheme.asym_id 
_pdbx_poly_seq_scheme.entity_id 
_pdbx_poly_seq_scheme.seq_id 
_pdbx_poly_seq_scheme.mon_id 
_pdbx_poly_seq_scheme.ndb_seq_num 
_pdbx_poly_seq_scheme.pdb_seq_num 
_pdbx_poly_seq_scheme.auth_seq_num 
_pdbx_poly_seq_scheme.pdb_mon_id 
_pdbx_poly_seq_scheme.auth_mon_id 
_pdbx_poly_seq_scheme.pdb_strand_id 
_pdbx_poly_seq_scheme.pdb_ins_code 
_pdbx_poly_seq_scheme.hetero 
A 1 1   ARG 1   1   1   ARG ARG A . n 
A 1 2   THR 2   2   2   THR THR A . n 
A 1 3   ASP 3   3   3   ASP ASP A . n 
A 1 4   CYS 4   4   4   CYS CYS A . n 
A 1 5   TYR 5   5   5   TYR TYR A . n 
A 1 6   GLY 6   6   6   GLY GLY A . n 
A 1 7   ASN 7   7   7   ASN ASN A . n 
A 1 8   VAL 8   8   8   VAL VAL A . n 
A 1 9   ASN 9   9   9   ASN ASN A . n 
A 1 10  ARG 10  10  10  ARG ARG A . n 
A 1 11  ILE 11  11  11  ILE ILE A . n 
A 1 12  ASP 12  12  12  ASP ASP A . n 
A 1 13  THR 13  13  13  THR THR A . n 
A 1 14  THR 14  14  14  THR THR A . n 
A 1 15  GLY 15  15  15  GLY GLY A . n 
A 1 16  ALA 16  16  16  ALA ALA A . n 
A 1 17  SER 17  17  17  SER SER A . n 
A 1 18  CYS 18  18  18  CYS CYS A . n 
A 1 19  LYS 19  19  19  LYS LYS A . n 
A 1 20  THR 20  20  20  THR THR A . n 
A 1 21  ALA 21  21  21  ALA ALA A . n 
A 1 22  LYS 22  22  22  LYS LYS A . n 
A 1 23  PRO 23  23  23  PRO PRO A . n 
A 1 24  GLU 24  24  24  GLU GLU A . n 
A 1 25  GLY 25  25  25  GLY GLY A . n 
A 1 26  LEU 26  26  26  LEU LEU A . n 
A 1 27  SER 27  27  27  SER SER A . n 
A 1 28  TYR 28  28  28  TYR TYR A . n 
A 1 29  CYS 29  29  29  CYS CYS A . n 
A 1 30  GLY 30  30  30  GLY GLY A . n 
A 1 31  VAL 31  31  31  VAL VAL A . n 
A 1 32  PRO 32  32  32  PRO PRO A . n 
A 1 33  ALA 33  33  33  ALA ALA A . n 
A 1 34  SER 34  34  34  SER SER A . n 
A 1 35  LYS 35  35  35  LYS LYS A . n 
A 1 36  THR 36  36  36  THR THR A . n 
A 1 37  ILE 37  37  37  ILE ILE A . n 
A 1 38  ALA 38  38  38  ALA ALA A . n 
A 1 39  GLU 39  39  39  GLU GLU A . n 
A 1 40  ARG 40  40  40  ARG ARG A . n 
A 1 41  ASP 41  41  41  ASP ASP A . n 
A 1 42  LEU 42  42  42  LEU LEU A . n 
A 1 43  LYS 43  43  43  LYS LYS A . n 
A 1 44  ALA 44  44  44  ALA ALA A . n 
A 1 45  MET 45  45  45  MET MET A . n 
A 1 46  ASP 46  46  46  ASP ASP A . n 
A 1 47  ARG 47  47  47  ARG ARG A . n 
A 1 48  TYR 48  48  48  TYR TYR A . n 
A 1 49  LYS 49  49  49  LYS LYS A . n 
A 1 50  THR 50  50  50  THR THR A . n 
A 1 51  ILE 51  51  51  ILE ILE A . n 
A 1 52  ILE 52  52  52  ILE ILE A . n 
A 1 53  LYS 53  53  53  LYS LYS A . n 
A 1 54  LYS 54  54  54  LYS LYS A . n 
A 1 55  VAL 55  55  55  VAL VAL A . n 
A 1 56  GLY 56  56  56  GLY GLY A . n 
A 1 57  GLU 57  57  57  GLU GLU A . n 
A 1 58  LYS 58  58  58  LYS LYS A . n 
A 1 59  LEU 59  59  59  LEU LEU A . n 
A 1 60  CYS 60  60  60  CYS CYS A . n 
A 1 61  VAL 61  61  61  VAL VAL A . n 
A 1 62  GLU 62  62  62  GLU GLU A . n 
A 1 63  PRO 63  63  63  PRO PRO A . n 
A 1 64  ALA 64  64  64  ALA ALA A . n 
A 1 65  VAL 65  65  65  VAL VAL A . n 
A 1 66  ILE 66  66  66  ILE ILE A . n 
A 1 67  ALA 67  67  67  ALA ALA A . n 
A 1 68  GLY 68  68  68  GLY GLY A . n 
A 1 69  ILE 69  69  69  ILE ILE A . n 
A 1 70  ILE 70  70  70  ILE ILE A . n 
A 1 71  SER 71  71  71  SER SER A . n 
A 1 72  ARG 72  72  72  ARG ARG A . n 
A 1 73  GLU 73  73  73  GLU GLU A . n 
A 1 74  SER 74  74  74  SER SER A . n 
A 1 75  HIS 75  75  75  HIS HIS A . n 
A 1 76  ALA 76  76  76  ALA ALA A . n 
A 1 77  GLY 77  77  77  GLY GLY A . n 
A 1 78  LYS 78  78  78  LYS LYS A . n 
A 1 79  VAL 79  79  79  VAL VAL A . n 
A 1 80  LEU 80  80  80  LEU LEU A . n 
A 1 81  LYS 81  81  81  LYS LYS A . n 
A 1 82  ASN 82  82  82  ASN ASN A . n 
A 1 83  GLY 83  83  83  GLY GLY A . n 
A 1 84  TRP 84  84  84  TRP TRP A . n 
A 1 85  GLY 85  85  85  GLY GLY A . n 
A 1 86  ASP 86  86  86  ASP ASP A . n 
A 1 87  ARG 87  87  87  ARG ARG A . n 
A 1 88  GLY 88  88  88  GLY GLY A . n 
A 1 89  ASN 89  89  89  ASN ASN A . n 
A 1 90  GLY 90  90  90  GLY GLY A . n 
A 1 91  PHE 91  91  91  PHE PHE A . n 
A 1 92  GLY 92  92  92  GLY GLY A . n 
A 1 93  LEU 93  93  93  LEU LEU A . n 
A 1 94  MET 94  94  94  MET MET A . n 
A 1 95  GLN 95  95  95  GLN GLN A . n 
A 1 96  VAL 96  96  96  VAL VAL A . n 
A 1 97  ASP 97  97  97  ASP ASP A . n 
A 1 98  LYS 98  98  98  LYS LYS A . n 
A 1 99  ARG 99  99  99  ARG ARG A . n 
A 1 100 SER 100 100 100 SER SER A . n 
A 1 101 HIS 101 101 101 HIS HIS A . n 
A 1 102 LYS 102 102 102 LYS LYS A . n 
A 1 103 PRO 103 103 103 PRO PRO A . n 
A 1 104 GLN 104 104 104 GLN GLN A . n 
A 1 105 GLY 105 105 105 GLY GLY A . n 
A 1 106 THR 106 106 106 THR THR A . n 
A 1 107 TRP 107 107 107 TRP TRP A . n 
A 1 108 ASN 108 108 108 ASN ASN A . n 
A 1 109 GLY 109 109 109 GLY GLY A . n 
A 1 110 GLU 110 110 110 GLU GLU A . n 
A 1 111 VAL 111 111 111 VAL VAL A . n 
A 1 112 HIS 112 112 112 HIS HIS A . n 
A 1 113 ILE 113 113 113 ILE ILE A . n 
A 1 114 THR 114 114 114 THR THR A . n 
A 1 115 GLN 115 115 115 GLN GLN A . n 
A 1 116 GLY 116 116 116 GLY GLY A . n 
A 1 117 THR 117 117 117 THR THR A . n 
A 1 118 THR 118 118 118 THR THR A . n 
A 1 119 ILE 119 119 119 ILE ILE A . n 
A 1 120 LEU 120 120 120 LEU LEU A . n 
A 1 121 THR 121 121 121 THR THR A . n 
A 1 122 ASP 122 122 122 ASP ASP A . n 
A 1 123 PHE 123 123 123 PHE PHE A . n 
A 1 124 ILE 124 124 124 ILE ILE A . n 
A 1 125 LYS 125 125 125 LYS LYS A . n 
A 1 126 ARG 126 126 126 ARG ARG A . n 
A 1 127 ILE 127 127 127 ILE ILE A . n 
A 1 128 GLN 128 128 128 GLN GLN A . n 
A 1 129 LYS 129 129 129 LYS LYS A . n 
A 1 130 LYS 130 130 130 LYS LYS A . n 
A 1 131 PHE 131 131 131 PHE PHE A . n 
A 1 132 PRO 132 132 132 PRO PRO A . n 
A 1 133 SER 133 133 133 SER SER A . n 
A 1 134 TRP 134 134 134 TRP TRP A . n 
A 1 135 THR 135 135 135 THR THR A . n 
A 1 136 LYS 136 136 136 LYS LYS A . n 
A 1 137 ASP 137 137 137 ASP ASP A . n 
A 1 138 GLN 138 138 138 GLN GLN A . n 
A 1 139 GLN 139 139 139 GLN GLN A . n 
A 1 140 LEU 140 140 140 LEU LEU A . n 
A 1 141 LYS 141 141 141 LYS LYS A . n 
A 1 142 GLY 142 142 142 GLY GLY A . n 
A 1 143 GLY 143 143 143 GLY GLY A . n 
A 1 144 ILE 144 144 144 ILE ILE A . n 
A 1 145 SER 145 145 145 SER SER A . n 
A 1 146 ALA 146 146 146 ALA ALA A . n 
A 1 147 TYR 147 147 147 TYR TYR A . n 
A 1 148 ASN 148 148 148 ASN ASN A . n 
A 1 149 ALA 149 149 149 ALA ALA A . n 
A 1 150 GLY 150 150 150 GLY GLY A . n 
A 1 151 ALA 151 151 151 ALA ALA A . n 
A 1 152 GLY 152 152 152 GLY GLY A . n 
A 1 153 ASN 153 153 153 ASN ASN A . n 
A 1 154 VAL 154 154 154 VAL VAL A . n 
A 1 155 ARG 155 155 155 ARG ARG A . n 
A 1 156 SER 156 156 156 SER SER A . n 
A 1 157 TYR 157 157 157 TYR TYR A . n 
A 1 158 ALA 158 158 158 ALA ALA A . n 
A 1 159 ARG 159 159 159 ARG ARG A . n 
A 1 160 MET 160 160 160 MET MET A . n 
A 1 161 ASP 161 161 161 ASP ASP A . n 
A 1 162 ILE 162 162 162 ILE ILE A . n 
A 1 163 GLY 163 163 163 GLY GLY A . n 
A 1 164 THR 164 164 164 THR THR A . n 
A 1 165 THR 165 165 165 THR THR A . n 
A 1 166 HIS 166 166 166 HIS HIS A . n 
A 1 167 ASP 167 167 167 ASP ASP A . n 
A 1 168 ASP 168 168 168 ASP ASP A . n 
A 1 169 TYR 169 169 169 TYR TYR A . n 
A 1 170 ALA 170 170 170 ALA ALA A . n 
A 1 171 ASN 171 171 171 ASN ASN A . n 
A 1 172 ASP 172 172 172 ASP ASP A . n 
A 1 173 VAL 173 173 173 VAL VAL A . n 
A 1 174 VAL 174 174 174 VAL VAL A . n 
A 1 175 ALA 175 175 175 ALA ALA A . n 
A 1 176 ARG 176 176 176 ARG ARG A . n 
A 1 177 ALA 177 177 177 ALA ALA A . n 
A 1 178 GLN 178 178 178 GLN GLN A . n 
A 1 179 TYR 179 179 179 TYR TYR A . n 
A 1 180 TYR 180 180 180 TYR TYR A . n 
A 1 181 LYS 181 181 181 LYS LYS A . n 
A 1 182 GLN 182 182 182 GLN GLN A . n 
A 1 183 HIS 183 183 183 HIS HIS A . n 
A 1 184 GLY 184 184 184 GLY GLY A . n 
A 1 185 TYR 185 185 185 TYR TYR A . n 
# 
loop_
_pdbx_nonpoly_scheme.asym_id 
_pdbx_nonpoly_scheme.entity_id 
_pdbx_nonpoly_scheme.mon_id 
_pdbx_nonpoly_scheme.ndb_seq_num 
_pdbx_nonpoly_scheme.pdb_seq_num 
_pdbx_nonpoly_scheme.auth_seq_num 
_pdbx_nonpoly_scheme.pdb_mon_id 
_pdbx_nonpoly_scheme.auth_mon_id 
_pdbx_nonpoly_scheme.pdb_strand_id 
_pdbx_nonpoly_scheme.pdb_ins_code 
B 2 HOH 1   200 200 HOH HOH A . 
B 2 HOH 2   201 201 HOH HOH A . 
B 2 HOH 3   202 202 HOH HOH A . 
B 2 HOH 4   203 203 HOH HOH A . 
B 2 HOH 5   205 205 HOH HOH A . 
B 2 HOH 6   206 206 HOH HOH A . 
B 2 HOH 7   207 207 HOH HOH A . 
B 2 HOH 8   208 208 HOH HOH A . 
B 2 HOH 9   209 209 HOH HOH A . 
B 2 HOH 10  210 210 HOH HOH A . 
B 2 HOH 11  211 211 HOH HOH A . 
B 2 HOH 12  212 212 HOH HOH A . 
B 2 HOH 13  213 213 HOH HOH A . 
B 2 HOH 14  214 214 HOH HOH A . 
B 2 HOH 15  215 215 HOH HOH A . 
B 2 HOH 16  216 216 HOH HOH A . 
B 2 HOH 17  217 217 HOH HOH A . 
B 2 HOH 18  218 218 HOH HOH A . 
B 2 HOH 19  219 219 HOH HOH A . 
B 2 HOH 20  220 220 HOH HOH A . 
B 2 HOH 21  221 221 HOH HOH A . 
B 2 HOH 22  222 222 HOH HOH A . 
B 2 HOH 23  223 223 HOH HOH A . 
B 2 HOH 24  224 224 HOH HOH A . 
B 2 HOH 25  225 225 HOH HOH A . 
B 2 HOH 26  226 226 HOH HOH A . 
B 2 HOH 27  227 227 HOH HOH A . 
B 2 HOH 28  228 228 HOH HOH A . 
B 2 HOH 29  229 229 HOH HOH A . 
B 2 HOH 30  230 230 HOH HOH A . 
B 2 HOH 31  231 231 HOH HOH A . 
B 2 HOH 32  232 232 HOH HOH A . 
B 2 HOH 33  233 233 HOH HOH A . 
B 2 HOH 34  234 234 HOH HOH A . 
B 2 HOH 35  235 235 HOH HOH A . 
B 2 HOH 36  236 236 HOH HOH A . 
B 2 HOH 37  237 237 HOH HOH A . 
B 2 HOH 38  238 238 HOH HOH A . 
B 2 HOH 39  239 239 HOH HOH A . 
B 2 HOH 40  240 240 HOH HOH A . 
B 2 HOH 41  241 241 HOH HOH A . 
B 2 HOH 42  242 242 HOH HOH A . 
B 2 HOH 43  243 243 HOH HOH A . 
B 2 HOH 44  244 244 HOH HOH A . 
B 2 HOH 45  245 245 HOH HOH A . 
B 2 HOH 46  246 246 HOH HOH A . 
B 2 HOH 47  247 247 HOH HOH A . 
B 2 HOH 48  248 248 HOH HOH A . 
B 2 HOH 49  249 249 HOH HOH A . 
B 2 HOH 50  250 250 HOH HOH A . 
B 2 HOH 51  251 251 HOH HOH A . 
B 2 HOH 52  252 252 HOH HOH A . 
B 2 HOH 53  253 253 HOH HOH A . 
B 2 HOH 54  254 254 HOH HOH A . 
B 2 HOH 55  255 255 HOH HOH A . 
B 2 HOH 56  256 256 HOH HOH A . 
B 2 HOH 57  257 257 HOH HOH A . 
B 2 HOH 58  258 258 HOH HOH A . 
B 2 HOH 59  259 259 HOH HOH A . 
B 2 HOH 60  260 260 HOH HOH A . 
B 2 HOH 61  261 261 HOH HOH A . 
B 2 HOH 62  262 262 HOH HOH A . 
B 2 HOH 63  263 263 HOH HOH A . 
B 2 HOH 64  264 264 HOH HOH A . 
B 2 HOH 65  265 265 HOH HOH A . 
B 2 HOH 66  266 266 HOH HOH A . 
B 2 HOH 67  267 267 HOH HOH A . 
B 2 HOH 68  268 268 HOH HOH A . 
B 2 HOH 69  269 269 HOH HOH A . 
B 2 HOH 70  270 270 HOH HOH A . 
B 2 HOH 71  271 271 HOH HOH A . 
B 2 HOH 72  272 272 HOH HOH A . 
B 2 HOH 73  273 273 HOH HOH A . 
B 2 HOH 74  274 274 HOH HOH A . 
B 2 HOH 75  275 275 HOH HOH A . 
B 2 HOH 76  276 276 HOH HOH A . 
B 2 HOH 77  277 277 HOH HOH A . 
B 2 HOH 78  278 278 HOH HOH A . 
B 2 HOH 79  279 279 HOH HOH A . 
B 2 HOH 80  280 280 HOH HOH A . 
B 2 HOH 81  281 281 HOH HOH A . 
B 2 HOH 82  282 282 HOH HOH A . 
B 2 HOH 83  283 283 HOH HOH A . 
B 2 HOH 84  284 284 HOH HOH A . 
B 2 HOH 85  285 285 HOH HOH A . 
B 2 HOH 86  286 286 HOH HOH A . 
B 2 HOH 87  287 287 HOH HOH A . 
B 2 HOH 88  288 288 HOH HOH A . 
B 2 HOH 89  289 289 HOH HOH A . 
B 2 HOH 90  290 290 HOH HOH A . 
B 2 HOH 91  291 291 HOH HOH A . 
B 2 HOH 92  292 292 HOH HOH A . 
B 2 HOH 93  293 293 HOH HOH A . 
B 2 HOH 94  294 294 HOH HOH A . 
B 2 HOH 95  295 295 HOH HOH A . 
B 2 HOH 96  296 296 HOH HOH A . 
B 2 HOH 97  297 297 HOH HOH A . 
B 2 HOH 98  298 298 HOH HOH A . 
B 2 HOH 99  299 299 HOH HOH A . 
B 2 HOH 100 300 300 HOH HOH A . 
B 2 HOH 101 301 301 HOH HOH A . 
B 2 HOH 102 302 302 HOH HOH A . 
B 2 HOH 103 303 303 HOH HOH A . 
B 2 HOH 104 304 304 HOH HOH A . 
B 2 HOH 105 305 305 HOH HOH A . 
B 2 HOH 106 306 306 HOH HOH A . 
B 2 HOH 107 307 307 HOH HOH A . 
B 2 HOH 108 308 308 HOH HOH A . 
B 2 HOH 109 309 309 HOH HOH A . 
B 2 HOH 110 310 310 HOH HOH A . 
B 2 HOH 111 311 311 HOH HOH A . 
B 2 HOH 112 312 312 HOH HOH A . 
B 2 HOH 113 313 313 HOH HOH A . 
B 2 HOH 114 314 314 HOH HOH A . 
B 2 HOH 115 315 315 HOH HOH A . 
B 2 HOH 116 316 316 HOH HOH A . 
B 2 HOH 117 317 317 HOH HOH A . 
B 2 HOH 118 318 318 HOH HOH A . 
B 2 HOH 119 319 319 HOH HOH A . 
B 2 HOH 120 320 320 HOH HOH A . 
B 2 HOH 121 321 321 HOH HOH A . 
B 2 HOH 122 322 322 HOH HOH A . 
B 2 HOH 123 323 323 HOH HOH A . 
B 2 HOH 124 324 324 HOH HOH A . 
B 2 HOH 125 325 325 HOH HOH A . 
B 2 HOH 126 326 326 HOH HOH A . 
B 2 HOH 127 327 327 HOH HOH A . 
B 2 HOH 128 328 328 HOH HOH A . 
B 2 HOH 129 329 329 HOH HOH A . 
B 2 HOH 130 330 330 HOH HOH A . 
B 2 HOH 131 331 331 HOH HOH A . 
B 2 HOH 132 332 332 HOH HOH A . 
B 2 HOH 133 333 333 HOH HOH A . 
B 2 HOH 134 334 334 HOH HOH A . 
B 2 HOH 135 335 335 HOH HOH A . 
B 2 HOH 136 336 336 HOH HOH A . 
B 2 HOH 137 337 337 HOH HOH A . 
B 2 HOH 138 338 338 HOH HOH A . 
B 2 HOH 139 339 339 HOH HOH A . 
B 2 HOH 140 340 340 HOH HOH A . 
B 2 HOH 141 341 341 HOH HOH A . 
B 2 HOH 142 342 342 HOH HOH A . 
B 2 HOH 143 343 343 HOH HOH A . 
B 2 HOH 144 344 344 HOH HOH A . 
B 2 HOH 145 345 345 HOH HOH A . 
B 2 HOH 146 346 346 HOH HOH A . 
B 2 HOH 147 347 347 HOH HOH A . 
B 2 HOH 148 348 348 HOH HOH A . 
B 2 HOH 149 349 349 HOH HOH A . 
B 2 HOH 150 350 350 HOH HOH A . 
B 2 HOH 151 351 351 HOH HOH A . 
B 2 HOH 152 352 352 HOH HOH A . 
# 
loop_
_software.name 
_software.classification 
_software.version 
_software.citation_id 
_software.pdbx_ordinal 
X-PLOR  'model building' . ? 1 
X-PLOR  refinement       . ? 2 
PROTEIN refinement       . ? 3 
CCP4    refinement       . ? 4 
X-PLOR  phasing          . ? 5 
# 
_cell.entry_id           1GBS 
_cell.length_a           91.800 
_cell.length_b           65.400 
_cell.length_c           38.800 
_cell.angle_alpha        90.00 
_cell.angle_beta         90.00 
_cell.angle_gamma        90.00 
_cell.Z_PDB              4 
_cell.pdbx_unique_axis   ? 
# 
_symmetry.entry_id                         1GBS 
_symmetry.space_group_name_H-M             'P 21 21 2' 
_symmetry.pdbx_full_space_group_name_H-M   ? 
_symmetry.cell_setting                     ? 
_symmetry.Int_Tables_number                18 
# 
_exptl.entry_id          1GBS 
_exptl.method            'X-RAY DIFFRACTION' 
_exptl.crystals_number   ? 
# 
_exptl_crystal.id                    1 
_exptl_crystal.density_meas          ? 
_exptl_crystal.density_Matthews      2.85 
_exptl_crystal.density_percent_sol   56.83 
_exptl_crystal.description           ? 
# 
_diffrn.id                     1 
_diffrn.ambient_temp           ? 
_diffrn.ambient_temp_details   ? 
_diffrn.crystal_id             1 
# 
_diffrn_radiation.diffrn_id                        1 
_diffrn_radiation.wavelength_id                    1 
_diffrn_radiation.pdbx_monochromatic_or_laue_m_l   ? 
_diffrn_radiation.monochromator                    ? 
_diffrn_radiation.pdbx_diffrn_protocol             ? 
_diffrn_radiation.pdbx_scattering_type             x-ray 
# 
_diffrn_radiation_wavelength.id           1 
_diffrn_radiation_wavelength.wavelength   . 
_diffrn_radiation_wavelength.wt           1.0 
# 
_reflns.entry_id                     1GBS 
_reflns.observed_criterion_sigma_I   0.0 
_reflns.observed_criterion_sigma_F   ? 
_reflns.d_resolution_low             20. 
_reflns.d_resolution_high            1.8 
_reflns.number_obs                   19189 
_reflns.number_all                   ? 
_reflns.percent_possible_obs         95. 
_reflns.pdbx_Rmerge_I_obs            ? 
_reflns.pdbx_Rsym_value              ? 
_reflns.pdbx_netI_over_sigmaI        ? 
_reflns.B_iso_Wilson_estimate        ? 
_reflns.pdbx_redundancy              ? 
_reflns.pdbx_diffrn_id               1 
_reflns.pdbx_ordinal                 1 
# 
_refine.entry_id                                 1GBS 
_refine.ls_number_reflns_obs                     19189 
_refine.ls_number_reflns_all                     ? 
_refine.pdbx_ls_sigma_I                          0.0 
_refine.pdbx_ls_sigma_F                          ? 
_refine.pdbx_data_cutoff_high_absF               ? 
_refine.pdbx_data_cutoff_low_absF                ? 
_refine.pdbx_data_cutoff_high_rms_absF           ? 
_refine.ls_d_res_low                             20. 
_refine.ls_d_res_high                            1.5 
_refine.ls_percent_reflns_obs                    95. 
_refine.ls_R_factor_obs                          0.184 
_refine.ls_R_factor_all                          ? 
_refine.ls_R_factor_R_work                       ? 
_refine.ls_R_factor_R_free                       ? 
_refine.ls_R_factor_R_free_error                 ? 
_refine.ls_R_factor_R_free_error_details         ? 
_refine.ls_percent_reflns_R_free                 ? 
_refine.ls_number_reflns_R_free                  ? 
_refine.ls_number_parameters                     ? 
_refine.ls_number_restraints                     ? 
_refine.occupancy_min                            ? 
_refine.occupancy_max                            ? 
_refine.B_iso_mean                               ? 
_refine.aniso_B[1][1]                            ? 
_refine.aniso_B[2][2]                            ? 
_refine.aniso_B[3][3]                            ? 
_refine.aniso_B[1][2]                            ? 
_refine.aniso_B[1][3]                            ? 
_refine.aniso_B[2][3]                            ? 
_refine.solvent_model_details                    ? 
_refine.solvent_model_param_ksol                 ? 
_refine.solvent_model_param_bsol                 ? 
_refine.pdbx_ls_cross_valid_method               ? 
_refine.details                                  ? 
_refine.pdbx_starting_model                      ? 
_refine.pdbx_method_to_determine_struct          ? 
_refine.pdbx_isotropic_thermal_model             ? 
_refine.pdbx_stereochemistry_target_values       ? 
_refine.pdbx_stereochem_target_val_spec_case     ? 
_refine.pdbx_R_Free_selection_details            ? 
_refine.pdbx_overall_ESU_R                       ? 
_refine.pdbx_overall_ESU_R_Free                  ? 
_refine.overall_SU_ML                            ? 
_refine.overall_SU_B                             ? 
_refine.pdbx_refine_id                           'X-RAY DIFFRACTION' 
_refine.pdbx_diffrn_id                           1 
_refine.pdbx_TLS_residual_ADP_flag               ? 
_refine.correlation_coeff_Fo_to_Fc               ? 
_refine.correlation_coeff_Fo_to_Fc_free          ? 
_refine.pdbx_solvent_vdw_probe_radii             ? 
_refine.pdbx_solvent_ion_probe_radii             ? 
_refine.pdbx_solvent_shrinkage_radii             ? 
_refine.pdbx_overall_phase_error                 ? 
_refine.overall_SU_R_Cruickshank_DPI             ? 
_refine.pdbx_overall_SU_R_free_Cruickshank_DPI   ? 
_refine.pdbx_overall_SU_R_Blow_DPI               ? 
_refine.pdbx_overall_SU_R_free_Blow_DPI          ? 
# 
_refine_hist.pdbx_refine_id                   'X-RAY DIFFRACTION' 
_refine_hist.cycle_id                         LAST 
_refine_hist.pdbx_number_atoms_protein        1434 
_refine_hist.pdbx_number_atoms_nucleic_acid   0 
_refine_hist.pdbx_number_atoms_ligand         0 
_refine_hist.number_atoms_solvent             152 
_refine_hist.number_atoms_total               1586 
_refine_hist.d_res_high                       1.5 
_refine_hist.d_res_low                        20. 
# 
_struct.entry_id                  1GBS 
_struct.title                     'CRYSTAL STRUCTURE OF BLACK SWAN GOOSE-TYPE LYSOZYME AT 1.8 ANGSTROMS RESOLUTION' 
_struct.pdbx_model_details        ? 
_struct.pdbx_CASP_flag            ? 
_struct.pdbx_model_type_details   ? 
# 
_struct_keywords.entry_id        1GBS 
_struct_keywords.pdbx_keywords   'HYDROLASE (O-GLYCOSYL)' 
_struct_keywords.text            'HYDROLASE (O-GLYCOSYL)' 
# 
loop_
_struct_asym.id 
_struct_asym.pdbx_blank_PDB_chainid_flag 
_struct_asym.pdbx_modified 
_struct_asym.entity_id 
_struct_asym.details 
A N N 1 ? 
B N N 2 ? 
# 
_struct_ref.id                         1 
_struct_ref.db_name                    UNP 
_struct_ref.db_code                    LYG_CYGAT 
_struct_ref.entity_id                  1 
_struct_ref.pdbx_db_accession          P00717 
_struct_ref.pdbx_align_begin           1 
_struct_ref.pdbx_seq_one_letter_code   
;RTDCYGNVNRIDTTGASCKTAKPEGLSYCGVPASKTIAERDLKAMDRYKTIIKKVGEKLCVEPAVIAGIISRESHAGKVL
KNGWGDRGNGFGLMQVDKRSHKPQGTWNGEVHITQGTTILTDFIKRIQKKFPSWTKDQQLKGGISAYNAGAGNVRSYARM
DIGTTHDDYANDVVARAQYYKQHGY
;
_struct_ref.pdbx_db_isoform            ? 
# 
_struct_ref_seq.align_id                      1 
_struct_ref_seq.ref_id                        1 
_struct_ref_seq.pdbx_PDB_id_code              1GBS 
_struct_ref_seq.pdbx_strand_id                A 
_struct_ref_seq.seq_align_beg                 1 
_struct_ref_seq.pdbx_seq_align_beg_ins_code   ? 
_struct_ref_seq.seq_align_end                 185 
_struct_ref_seq.pdbx_seq_align_end_ins_code   ? 
_struct_ref_seq.pdbx_db_accession             P00717 
_struct_ref_seq.db_align_beg                  1 
_struct_ref_seq.pdbx_db_align_beg_ins_code    ? 
_struct_ref_seq.db_align_end                  185 
_struct_ref_seq.pdbx_db_align_end_ins_code    ? 
_struct_ref_seq.pdbx_auth_seq_align_beg       1 
_struct_ref_seq.pdbx_auth_seq_align_end       185 
# 
_pdbx_struct_assembly.id                   1 
_pdbx_struct_assembly.details              author_defined_assembly 
_pdbx_struct_assembly.method_details       ? 
_pdbx_struct_assembly.oligomeric_details   monomeric 
_pdbx_struct_assembly.oligomeric_count     1 
# 
_pdbx_struct_assembly_gen.assembly_id       1 
_pdbx_struct_assembly_gen.oper_expression   1 
_pdbx_struct_assembly_gen.asym_id_list      A,B 
# 
_pdbx_struct_oper_list.id                   1 
_pdbx_struct_oper_list.type                 'identity operation' 
_pdbx_struct_oper_list.name                 1_555 
_pdbx_struct_oper_list.symmetry_operation   x,y,z 
_pdbx_struct_oper_list.matrix[1][1]         1.0000000000 
_pdbx_struct_oper_list.matrix[1][2]         0.0000000000 
_pdbx_struct_oper_list.matrix[1][3]         0.0000000000 
_pdbx_struct_oper_list.vector[1]            0.0000000000 
_pdbx_struct_oper_list.matrix[2][1]         0.0000000000 
_pdbx_struct_oper_list.matrix[2][2]         1.0000000000 
_pdbx_struct_oper_list.matrix[2][3]         0.0000000000 
_pdbx_struct_oper_list.vector[2]            0.0000000000 
_pdbx_struct_oper_list.matrix[3][1]         0.0000000000 
_pdbx_struct_oper_list.matrix[3][2]         0.0000000000 
_pdbx_struct_oper_list.matrix[3][3]         1.0000000000 
_pdbx_struct_oper_list.vector[3]            0.0000000000 
# 
_struct_biol.id   1 
# 
loop_
_struct_conf.conf_type_id 
_struct_conf.id 
_struct_conf.pdbx_PDB_helix_id 
_struct_conf.beg_label_comp_id 
_struct_conf.beg_label_asym_id 
_struct_conf.beg_label_seq_id 
_struct_conf.pdbx_beg_PDB_ins_code 
_struct_conf.end_label_comp_id 
_struct_conf.end_label_asym_id 
_struct_conf.end_label_seq_id 
_struct_conf.pdbx_end_PDB_ins_code 
_struct_conf.beg_auth_comp_id 
_struct_conf.beg_auth_asym_id 
_struct_conf.beg_auth_seq_id 
_struct_conf.end_auth_comp_id 
_struct_conf.end_auth_asym_id 
_struct_conf.end_auth_seq_id 
_struct_conf.pdbx_PDB_helix_class 
_struct_conf.details 
_struct_conf.pdbx_PDB_helix_length 
HELX_P HELX_P1  1  VAL A 8   ? ARG A 10  ? VAL A 8   ARG A 10  5 ? 3  
HELX_P HELX_P2  2  CYS A 18  ? GLU A 24  ? CYS A 18  GLU A 24  1 ? 7  
HELX_P HELX_P3  3  GLY A 30  ? ARG A 47  ? GLY A 30  ARG A 47  1 ? 18 
HELX_P HELX_P4  4  LYS A 49  ? LEU A 59  ? LYS A 49  LEU A 59  1 ? 11 
HELX_P HELX_P5  5  PRO A 63  ? SER A 74  ? PRO A 63  SER A 74  1 ? 12 
HELX_P HELX_P6  6  GLU A 110 ? LYS A 130 ? GLU A 110 LYS A 130 1 ? 21 
HELX_P HELX_P7  7  LYS A 136 ? ALA A 149 ? LYS A 136 ALA A 149 1 ? 14 
HELX_P HELX_P8  8  ALA A 151 ? ASN A 153 ? ALA A 151 ASN A 153 5 ? 3  
HELX_P HELX_P9  9  THR A 165 ? ASP A 167 ? THR A 165 ASP A 167 5 ? 3  
HELX_P HELX_P10 10 TYR A 169 ? GLN A 182 ? TYR A 169 GLN A 182 1 ? 14 
# 
_struct_conf_type.id          HELX_P 
_struct_conf_type.criteria    ? 
_struct_conf_type.reference   ? 
# 
loop_
_struct_conn.id 
_struct_conn.conn_type_id 
_struct_conn.pdbx_leaving_atom_flag 
_struct_conn.pdbx_PDB_id 
_struct_conn.ptnr1_label_asym_id 
_struct_conn.ptnr1_label_comp_id 
_struct_conn.ptnr1_label_seq_id 
_struct_conn.ptnr1_label_atom_id 
_struct_conn.pdbx_ptnr1_label_alt_id 
_struct_conn.pdbx_ptnr1_PDB_ins_code 
_struct_conn.pdbx_ptnr1_standard_comp_id 
_struct_conn.ptnr1_symmetry 
_struct_conn.ptnr2_label_asym_id 
_struct_conn.ptnr2_label_comp_id 
_struct_conn.ptnr2_label_seq_id 
_struct_conn.ptnr2_label_atom_id 
_struct_conn.pdbx_ptnr2_label_alt_id 
_struct_conn.pdbx_ptnr2_PDB_ins_code 
_struct_conn.ptnr1_auth_asym_id 
_struct_conn.ptnr1_auth_comp_id 
_struct_conn.ptnr1_auth_seq_id 
_struct_conn.ptnr2_auth_asym_id 
_struct_conn.ptnr2_auth_comp_id 
_struct_conn.ptnr2_auth_seq_id 
_struct_conn.ptnr2_symmetry 
_struct_conn.pdbx_ptnr3_label_atom_id 
_struct_conn.pdbx_ptnr3_label_seq_id 
_struct_conn.pdbx_ptnr3_label_comp_id 
_struct_conn.pdbx_ptnr3_label_asym_id 
_struct_conn.pdbx_ptnr3_label_alt_id 
_struct_conn.pdbx_ptnr3_PDB_ins_code 
_struct_conn.details 
_struct_conn.pdbx_dist_value 
_struct_conn.pdbx_value_order 
_struct_conn.pdbx_role 
disulf1 disulf ? ? A CYS 4  SG ? ? ? 1_555 A CYS 60 SG ? ? A CYS 4  A CYS 60 1_555 ? ? ? ? ? ? ? 2.037 ? ? 
disulf2 disulf ? ? A CYS 18 SG ? ? ? 1_555 A CYS 29 SG ? ? A CYS 18 A CYS 29 1_555 ? ? ? ? ? ? ? 2.036 ? ? 
# 
_struct_conn_type.id          disulf 
_struct_conn_type.criteria    ? 
_struct_conn_type.reference   ? 
# 
loop_
_pdbx_modification_feature.ordinal 
_pdbx_modification_feature.label_comp_id 
_pdbx_modification_feature.label_asym_id 
_pdbx_modification_feature.label_seq_id 
_pdbx_modification_feature.label_alt_id 
_pdbx_modification_feature.modified_residue_label_comp_id 
_pdbx_modification_feature.modified_residue_label_asym_id 
_pdbx_modification_feature.modified_residue_label_seq_id 
_pdbx_modification_feature.modified_residue_label_alt_id 
_pdbx_modification_feature.auth_comp_id 
_pdbx_modification_feature.auth_asym_id 
_pdbx_modification_feature.auth_seq_id 
_pdbx_modification_feature.PDB_ins_code 
_pdbx_modification_feature.symmetry 
_pdbx_modification_feature.modified_residue_auth_comp_id 
_pdbx_modification_feature.modified_residue_auth_asym_id 
_pdbx_modification_feature.modified_residue_auth_seq_id 
_pdbx_modification_feature.modified_residue_PDB_ins_code 
_pdbx_modification_feature.modified_residue_symmetry 
_pdbx_modification_feature.comp_id_linking_atom 
_pdbx_modification_feature.modified_residue_id_linking_atom 
_pdbx_modification_feature.modified_residue_id 
_pdbx_modification_feature.ref_pcm_id 
_pdbx_modification_feature.ref_comp_id 
_pdbx_modification_feature.type 
_pdbx_modification_feature.category 
1 CYS A 4  ? CYS A 60 ? CYS A 4  ? 1_555 CYS A 60 ? 1_555 SG SG . . . None 'Disulfide bridge' 
2 CYS A 18 ? CYS A 29 ? CYS A 18 ? 1_555 CYS A 29 ? 1_555 SG SG . . . None 'Disulfide bridge' 
# 
_struct_sheet.id               A 
_struct_sheet.type             ? 
_struct_sheet.number_strands   2 
_struct_sheet.details          ? 
# 
_struct_sheet_order.sheet_id     A 
_struct_sheet_order.range_id_1   1 
_struct_sheet_order.range_id_2   2 
_struct_sheet_order.offset       ? 
_struct_sheet_order.sense        anti-parallel 
# 
loop_
_struct_sheet_range.sheet_id 
_struct_sheet_range.id 
_struct_sheet_range.beg_label_comp_id 
_struct_sheet_range.beg_label_asym_id 
_struct_sheet_range.beg_label_seq_id 
_struct_sheet_range.pdbx_beg_PDB_ins_code 
_struct_sheet_range.end_label_comp_id 
_struct_sheet_range.end_label_asym_id 
_struct_sheet_range.end_label_seq_id 
_struct_sheet_range.pdbx_end_PDB_ins_code 
_struct_sheet_range.beg_auth_comp_id 
_struct_sheet_range.beg_auth_asym_id 
_struct_sheet_range.beg_auth_seq_id 
_struct_sheet_range.end_auth_comp_id 
_struct_sheet_range.end_auth_asym_id 
_struct_sheet_range.end_auth_seq_id 
A 1 GLY A 90 ? PHE A 91 ? GLY A 90 PHE A 91 
A 2 VAL A 96 ? ASP A 97 ? VAL A 96 ASP A 97 
# 
_pdbx_struct_sheet_hbond.sheet_id                A 
_pdbx_struct_sheet_hbond.range_id_1              1 
_pdbx_struct_sheet_hbond.range_id_2              2 
_pdbx_struct_sheet_hbond.range_1_label_atom_id   N 
_pdbx_struct_sheet_hbond.range_1_label_comp_id   PHE 
_pdbx_struct_sheet_hbond.range_1_label_asym_id   A 
_pdbx_struct_sheet_hbond.range_1_label_seq_id    91 
_pdbx_struct_sheet_hbond.range_1_PDB_ins_code    ? 
_pdbx_struct_sheet_hbond.range_1_auth_atom_id    N 
_pdbx_struct_sheet_hbond.range_1_auth_comp_id    PHE 
_pdbx_struct_sheet_hbond.range_1_auth_asym_id    A 
_pdbx_struct_sheet_hbond.range_1_auth_seq_id     91 
_pdbx_struct_sheet_hbond.range_2_label_atom_id   O 
_pdbx_struct_sheet_hbond.range_2_label_comp_id   VAL 
_pdbx_struct_sheet_hbond.range_2_label_asym_id   A 
_pdbx_struct_sheet_hbond.range_2_label_seq_id    96 
_pdbx_struct_sheet_hbond.range_2_PDB_ins_code    ? 
_pdbx_struct_sheet_hbond.range_2_auth_atom_id    O 
_pdbx_struct_sheet_hbond.range_2_auth_comp_id    VAL 
_pdbx_struct_sheet_hbond.range_2_auth_asym_id    A 
_pdbx_struct_sheet_hbond.range_2_auth_seq_id     96 
# 
_pdbx_entry_details.entry_id                   1GBS 
_pdbx_entry_details.compound_details           ? 
_pdbx_entry_details.source_details             ? 
_pdbx_entry_details.nonpolymer_details         ? 
_pdbx_entry_details.sequence_details           ? 
_pdbx_entry_details.has_ligand_of_interest     ? 
_pdbx_entry_details.has_protein_modification   Y 
# 
loop_
_pdbx_validate_torsion.id 
_pdbx_validate_torsion.PDB_model_num 
_pdbx_validate_torsion.auth_comp_id 
_pdbx_validate_torsion.auth_asym_id 
_pdbx_validate_torsion.auth_seq_id 
_pdbx_validate_torsion.PDB_ins_code 
_pdbx_validate_torsion.label_alt_id 
_pdbx_validate_torsion.phi 
_pdbx_validate_torsion.psi 
1 1 CYS A 29  ? ? -126.70 -165.34 
2 1 ASP A 168 ? ? -150.51 16.84   
# 
loop_
_chem_comp_atom.comp_id 
_chem_comp_atom.atom_id 
_chem_comp_atom.type_symbol 
_chem_comp_atom.pdbx_aromatic_flag 
_chem_comp_atom.pdbx_stereo_config 
_chem_comp_atom.pdbx_ordinal 
ALA N    N N N 1   
ALA CA   C N S 2   
ALA C    C N N 3   
ALA O    O N N 4   
ALA CB   C N N 5   
ALA OXT  O N N 6   
ALA H    H N N 7   
ALA H2   H N N 8   
ALA HA   H N N 9   
ALA HB1  H N N 10  
ALA HB2  H N N 11  
ALA HB3  H N N 12  
ALA HXT  H N N 13  
ARG N    N N N 14  
ARG CA   C N S 15  
ARG C    C N N 16  
ARG O    O N N 17  
ARG CB   C N N 18  
ARG CG   C N N 19  
ARG CD   C N N 20  
ARG NE   N N N 21  
ARG CZ   C N N 22  
ARG NH1  N N N 23  
ARG NH2  N N N 24  
ARG OXT  O N N 25  
ARG H    H N N 26  
ARG H2   H N N 27  
ARG HA   H N N 28  
ARG HB2  H N N 29  
ARG HB3  H N N 30  
ARG HG2  H N N 31  
ARG HG3  H N N 32  
ARG HD2  H N N 33  
ARG HD3  H N N 34  
ARG HE   H N N 35  
ARG HH11 H N N 36  
ARG HH12 H N N 37  
ARG HH21 H N N 38  
ARG HH22 H N N 39  
ARG HXT  H N N 40  
ASN N    N N N 41  
ASN CA   C N S 42  
ASN C    C N N 43  
ASN O    O N N 44  
ASN CB   C N N 45  
ASN CG   C N N 46  
ASN OD1  O N N 47  
ASN ND2  N N N 48  
ASN OXT  O N N 49  
ASN H    H N N 50  
ASN H2   H N N 51  
ASN HA   H N N 52  
ASN HB2  H N N 53  
ASN HB3  H N N 54  
ASN HD21 H N N 55  
ASN HD22 H N N 56  
ASN HXT  H N N 57  
ASP N    N N N 58  
ASP CA   C N S 59  
ASP C    C N N 60  
ASP O    O N N 61  
ASP CB   C N N 62  
ASP CG   C N N 63  
ASP OD1  O N N 64  
ASP OD2  O N N 65  
ASP OXT  O N N 66  
ASP H    H N N 67  
ASP H2   H N N 68  
ASP HA   H N N 69  
ASP HB2  H N N 70  
ASP HB3  H N N 71  
ASP HD2  H N N 72  
ASP HXT  H N N 73  
CYS N    N N N 74  
CYS CA   C N R 75  
CYS C    C N N 76  
CYS O    O N N 77  
CYS CB   C N N 78  
CYS SG   S N N 79  
CYS OXT  O N N 80  
CYS H    H N N 81  
CYS H2   H N N 82  
CYS HA   H N N 83  
CYS HB2  H N N 84  
CYS HB3  H N N 85  
CYS HG   H N N 86  
CYS HXT  H N N 87  
GLN N    N N N 88  
GLN CA   C N S 89  
GLN C    C N N 90  
GLN O    O N N 91  
GLN CB   C N N 92  
GLN CG   C N N 93  
GLN CD   C N N 94  
GLN OE1  O N N 95  
GLN NE2  N N N 96  
GLN OXT  O N N 97  
GLN H    H N N 98  
GLN H2   H N N 99  
GLN HA   H N N 100 
GLN HB2  H N N 101 
GLN HB3  H N N 102 
GLN HG2  H N N 103 
GLN HG3  H N N 104 
GLN HE21 H N N 105 
GLN HE22 H N N 106 
GLN HXT  H N N 107 
GLU N    N N N 108 
GLU CA   C N S 109 
GLU C    C N N 110 
GLU O    O N N 111 
GLU CB   C N N 112 
GLU CG   C N N 113 
GLU CD   C N N 114 
GLU OE1  O N N 115 
GLU OE2  O N N 116 
GLU OXT  O N N 117 
GLU H    H N N 118 
GLU H2   H N N 119 
GLU HA   H N N 120 
GLU HB2  H N N 121 
GLU HB3  H N N 122 
GLU HG2  H N N 123 
GLU HG3  H N N 124 
GLU HE2  H N N 125 
GLU HXT  H N N 126 
GLY N    N N N 127 
GLY CA   C N N 128 
GLY C    C N N 129 
GLY O    O N N 130 
GLY OXT  O N N 131 
GLY H    H N N 132 
GLY H2   H N N 133 
GLY HA2  H N N 134 
GLY HA3  H N N 135 
GLY HXT  H N N 136 
HIS N    N N N 137 
HIS CA   C N S 138 
HIS C    C N N 139 
HIS O    O N N 140 
HIS CB   C N N 141 
HIS CG   C Y N 142 
HIS ND1  N Y N 143 
HIS CD2  C Y N 144 
HIS CE1  C Y N 145 
HIS NE2  N Y N 146 
HIS OXT  O N N 147 
HIS H    H N N 148 
HIS H2   H N N 149 
HIS HA   H N N 150 
HIS HB2  H N N 151 
HIS HB3  H N N 152 
HIS HD1  H N N 153 
HIS HD2  H N N 154 
HIS HE1  H N N 155 
HIS HE2  H N N 156 
HIS HXT  H N N 157 
HOH O    O N N 158 
HOH H1   H N N 159 
HOH H2   H N N 160 
ILE N    N N N 161 
ILE CA   C N S 162 
ILE C    C N N 163 
ILE O    O N N 164 
ILE CB   C N S 165 
ILE CG1  C N N 166 
ILE CG2  C N N 167 
ILE CD1  C N N 168 
ILE OXT  O N N 169 
ILE H    H N N 170 
ILE H2   H N N 171 
ILE HA   H N N 172 
ILE HB   H N N 173 
ILE HG12 H N N 174 
ILE HG13 H N N 175 
ILE HG21 H N N 176 
ILE HG22 H N N 177 
ILE HG23 H N N 178 
ILE HD11 H N N 179 
ILE HD12 H N N 180 
ILE HD13 H N N 181 
ILE HXT  H N N 182 
LEU N    N N N 183 
LEU CA   C N S 184 
LEU C    C N N 185 
LEU O    O N N 186 
LEU CB   C N N 187 
LEU CG   C N N 188 
LEU CD1  C N N 189 
LEU CD2  C N N 190 
LEU OXT  O N N 191 
LEU H    H N N 192 
LEU H2   H N N 193 
LEU HA   H N N 194 
LEU HB2  H N N 195 
LEU HB3  H N N 196 
LEU HG   H N N 197 
LEU HD11 H N N 198 
LEU HD12 H N N 199 
LEU HD13 H N N 200 
LEU HD21 H N N 201 
LEU HD22 H N N 202 
LEU HD23 H N N 203 
LEU HXT  H N N 204 
LYS N    N N N 205 
LYS CA   C N S 206 
LYS C    C N N 207 
LYS O    O N N 208 
LYS CB   C N N 209 
LYS CG   C N N 210 
LYS CD   C N N 211 
LYS CE   C N N 212 
LYS NZ   N N N 213 
LYS OXT  O N N 214 
LYS H    H N N 215 
LYS H2   H N N 216 
LYS HA   H N N 217 
LYS HB2  H N N 218 
LYS HB3  H N N 219 
LYS HG2  H N N 220 
LYS HG3  H N N 221 
LYS HD2  H N N 222 
LYS HD3  H N N 223 
LYS HE2  H N N 224 
LYS HE3  H N N 225 
LYS HZ1  H N N 226 
LYS HZ2  H N N 227 
LYS HZ3  H N N 228 
LYS HXT  H N N 229 
MET N    N N N 230 
MET CA   C N S 231 
MET C    C N N 232 
MET O    O N N 233 
MET CB   C N N 234 
MET CG   C N N 235 
MET SD   S N N 236 
MET CE   C N N 237 
MET OXT  O N N 238 
MET H    H N N 239 
MET H2   H N N 240 
MET HA   H N N 241 
MET HB2  H N N 242 
MET HB3  H N N 243 
MET HG2  H N N 244 
MET HG3  H N N 245 
MET HE1  H N N 246 
MET HE2  H N N 247 
MET HE3  H N N 248 
MET HXT  H N N 249 
PHE N    N N N 250 
PHE CA   C N S 251 
PHE C    C N N 252 
PHE O    O N N 253 
PHE CB   C N N 254 
PHE CG   C Y N 255 
PHE CD1  C Y N 256 
PHE CD2  C Y N 257 
PHE CE1  C Y N 258 
PHE CE2  C Y N 259 
PHE CZ   C Y N 260 
PHE OXT  O N N 261 
PHE H    H N N 262 
PHE H2   H N N 263 
PHE HA   H N N 264 
PHE HB2  H N N 265 
PHE HB3  H N N 266 
PHE HD1  H N N 267 
PHE HD2  H N N 268 
PHE HE1  H N N 269 
PHE HE2  H N N 270 
PHE HZ   H N N 271 
PHE HXT  H N N 272 
PRO N    N N N 273 
PRO CA   C N S 274 
PRO C    C N N 275 
PRO O    O N N 276 
PRO CB   C N N 277 
PRO CG   C N N 278 
PRO CD   C N N 279 
PRO OXT  O N N 280 
PRO H    H N N 281 
PRO HA   H N N 282 
PRO HB2  H N N 283 
PRO HB3  H N N 284 
PRO HG2  H N N 285 
PRO HG3  H N N 286 
PRO HD2  H N N 287 
PRO HD3  H N N 288 
PRO HXT  H N N 289 
SER N    N N N 290 
SER CA   C N S 291 
SER C    C N N 292 
SER O    O N N 293 
SER CB   C N N 294 
SER OG   O N N 295 
SER OXT  O N N 296 
SER H    H N N 297 
SER H2   H N N 298 
SER HA   H N N 299 
SER HB2  H N N 300 
SER HB3  H N N 301 
SER HG   H N N 302 
SER HXT  H N N 303 
THR N    N N N 304 
THR CA   C N S 305 
THR C    C N N 306 
THR O    O N N 307 
THR CB   C N R 308 
THR OG1  O N N 309 
THR CG2  C N N 310 
THR OXT  O N N 311 
THR H    H N N 312 
THR H2   H N N 313 
THR HA   H N N 314 
THR HB   H N N 315 
THR HG1  H N N 316 
THR HG21 H N N 317 
THR HG22 H N N 318 
THR HG23 H N N 319 
THR HXT  H N N 320 
TRP N    N N N 321 
TRP CA   C N S 322 
TRP C    C N N 323 
TRP O    O N N 324 
TRP CB   C N N 325 
TRP CG   C Y N 326 
TRP CD1  C Y N 327 
TRP CD2  C Y N 328 
TRP NE1  N Y N 329 
TRP CE2  C Y N 330 
TRP CE3  C Y N 331 
TRP CZ2  C Y N 332 
TRP CZ3  C Y N 333 
TRP CH2  C Y N 334 
TRP OXT  O N N 335 
TRP H    H N N 336 
TRP H2   H N N 337 
TRP HA   H N N 338 
TRP HB2  H N N 339 
TRP HB3  H N N 340 
TRP HD1  H N N 341 
TRP HE1  H N N 342 
TRP HE3  H N N 343 
TRP HZ2  H N N 344 
TRP HZ3  H N N 345 
TRP HH2  H N N 346 
TRP HXT  H N N 347 
TYR N    N N N 348 
TYR CA   C N S 349 
TYR C    C N N 350 
TYR O    O N N 351 
TYR CB   C N N 352 
TYR CG   C Y N 353 
TYR CD1  C Y N 354 
TYR CD2  C Y N 355 
TYR CE1  C Y N 356 
TYR CE2  C Y N 357 
TYR CZ   C Y N 358 
TYR OH   O N N 359 
TYR OXT  O N N 360 
TYR H    H N N 361 
TYR H2   H N N 362 
TYR HA   H N N 363 
TYR HB2  H N N 364 
TYR HB3  H N N 365 
TYR HD1  H N N 366 
TYR HD2  H N N 367 
TYR HE1  H N N 368 
TYR HE2  H N N 369 
TYR HH   H N N 370 
TYR HXT  H N N 371 
VAL N    N N N 372 
VAL CA   C N S 373 
VAL C    C N N 374 
VAL O    O N N 375 
VAL CB   C N N 376 
VAL CG1  C N N 377 
VAL CG2  C N N 378 
VAL OXT  O N N 379 
VAL H    H N N 380 
VAL H2   H N N 381 
VAL HA   H N N 382 
VAL HB   H N N 383 
VAL HG11 H N N 384 
VAL HG12 H N N 385 
VAL HG13 H N N 386 
VAL HG21 H N N 387 
VAL HG22 H N N 388 
VAL HG23 H N N 389 
VAL HXT  H N N 390 
# 
loop_
_chem_comp_bond.comp_id 
_chem_comp_bond.atom_id_1 
_chem_comp_bond.atom_id_2 
_chem_comp_bond.value_order 
_chem_comp_bond.pdbx_aromatic_flag 
_chem_comp_bond.pdbx_stereo_config 
_chem_comp_bond.pdbx_ordinal 
ALA N   CA   sing N N 1   
ALA N   H    sing N N 2   
ALA N   H2   sing N N 3   
ALA CA  C    sing N N 4   
ALA CA  CB   sing N N 5   
ALA CA  HA   sing N N 6   
ALA C   O    doub N N 7   
ALA C   OXT  sing N N 8   
ALA CB  HB1  sing N N 9   
ALA CB  HB2  sing N N 10  
ALA CB  HB3  sing N N 11  
ALA OXT HXT  sing N N 12  
ARG N   CA   sing N N 13  
ARG N   H    sing N N 14  
ARG N   H2   sing N N 15  
ARG CA  C    sing N N 16  
ARG CA  CB   sing N N 17  
ARG CA  HA   sing N N 18  
ARG C   O    doub N N 19  
ARG C   OXT  sing N N 20  
ARG CB  CG   sing N N 21  
ARG CB  HB2  sing N N 22  
ARG CB  HB3  sing N N 23  
ARG CG  CD   sing N N 24  
ARG CG  HG2  sing N N 25  
ARG CG  HG3  sing N N 26  
ARG CD  NE   sing N N 27  
ARG CD  HD2  sing N N 28  
ARG CD  HD3  sing N N 29  
ARG NE  CZ   sing N N 30  
ARG NE  HE   sing N N 31  
ARG CZ  NH1  sing N N 32  
ARG CZ  NH2  doub N N 33  
ARG NH1 HH11 sing N N 34  
ARG NH1 HH12 sing N N 35  
ARG NH2 HH21 sing N N 36  
ARG NH2 HH22 sing N N 37  
ARG OXT HXT  sing N N 38  
ASN N   CA   sing N N 39  
ASN N   H    sing N N 40  
ASN N   H2   sing N N 41  
ASN CA  C    sing N N 42  
ASN CA  CB   sing N N 43  
ASN CA  HA   sing N N 44  
ASN C   O    doub N N 45  
ASN C   OXT  sing N N 46  
ASN CB  CG   sing N N 47  
ASN CB  HB2  sing N N 48  
ASN CB  HB3  sing N N 49  
ASN CG  OD1  doub N N 50  
ASN CG  ND2  sing N N 51  
ASN ND2 HD21 sing N N 52  
ASN ND2 HD22 sing N N 53  
ASN OXT HXT  sing N N 54  
ASP N   CA   sing N N 55  
ASP N   H    sing N N 56  
ASP N   H2   sing N N 57  
ASP CA  C    sing N N 58  
ASP CA  CB   sing N N 59  
ASP CA  HA   sing N N 60  
ASP C   O    doub N N 61  
ASP C   OXT  sing N N 62  
ASP CB  CG   sing N N 63  
ASP CB  HB2  sing N N 64  
ASP CB  HB3  sing N N 65  
ASP CG  OD1  doub N N 66  
ASP CG  OD2  sing N N 67  
ASP OD2 HD2  sing N N 68  
ASP OXT HXT  sing N N 69  
CYS N   CA   sing N N 70  
CYS N   H    sing N N 71  
CYS N   H2   sing N N 72  
CYS CA  C    sing N N 73  
CYS CA  CB   sing N N 74  
CYS CA  HA   sing N N 75  
CYS C   O    doub N N 76  
CYS C   OXT  sing N N 77  
CYS CB  SG   sing N N 78  
CYS CB  HB2  sing N N 79  
CYS CB  HB3  sing N N 80  
CYS SG  HG   sing N N 81  
CYS OXT HXT  sing N N 82  
GLN N   CA   sing N N 83  
GLN N   H    sing N N 84  
GLN N   H2   sing N N 85  
GLN CA  C    sing N N 86  
GLN CA  CB   sing N N 87  
GLN CA  HA   sing N N 88  
GLN C   O    doub N N 89  
GLN C   OXT  sing N N 90  
GLN CB  CG   sing N N 91  
GLN CB  HB2  sing N N 92  
GLN CB  HB3  sing N N 93  
GLN CG  CD   sing N N 94  
GLN CG  HG2  sing N N 95  
GLN CG  HG3  sing N N 96  
GLN CD  OE1  doub N N 97  
GLN CD  NE2  sing N N 98  
GLN NE2 HE21 sing N N 99  
GLN NE2 HE22 sing N N 100 
GLN OXT HXT  sing N N 101 
GLU N   CA   sing N N 102 
GLU N   H    sing N N 103 
GLU N   H2   sing N N 104 
GLU CA  C    sing N N 105 
GLU CA  CB   sing N N 106 
GLU CA  HA   sing N N 107 
GLU C   O    doub N N 108 
GLU C   OXT  sing N N 109 
GLU CB  CG   sing N N 110 
GLU CB  HB2  sing N N 111 
GLU CB  HB3  sing N N 112 
GLU CG  CD   sing N N 113 
GLU CG  HG2  sing N N 114 
GLU CG  HG3  sing N N 115 
GLU CD  OE1  doub N N 116 
GLU CD  OE2  sing N N 117 
GLU OE2 HE2  sing N N 118 
GLU OXT HXT  sing N N 119 
GLY N   CA   sing N N 120 
GLY N   H    sing N N 121 
GLY N   H2   sing N N 122 
GLY CA  C    sing N N 123 
GLY CA  HA2  sing N N 124 
GLY CA  HA3  sing N N 125 
GLY C   O    doub N N 126 
GLY C   OXT  sing N N 127 
GLY OXT HXT  sing N N 128 
HIS N   CA   sing N N 129 
HIS N   H    sing N N 130 
HIS N   H2   sing N N 131 
HIS CA  C    sing N N 132 
HIS CA  CB   sing N N 133 
HIS CA  HA   sing N N 134 
HIS C   O    doub N N 135 
HIS C   OXT  sing N N 136 
HIS CB  CG   sing N N 137 
HIS CB  HB2  sing N N 138 
HIS CB  HB3  sing N N 139 
HIS CG  ND1  sing Y N 140 
HIS CG  CD2  doub Y N 141 
HIS ND1 CE1  doub Y N 142 
HIS ND1 HD1  sing N N 143 
HIS CD2 NE2  sing Y N 144 
HIS CD2 HD2  sing N N 145 
HIS CE1 NE2  sing Y N 146 
HIS CE1 HE1  sing N N 147 
HIS NE2 HE2  sing N N 148 
HIS OXT HXT  sing N N 149 
HOH O   H1   sing N N 150 
HOH O   H2   sing N N 151 
ILE N   CA   sing N N 152 
ILE N   H    sing N N 153 
ILE N   H2   sing N N 154 
ILE CA  C    sing N N 155 
ILE CA  CB   sing N N 156 
ILE CA  HA   sing N N 157 
ILE C   O    doub N N 158 
ILE C   OXT  sing N N 159 
ILE CB  CG1  sing N N 160 
ILE CB  CG2  sing N N 161 
ILE CB  HB   sing N N 162 
ILE CG1 CD1  sing N N 163 
ILE CG1 HG12 sing N N 164 
ILE CG1 HG13 sing N N 165 
ILE CG2 HG21 sing N N 166 
ILE CG2 HG22 sing N N 167 
ILE CG2 HG23 sing N N 168 
ILE CD1 HD11 sing N N 169 
ILE CD1 HD12 sing N N 170 
ILE CD1 HD13 sing N N 171 
ILE OXT HXT  sing N N 172 
LEU N   CA   sing N N 173 
LEU N   H    sing N N 174 
LEU N   H2   sing N N 175 
LEU CA  C    sing N N 176 
LEU CA  CB   sing N N 177 
LEU CA  HA   sing N N 178 
LEU C   O    doub N N 179 
LEU C   OXT  sing N N 180 
LEU CB  CG   sing N N 181 
LEU CB  HB2  sing N N 182 
LEU CB  HB3  sing N N 183 
LEU CG  CD1  sing N N 184 
LEU CG  CD2  sing N N 185 
LEU CG  HG   sing N N 186 
LEU CD1 HD11 sing N N 187 
LEU CD1 HD12 sing N N 188 
LEU CD1 HD13 sing N N 189 
LEU CD2 HD21 sing N N 190 
LEU CD2 HD22 sing N N 191 
LEU CD2 HD23 sing N N 192 
LEU OXT HXT  sing N N 193 
LYS N   CA   sing N N 194 
LYS N   H    sing N N 195 
LYS N   H2   sing N N 196 
LYS CA  C    sing N N 197 
LYS CA  CB   sing N N 198 
LYS CA  HA   sing N N 199 
LYS C   O    doub N N 200 
LYS C   OXT  sing N N 201 
LYS CB  CG   sing N N 202 
LYS CB  HB2  sing N N 203 
LYS CB  HB3  sing N N 204 
LYS CG  CD   sing N N 205 
LYS CG  HG2  sing N N 206 
LYS CG  HG3  sing N N 207 
LYS CD  CE   sing N N 208 
LYS CD  HD2  sing N N 209 
LYS CD  HD3  sing N N 210 
LYS CE  NZ   sing N N 211 
LYS CE  HE2  sing N N 212 
LYS CE  HE3  sing N N 213 
LYS NZ  HZ1  sing N N 214 
LYS NZ  HZ2  sing N N 215 
LYS NZ  HZ3  sing N N 216 
LYS OXT HXT  sing N N 217 
MET N   CA   sing N N 218 
MET N   H    sing N N 219 
MET N   H2   sing N N 220 
MET CA  C    sing N N 221 
MET CA  CB   sing N N 222 
MET CA  HA   sing N N 223 
MET C   O    doub N N 224 
MET C   OXT  sing N N 225 
MET CB  CG   sing N N 226 
MET CB  HB2  sing N N 227 
MET CB  HB3  sing N N 228 
MET CG  SD   sing N N 229 
MET CG  HG2  sing N N 230 
MET CG  HG3  sing N N 231 
MET SD  CE   sing N N 232 
MET CE  HE1  sing N N 233 
MET CE  HE2  sing N N 234 
MET CE  HE3  sing N N 235 
MET OXT HXT  sing N N 236 
PHE N   CA   sing N N 237 
PHE N   H    sing N N 238 
PHE N   H2   sing N N 239 
PHE CA  C    sing N N 240 
PHE CA  CB   sing N N 241 
PHE CA  HA   sing N N 242 
PHE C   O    doub N N 243 
PHE C   OXT  sing N N 244 
PHE CB  CG   sing N N 245 
PHE CB  HB2  sing N N 246 
PHE CB  HB3  sing N N 247 
PHE CG  CD1  doub Y N 248 
PHE CG  CD2  sing Y N 249 
PHE CD1 CE1  sing Y N 250 
PHE CD1 HD1  sing N N 251 
PHE CD2 CE2  doub Y N 252 
PHE CD2 HD2  sing N N 253 
PHE CE1 CZ   doub Y N 254 
PHE CE1 HE1  sing N N 255 
PHE CE2 CZ   sing Y N 256 
PHE CE2 HE2  sing N N 257 
PHE CZ  HZ   sing N N 258 
PHE OXT HXT  sing N N 259 
PRO N   CA   sing N N 260 
PRO N   CD   sing N N 261 
PRO N   H    sing N N 262 
PRO CA  C    sing N N 263 
PRO CA  CB   sing N N 264 
PRO CA  HA   sing N N 265 
PRO C   O    doub N N 266 
PRO C   OXT  sing N N 267 
PRO CB  CG   sing N N 268 
PRO CB  HB2  sing N N 269 
PRO CB  HB3  sing N N 270 
PRO CG  CD   sing N N 271 
PRO CG  HG2  sing N N 272 
PRO CG  HG3  sing N N 273 
PRO CD  HD2  sing N N 274 
PRO CD  HD3  sing N N 275 
PRO OXT HXT  sing N N 276 
SER N   CA   sing N N 277 
SER N   H    sing N N 278 
SER N   H2   sing N N 279 
SER CA  C    sing N N 280 
SER CA  CB   sing N N 281 
SER CA  HA   sing N N 282 
SER C   O    doub N N 283 
SER C   OXT  sing N N 284 
SER CB  OG   sing N N 285 
SER CB  HB2  sing N N 286 
SER CB  HB3  sing N N 287 
SER OG  HG   sing N N 288 
SER OXT HXT  sing N N 289 
THR N   CA   sing N N 290 
THR N   H    sing N N 291 
THR N   H2   sing N N 292 
THR CA  C    sing N N 293 
THR CA  CB   sing N N 294 
THR CA  HA   sing N N 295 
THR C   O    doub N N 296 
THR C   OXT  sing N N 297 
THR CB  OG1  sing N N 298 
THR CB  CG2  sing N N 299 
THR CB  HB   sing N N 300 
THR OG1 HG1  sing N N 301 
THR CG2 HG21 sing N N 302 
THR CG2 HG22 sing N N 303 
THR CG2 HG23 sing N N 304 
THR OXT HXT  sing N N 305 
TRP N   CA   sing N N 306 
TRP N   H    sing N N 307 
TRP N   H2   sing N N 308 
TRP CA  C    sing N N 309 
TRP CA  CB   sing N N 310 
TRP CA  HA   sing N N 311 
TRP C   O    doub N N 312 
TRP C   OXT  sing N N 313 
TRP CB  CG   sing N N 314 
TRP CB  HB2  sing N N 315 
TRP CB  HB3  sing N N 316 
TRP CG  CD1  doub Y N 317 
TRP CG  CD2  sing Y N 318 
TRP CD1 NE1  sing Y N 319 
TRP CD1 HD1  sing N N 320 
TRP CD2 CE2  doub Y N 321 
TRP CD2 CE3  sing Y N 322 
TRP NE1 CE2  sing Y N 323 
TRP NE1 HE1  sing N N 324 
TRP CE2 CZ2  sing Y N 325 
TRP CE3 CZ3  doub Y N 326 
TRP CE3 HE3  sing N N 327 
TRP CZ2 CH2  doub Y N 328 
TRP CZ2 HZ2  sing N N 329 
TRP CZ3 CH2  sing Y N 330 
TRP CZ3 HZ3  sing N N 331 
TRP CH2 HH2  sing N N 332 
TRP OXT HXT  sing N N 333 
TYR N   CA   sing N N 334 
TYR N   H    sing N N 335 
TYR N   H2   sing N N 336 
TYR CA  C    sing N N 337 
TYR CA  CB   sing N N 338 
TYR CA  HA   sing N N 339 
TYR C   O    doub N N 340 
TYR C   OXT  sing N N 341 
TYR CB  CG   sing N N 342 
TYR CB  HB2  sing N N 343 
TYR CB  HB3  sing N N 344 
TYR CG  CD1  doub Y N 345 
TYR CG  CD2  sing Y N 346 
TYR CD1 CE1  sing Y N 347 
TYR CD1 HD1  sing N N 348 
TYR CD2 CE2  doub Y N 349 
TYR CD2 HD2  sing N N 350 
TYR CE1 CZ   doub Y N 351 
TYR CE1 HE1  sing N N 352 
TYR CE2 CZ   sing Y N 353 
TYR CE2 HE2  sing N N 354 
TYR CZ  OH   sing N N 355 
TYR OH  HH   sing N N 356 
TYR OXT HXT  sing N N 357 
VAL N   CA   sing N N 358 
VAL N   H    sing N N 359 
VAL N   H2   sing N N 360 
VAL CA  C    sing N N 361 
VAL CA  CB   sing N N 362 
VAL CA  HA   sing N N 363 
VAL C   O    doub N N 364 
VAL C   OXT  sing N N 365 
VAL CB  CG1  sing N N 366 
VAL CB  CG2  sing N N 367 
VAL CB  HB   sing N N 368 
VAL CG1 HG11 sing N N 369 
VAL CG1 HG12 sing N N 370 
VAL CG1 HG13 sing N N 371 
VAL CG2 HG21 sing N N 372 
VAL CG2 HG22 sing N N 373 
VAL CG2 HG23 sing N N 374 
VAL OXT HXT  sing N N 375 
# 
_atom_sites.entry_id                    1GBS 
_atom_sites.fract_transf_matrix[1][1]   0.00745031 
_atom_sites.fract_transf_matrix[1][2]   0.00138553 
_atom_sites.fract_transf_matrix[1][3]   -0.00782501 
_atom_sites.fract_transf_matrix[2][1]   -0.00779975 
_atom_sites.fract_transf_matrix[2][2]   0.01203938 
_atom_sites.fract_transf_matrix[2][3]   -0.00529452 
_atom_sites.fract_transf_matrix[3][1]   0.01344200 
_atom_sites.fract_transf_matrix[3][2]   0.01554736 
_atom_sites.fract_transf_matrix[3][3]   0.01555121 
_atom_sites.fract_transf_vector[1]      0.373644 
_atom_sites.fract_transf_vector[2]      0.253787 
_atom_sites.fract_transf_vector[3]      0.414334 
# 
loop_
_atom_type.symbol 
C 
N 
O 
S 
# 
loop_
_atom_site.group_PDB 
_atom_site.id 
_atom_site.type_symbol 
_atom_site.label_atom_id 
_atom_site.label_alt_id 
_atom_site.label_comp_id 
_atom_site.label_asym_id 
_atom_site.label_entity_id 
_atom_site.label_seq_id 
_atom_site.pdbx_PDB_ins_code 
_atom_site.Cartn_x 
_atom_site.Cartn_y 
_atom_site.Cartn_z 
_atom_site.occupancy 
_atom_site.B_iso_or_equiv 
_atom_site.pdbx_formal_charge 
_atom_site.auth_seq_id 
_atom_site.auth_comp_id 
_atom_site.auth_asym_id 
_atom_site.auth_atom_id 
_atom_site.pdbx_PDB_model_num 
ATOM   1    N N   . ARG A 1 1   ? 14.371  2.218   -12.907 1.00 37.88 ? 1   ARG A N   1 
ATOM   2    C CA  . ARG A 1 1   ? 14.312  0.770   -12.606 1.00 35.51 ? 1   ARG A CA  1 
ATOM   3    C C   . ARG A 1 1   ? 13.349  0.696   -11.425 1.00 31.93 ? 1   ARG A C   1 
ATOM   4    O O   . ARG A 1 1   ? 13.372  1.579   -10.577 1.00 29.39 ? 1   ARG A O   1 
ATOM   5    C CB  . ARG A 1 1   ? 15.701  0.297   -12.187 1.00 40.81 ? 1   ARG A CB  1 
ATOM   6    C CG  . ARG A 1 1   ? 15.789  -1.177  -11.954 1.00 45.50 ? 1   ARG A CG  1 
ATOM   7    C CD  . ARG A 1 1   ? 16.804  -1.788  -12.874 1.00 49.67 ? 1   ARG A CD  1 
ATOM   8    N NE  . ARG A 1 1   ? 16.400  -3.132  -13.261 1.00 55.36 ? 1   ARG A NE  1 
ATOM   9    C CZ  . ARG A 1 1   ? 17.220  -4.026  -13.805 1.00 59.72 ? 1   ARG A CZ  1 
ATOM   10   N NH1 . ARG A 1 1   ? 18.495  -3.718  -14.020 1.00 61.07 ? 1   ARG A NH1 1 
ATOM   11   N NH2 . ARG A 1 1   ? 16.761  -5.222  -14.156 1.00 61.11 ? 1   ARG A NH2 1 
ATOM   12   N N   . THR A 1 2   ? 12.507  -0.329  -11.367 1.00 27.95 ? 2   THR A N   1 
ATOM   13   C CA  . THR A 1 2   ? 11.540  -0.438  -10.275 1.00 27.61 ? 2   THR A CA  1 
ATOM   14   C C   . THR A 1 2   ? 11.389  -1.831  -9.667  1.00 28.21 ? 2   THR A C   1 
ATOM   15   O O   . THR A 1 2   ? 10.504  -2.063  -8.841  1.00 28.79 ? 2   THR A O   1 
ATOM   16   C CB  . THR A 1 2   ? 10.145  0.025   -10.742 1.00 28.54 ? 2   THR A CB  1 
ATOM   17   O OG1 . THR A 1 2   ? 9.833   -0.620  -11.982 1.00 31.85 ? 2   THR A OG1 1 
ATOM   18   C CG2 . THR A 1 2   ? 10.114  1.523   -10.954 1.00 29.13 ? 2   THR A CG2 1 
ATOM   19   N N   . ASP A 1 3   ? 12.277  -2.748  -10.025 1.00 29.57 ? 3   ASP A N   1 
ATOM   20   C CA  . ASP A 1 3   ? 12.201  -4.132  -9.533  1.00 31.18 ? 3   ASP A CA  1 
ATOM   21   C C   . ASP A 1 3   ? 13.170  -4.533  -8.409  1.00 30.64 ? 3   ASP A C   1 
ATOM   22   O O   . ASP A 1 3   ? 13.383  -5.726  -8.161  1.00 31.98 ? 3   ASP A O   1 
ATOM   23   C CB  . ASP A 1 3   ? 12.358  -5.108  -10.715 1.00 31.89 ? 3   ASP A CB  1 
ATOM   24   C CG  . ASP A 1 3   ? 13.611  -4.834  -11.565 1.00 32.43 ? 3   ASP A CG  1 
ATOM   25   O OD1 . ASP A 1 3   ? 14.302  -3.813  -11.370 1.00 32.47 ? 3   ASP A OD1 1 
ATOM   26   O OD2 . ASP A 1 3   ? 13.897  -5.646  -12.470 1.00 36.46 ? 3   ASP A OD2 1 
ATOM   27   N N   . CYS A 1 4   ? 13.710  -3.555  -7.694  1.00 25.79 ? 4   CYS A N   1 
ATOM   28   C CA  . CYS A 1 4   ? 14.659  -3.850  -6.635  1.00 25.04 ? 4   CYS A CA  1 
ATOM   29   C C   . CYS A 1 4   ? 14.137  -4.698  -5.491  1.00 26.82 ? 4   CYS A C   1 
ATOM   30   O O   . CYS A 1 4   ? 14.875  -5.506  -4.955  1.00 28.02 ? 4   CYS A O   1 
ATOM   31   C CB  . CYS A 1 4   ? 15.238  -2.556  -6.059  1.00 24.69 ? 4   CYS A CB  1 
ATOM   32   S SG  . CYS A 1 4   ? 16.267  -1.612  -7.221  1.00 25.67 ? 4   CYS A SG  1 
ATOM   33   N N   . TYR A 1 5   ? 12.878  -4.509  -5.105  1.00 28.17 ? 5   TYR A N   1 
ATOM   34   C CA  . TYR A 1 5   ? 12.294  -5.233  -3.971  1.00 28.74 ? 5   TYR A CA  1 
ATOM   35   C C   . TYR A 1 5   ? 11.325  -6.339  -4.348  1.00 29.51 ? 5   TYR A C   1 
ATOM   36   O O   . TYR A 1 5   ? 10.637  -6.874  -3.480  1.00 33.61 ? 5   TYR A O   1 
ATOM   37   C CB  . TYR A 1 5   ? 11.576  -4.242  -3.036  1.00 29.06 ? 5   TYR A CB  1 
ATOM   38   C CG  . TYR A 1 5   ? 12.482  -3.154  -2.506  1.00 30.61 ? 5   TYR A CG  1 
ATOM   39   C CD1 . TYR A 1 5   ? 13.270  -3.364  -1.370  1.00 31.54 ? 5   TYR A CD1 1 
ATOM   40   C CD2 . TYR A 1 5   ? 12.603  -1.931  -3.170  1.00 30.99 ? 5   TYR A CD2 1 
ATOM   41   C CE1 . TYR A 1 5   ? 14.164  -2.387  -0.910  1.00 31.11 ? 5   TYR A CE1 1 
ATOM   42   C CE2 . TYR A 1 5   ? 13.503  -0.939  -2.715  1.00 31.77 ? 5   TYR A CE2 1 
ATOM   43   C CZ  . TYR A 1 5   ? 14.277  -1.185  -1.587  1.00 31.67 ? 5   TYR A CZ  1 
ATOM   44   O OH  . TYR A 1 5   ? 15.190  -0.255  -1.158  1.00 33.97 ? 5   TYR A OH  1 
ATOM   45   N N   . GLY A 1 6   ? 11.247  -6.655  -5.636  1.00 29.74 ? 6   GLY A N   1 
ATOM   46   C CA  . GLY A 1 6   ? 10.337  -7.682  -6.106  1.00 29.27 ? 6   GLY A CA  1 
ATOM   47   C C   . GLY A 1 6   ? 9.327   -7.156  -7.111  1.00 28.25 ? 6   GLY A C   1 
ATOM   48   O O   . GLY A 1 6   ? 9.393   -5.997  -7.524  1.00 27.80 ? 6   GLY A O   1 
ATOM   49   N N   . ASN A 1 7   ? 8.411   -8.029  -7.527  1.00 29.00 ? 7   ASN A N   1 
ATOM   50   C CA  . ASN A 1 7   ? 7.344   -7.703  -8.485  1.00 29.34 ? 7   ASN A CA  1 
ATOM   51   C C   . ASN A 1 7   ? 6.038   -8.210  -7.900  1.00 25.13 ? 7   ASN A C   1 
ATOM   52   O O   . ASN A 1 7   ? 5.886   -9.391  -7.581  1.00 24.58 ? 7   ASN A O   1 
ATOM   53   C CB  . ASN A 1 7   ? 7.598   -8.334  -9.874  1.00 36.90 ? 7   ASN A CB  1 
ATOM   54   C CG  . ASN A 1 7   ? 6.310   -8.444  -10.744 1.00 42.97 ? 7   ASN A CG  1 
ATOM   55   O OD1 . ASN A 1 7   ? 5.411   -7.587  -10.702 1.00 42.61 ? 7   ASN A OD1 1 
ATOM   56   N ND2 . ASN A 1 7   ? 6.225   -9.525  -11.523 1.00 48.38 ? 7   ASN A ND2 1 
ATOM   57   N N   . VAL A 1 8   ? 5.069   -7.312  -7.864  1.00 22.88 ? 8   VAL A N   1 
ATOM   58   C CA  . VAL A 1 8   ? 3.767   -7.559  -7.283  1.00 22.12 ? 8   VAL A CA  1 
ATOM   59   C C   . VAL A 1 8   ? 2.948   -8.625  -8.018  1.00 23.11 ? 8   VAL A C   1 
ATOM   60   O O   . VAL A 1 8   ? 2.145   -9.330  -7.416  1.00 22.57 ? 8   VAL A O   1 
ATOM   61   C CB  . VAL A 1 8   ? 3.050   -6.195  -7.123  1.00 20.75 ? 8   VAL A CB  1 
ATOM   62   C CG1 . VAL A 1 8   ? 2.290   -5.803  -8.391  1.00 21.68 ? 8   VAL A CG1 1 
ATOM   63   C CG2 . VAL A 1 8   ? 2.216   -6.188  -5.887  1.00 21.13 ? 8   VAL A CG2 1 
ATOM   64   N N   . ASN A 1 9   ? 3.220   -8.787  -9.307  1.00 24.97 ? 9   ASN A N   1 
ATOM   65   C CA  . ASN A 1 9   ? 2.541   -9.783  -10.134 1.00 26.33 ? 9   ASN A CA  1 
ATOM   66   C C   . ASN A 1 9   ? 2.930   -11.212 -9.757  1.00 25.97 ? 9   ASN A C   1 
ATOM   67   O O   . ASN A 1 9   ? 2.312   -12.164 -10.196 1.00 25.27 ? 9   ASN A O   1 
ATOM   68   C CB  . ASN A 1 9   ? 2.863   -9.561  -11.615 1.00 26.78 ? 9   ASN A CB  1 
ATOM   69   C CG  . ASN A 1 9   ? 1.970   -8.505  -12.263 1.00 28.47 ? 9   ASN A CG  1 
ATOM   70   O OD1 . ASN A 1 9   ? 0.881   -8.189  -11.763 1.00 28.98 ? 9   ASN A OD1 1 
ATOM   71   N ND2 . ASN A 1 9   ? 2.418   -7.971  -13.394 1.00 29.02 ? 9   ASN A ND2 1 
ATOM   72   N N   . ARG A 1 10  ? 3.963   -11.363 -8.944  1.00 27.14 ? 10  ARG A N   1 
ATOM   73   C CA  . ARG A 1 10  ? 4.402   -12.688 -8.549  1.00 27.22 ? 10  ARG A CA  1 
ATOM   74   C C   . ARG A 1 10  ? 3.988   -13.008 -7.140  1.00 27.26 ? 10  ARG A C   1 
ATOM   75   O O   . ARG A 1 10  ? 4.327   -14.064 -6.604  1.00 30.12 ? 10  ARG A O   1 
ATOM   76   C CB  . ARG A 1 10  ? 5.915   -12.807 -8.705  1.00 30.96 ? 10  ARG A CB  1 
ATOM   77   C CG  . ARG A 1 10  ? 6.345   -12.672 -10.159 1.00 36.66 ? 10  ARG A CG  1 
ATOM   78   C CD  . ARG A 1 10  ? 7.734   -13.194 -10.365 1.00 41.58 ? 10  ARG A CD  1 
ATOM   79   N NE  . ARG A 1 10  ? 8.696   -12.430 -9.586  1.00 46.05 ? 10  ARG A NE  1 
ATOM   80   C CZ  . ARG A 1 10  ? 9.562   -11.573 -10.116 1.00 49.38 ? 10  ARG A CZ  1 
ATOM   81   N NH1 . ARG A 1 10  ? 9.582   -11.379 -11.435 1.00 48.86 ? 10  ARG A NH1 1 
ATOM   82   N NH2 . ARG A 1 10  ? 10.395  -10.898 -9.324  1.00 49.92 ? 10  ARG A NH2 1 
ATOM   83   N N   . ILE A 1 11  ? 3.242   -12.105 -6.526  1.00 23.72 ? 11  ILE A N   1 
ATOM   84   C CA  . ILE A 1 11  ? 2.814   -12.349 -5.167  1.00 22.13 ? 11  ILE A CA  1 
ATOM   85   C C   . ILE A 1 11  ? 1.428   -12.985 -5.127  1.00 22.09 ? 11  ILE A C   1 
ATOM   86   O O   . ILE A 1 11  ? 0.492   -12.540 -5.800  1.00 22.96 ? 11  ILE A O   1 
ATOM   87   C CB  . ILE A 1 11  ? 2.834   -11.047 -4.336  1.00 18.77 ? 11  ILE A CB  1 
ATOM   88   C CG1 . ILE A 1 11  ? 4.203   -10.380 -4.458  1.00 21.04 ? 11  ILE A CG1 1 
ATOM   89   C CG2 . ILE A 1 11  ? 2.525   -11.347 -2.876  1.00 14.49 ? 11  ILE A CG2 1 
ATOM   90   C CD1 . ILE A 1 11  ? 4.287   -9.005  -3.788  1.00 20.49 ? 11  ILE A CD1 1 
ATOM   91   N N   . ASP A 1 12  ? 1.316   -14.045 -4.345  1.00 21.18 ? 12  ASP A N   1 
ATOM   92   C CA  . ASP A 1 12  ? 0.057   -14.746 -4.160  1.00 24.43 ? 12  ASP A CA  1 
ATOM   93   C C   . ASP A 1 12  ? -0.804  -13.860 -3.242  1.00 24.53 ? 12  ASP A C   1 
ATOM   94   O O   . ASP A 1 12  ? -0.306  -13.325 -2.244  1.00 24.72 ? 12  ASP A O   1 
ATOM   95   C CB  . ASP A 1 12  ? 0.335   -16.096 -3.487  1.00 31.44 ? 12  ASP A CB  1 
ATOM   96   C CG  . ASP A 1 12  ? 1.187   -15.953 -2.212  1.00 40.19 ? 12  ASP A CG  1 
ATOM   97   O OD1 . ASP A 1 12  ? 2.422   -15.699 -2.339  1.00 42.07 ? 12  ASP A OD1 1 
ATOM   98   O OD2 . ASP A 1 12  ? 0.617   -16.059 -1.087  1.00 43.78 ? 12  ASP A OD2 1 
ATOM   99   N N   . THR A 1 13  ? -2.085  -13.703 -3.548  1.00 20.19 ? 13  THR A N   1 
ATOM   100  C CA  . THR A 1 13  ? -2.932  -12.876 -2.709  1.00 18.87 ? 13  THR A CA  1 
ATOM   101  C C   . THR A 1 13  ? -4.362  -13.382 -2.606  1.00 21.59 ? 13  THR A C   1 
ATOM   102  O O   . THR A 1 13  ? -4.896  -13.931 -3.573  1.00 21.51 ? 13  THR A O   1 
ATOM   103  C CB  . THR A 1 13  ? -2.973  -11.418 -3.243  1.00 19.16 ? 13  THR A CB  1 
ATOM   104  O OG1 . THR A 1 13  ? -4.040  -10.707 -2.604  1.00 18.51 ? 13  THR A OG1 1 
ATOM   105  C CG2 . THR A 1 13  ? -3.198  -11.397 -4.752  1.00 17.47 ? 13  THR A CG2 1 
ATOM   106  N N   . THR A 1 14  ? -4.978  -13.204 -1.440  1.00 19.75 ? 14  THR A N   1 
ATOM   107  C CA  . THR A 1 14  ? -6.369  -13.593 -1.237  1.00 20.42 ? 14  THR A CA  1 
ATOM   108  C C   . THR A 1 14  ? -7.280  -12.348 -1.223  1.00 19.74 ? 14  THR A C   1 
ATOM   109  O O   . THR A 1 14  ? -8.474  -12.438 -0.896  1.00 19.65 ? 14  THR A O   1 
ATOM   110  C CB  . THR A 1 14  ? -6.565  -14.440 0.051   1.00 19.91 ? 14  THR A CB  1 
ATOM   111  O OG1 . THR A 1 14  ? -6.190  -13.687 1.199   1.00 22.09 ? 14  THR A OG1 1 
ATOM   112  C CG2 . THR A 1 14  ? -5.715  -15.692 -0.001  1.00 21.07 ? 14  THR A CG2 1 
ATOM   113  N N   . GLY A 1 15  ? -6.702  -11.193 -1.580  1.00 19.10 ? 15  GLY A N   1 
ATOM   114  C CA  . GLY A 1 15  ? -7.442  -9.936  -1.647  1.00 15.93 ? 15  GLY A CA  1 
ATOM   115  C C   . GLY A 1 15  ? -8.104  -9.418  -0.385  1.00 16.49 ? 15  GLY A C   1 
ATOM   116  O O   . GLY A 1 15  ? -7.728  -9.771  0.736   1.00 17.64 ? 15  GLY A O   1 
ATOM   117  N N   . ALA A 1 16  ? -9.110  -8.572  -0.580  1.00 16.81 ? 16  ALA A N   1 
ATOM   118  C CA  . ALA A 1 16  ? -9.857  -7.948  0.506   1.00 17.30 ? 16  ALA A CA  1 
ATOM   119  C C   . ALA A 1 16  ? -10.723 -8.914  1.310   1.00 19.28 ? 16  ALA A C   1 
ATOM   120  O O   . ALA A 1 16  ? -11.374 -9.788  0.758   1.00 19.07 ? 16  ALA A O   1 
ATOM   121  C CB  . ALA A 1 16  ? -10.739 -6.806  -0.045  1.00 17.26 ? 16  ALA A CB  1 
ATOM   122  N N   . SER A 1 17  ? -10.686 -8.789  2.628   1.00 18.73 ? 17  SER A N   1 
ATOM   123  C CA  . SER A 1 17  ? -11.517 -9.615  3.485   1.00 19.26 ? 17  SER A CA  1 
ATOM   124  C C   . SER A 1 17  ? -12.891 -8.969  3.367   1.00 20.41 ? 17  SER A C   1 
ATOM   125  O O   . SER A 1 17  ? -13.007 -7.865  2.819   1.00 23.59 ? 17  SER A O   1 
ATOM   126  C CB  . SER A 1 17  ? -11.041 -9.556  4.939   1.00 18.77 ? 17  SER A CB  1 
ATOM   127  O OG  . SER A 1 17  ? -11.481 -8.362  5.568   1.00 21.91 ? 17  SER A OG  1 
ATOM   128  N N   . CYS A 1 18  ? -13.932 -9.642  3.846   1.00 20.90 ? 18  CYS A N   1 
ATOM   129  C CA  . CYS A 1 18  ? -15.279 -9.082  3.783   1.00 23.51 ? 18  CYS A CA  1 
ATOM   130  C C   . CYS A 1 18  ? -15.421 -7.829  4.647   1.00 25.57 ? 18  CYS A C   1 
ATOM   131  O O   . CYS A 1 18  ? -16.280 -6.977  4.374   1.00 25.13 ? 18  CYS A O   1 
ATOM   132  C CB  . CYS A 1 18  ? -16.330 -10.140 4.156   1.00 25.31 ? 18  CYS A CB  1 
ATOM   133  S SG  . CYS A 1 18  ? -16.450 -11.479 2.918   1.00 25.63 ? 18  CYS A SG  1 
ATOM   134  N N   . LYS A 1 19  ? -14.556 -7.701  5.658   1.00 24.95 ? 19  LYS A N   1 
ATOM   135  C CA  . LYS A 1 19  ? -14.553 -6.523  6.534   1.00 27.15 ? 19  LYS A CA  1 
ATOM   136  C C   . LYS A 1 19  ? -14.166 -5.256  5.744   1.00 23.15 ? 19  LYS A C   1 
ATOM   137  O O   . LYS A 1 19  ? -14.561 -4.151  6.114   1.00 22.18 ? 19  LYS A O   1 
ATOM   138  C CB  . LYS A 1 19  ? -13.599 -6.724  7.717   1.00 30.92 ? 19  LYS A CB  1 
ATOM   139  C CG  . LYS A 1 19  ? -14.033 -7.779  8.717   1.00 39.20 ? 19  LYS A CG  1 
ATOM   140  C CD  . LYS A 1 19  ? -13.315 -7.586  10.059  1.00 45.81 ? 19  LYS A CD  1 
ATOM   141  C CE  . LYS A 1 19  ? -13.713 -6.236  10.723  1.00 50.79 ? 19  LYS A CE  1 
ATOM   142  N NZ  . LYS A 1 19  ? -13.019 -5.917  12.028  1.00 50.69 ? 19  LYS A NZ  1 
ATOM   143  N N   . THR A 1 20  ? -13.364 -5.430  4.687   1.00 19.98 ? 20  THR A N   1 
ATOM   144  C CA  . THR A 1 20  ? -12.934 -4.341  3.812   1.00 18.77 ? 20  THR A CA  1 
ATOM   145  C C   . THR A 1 20  ? -13.966 -4.118  2.697   1.00 22.19 ? 20  THR A C   1 
ATOM   146  O O   . THR A 1 20  ? -14.337 -2.978  2.405   1.00 21.54 ? 20  THR A O   1 
ATOM   147  C CB  . THR A 1 20  ? -11.544 -4.624  3.168   1.00 16.33 ? 20  THR A CB  1 
ATOM   148  O OG1 . THR A 1 20  ? -10.530 -4.599  4.185   1.00 16.37 ? 20  THR A OG1 1 
ATOM   149  C CG2 . THR A 1 20  ? -11.198 -3.607  2.072   1.00 13.46 ? 20  THR A CG2 1 
ATOM   150  N N   . ALA A 1 21  ? -14.455 -5.209  2.103   1.00 25.67 ? 21  ALA A N   1 
ATOM   151  C CA  . ALA A 1 21  ? -15.424 -5.138  0.995   1.00 25.20 ? 21  ALA A CA  1 
ATOM   152  C C   . ALA A 1 21  ? -16.828 -4.635  1.318   1.00 24.63 ? 21  ALA A C   1 
ATOM   153  O O   . ALA A 1 21  ? -17.310 -3.735  0.625   1.00 24.24 ? 21  ALA A O   1 
ATOM   154  C CB  . ALA A 1 21  ? -15.499 -6.468  0.272   1.00 24.98 ? 21  ALA A CB  1 
ATOM   155  N N   . LYS A 1 22  ? -17.466 -5.178  2.363   1.00 26.67 ? 22  LYS A N   1 
ATOM   156  C CA  . LYS A 1 22  ? -18.837 -4.775  2.746   1.00 31.20 ? 22  LYS A CA  1 
ATOM   157  C C   . LYS A 1 22  ? -19.043 -3.267  2.991   1.00 31.93 ? 22  LYS A C   1 
ATOM   158  O O   . LYS A 1 22  ? -20.016 -2.688  2.503   1.00 31.83 ? 22  LYS A O   1 
ATOM   159  C CB  . LYS A 1 22  ? -19.368 -5.548  3.974   1.00 35.12 ? 22  LYS A CB  1 
ATOM   160  C CG  . LYS A 1 22  ? -19.194 -7.063  3.974   1.00 41.46 ? 22  LYS A CG  1 
ATOM   161  C CD  . LYS A 1 22  ? -20.106 -7.834  3.032   1.00 45.98 ? 22  LYS A CD  1 
ATOM   162  C CE  . LYS A 1 22  ? -20.110 -9.322  3.426   1.00 48.90 ? 22  LYS A CE  1 
ATOM   163  N NZ  . LYS A 1 22  ? -20.749 -10.221 2.416   1.00 51.54 ? 22  LYS A NZ  1 
ATOM   164  N N   . PRO A 1 23  ? -18.158 -2.614  3.779   1.00 33.46 ? 23  PRO A N   1 
ATOM   165  C CA  . PRO A 1 23  ? -18.317 -1.173  4.034   1.00 32.10 ? 23  PRO A CA  1 
ATOM   166  C C   . PRO A 1 23  ? -18.206 -0.347  2.755   1.00 32.13 ? 23  PRO A C   1 
ATOM   167  O O   . PRO A 1 23  ? -18.675 0.799   2.703   1.00 32.27 ? 23  PRO A O   1 
ATOM   168  C CB  . PRO A 1 23  ? -17.173 -0.879  4.998   1.00 32.66 ? 23  PRO A CB  1 
ATOM   169  C CG  . PRO A 1 23  ? -17.044 -2.167  5.751   1.00 34.17 ? 23  PRO A CG  1 
ATOM   170  C CD  . PRO A 1 23  ? -17.087 -3.164  4.631   1.00 33.62 ? 23  PRO A CD  1 
ATOM   171  N N   . GLU A 1 24  ? -17.561 -0.928  1.738   1.00 31.02 ? 24  GLU A N   1 
ATOM   172  C CA  . GLU A 1 24  ? -17.393 -0.297  0.424   1.00 31.07 ? 24  GLU A CA  1 
ATOM   173  C C   . GLU A 1 24  ? -18.623 -0.566  -0.466  1.00 30.67 ? 24  GLU A C   1 
ATOM   174  O O   . GLU A 1 24  ? -18.671 -0.159  -1.620  1.00 31.84 ? 24  GLU A O   1 
ATOM   175  C CB  . GLU A 1 24  ? -16.127 -0.817  -0.264  1.00 31.44 ? 24  GLU A CB  1 
ATOM   176  C CG  . GLU A 1 24  ? -14.830 -0.541  0.487   1.00 32.22 ? 24  GLU A CG  1 
ATOM   177  C CD  . GLU A 1 24  ? -14.416 0.917   0.466   1.00 35.43 ? 24  GLU A CD  1 
ATOM   178  O OE1 . GLU A 1 24  ? -15.046 1.738   -0.246  1.00 35.27 ? 24  GLU A OE1 1 
ATOM   179  O OE2 . GLU A 1 24  ? -13.446 1.243   1.175   1.00 37.54 ? 24  GLU A OE2 1 
ATOM   180  N N   . GLY A 1 25  ? -19.608 -1.273  0.078   1.00 30.80 ? 25  GLY A N   1 
ATOM   181  C CA  . GLY A 1 25  ? -20.823 -1.563  -0.662  1.00 31.54 ? 25  GLY A CA  1 
ATOM   182  C C   . GLY A 1 25  ? -20.776 -2.739  -1.616  1.00 33.56 ? 25  GLY A C   1 
ATOM   183  O O   . GLY A 1 25  ? -21.595 -2.793  -2.540  1.00 38.20 ? 25  GLY A O   1 
ATOM   184  N N   . LEU A 1 26  ? -19.819 -3.651  -1.440  1.00 29.59 ? 26  LEU A N   1 
ATOM   185  C CA  . LEU A 1 26  ? -19.721 -4.830  -2.300  1.00 28.72 ? 26  LEU A CA  1 
ATOM   186  C C   . LEU A 1 26  ? -20.327 -5.989  -1.529  1.00 29.92 ? 26  LEU A C   1 
ATOM   187  O O   . LEU A 1 26  ? -20.295 -6.007  -0.298  1.00 31.07 ? 26  LEU A O   1 
ATOM   188  C CB  . LEU A 1 26  ? -18.267 -5.154  -2.645  1.00 25.66 ? 26  LEU A CB  1 
ATOM   189  C CG  . LEU A 1 26  ? -17.491 -4.047  -3.337  1.00 26.03 ? 26  LEU A CG  1 
ATOM   190  C CD1 . LEU A 1 26  ? -16.218 -4.644  -3.895  1.00 26.14 ? 26  LEU A CD1 1 
ATOM   191  C CD2 . LEU A 1 26  ? -18.328 -3.418  -4.442  1.00 26.15 ? 26  LEU A CD2 1 
ATOM   192  N N   . SER A 1 27  ? -20.914 -6.946  -2.238  1.00 33.66 ? 27  SER A N   1 
ATOM   193  C CA  . SER A 1 27  ? -21.528 -8.094  -1.570  1.00 33.73 ? 27  SER A CA  1 
ATOM   194  C C   . SER A 1 27  ? -20.601 -9.312  -1.601  1.00 31.23 ? 27  SER A C   1 
ATOM   195  O O   . SER A 1 27  ? -20.894 -10.345 -1.009  1.00 33.00 ? 27  SER A O   1 
ATOM   196  C CB  . SER A 1 27  ? -22.879 -8.404  -2.226  1.00 37.23 ? 27  SER A CB  1 
ATOM   197  O OG  . SER A 1 27  ? -22.794 -8.231  -3.644  1.00 42.93 ? 27  SER A OG  1 
ATOM   198  N N   . TYR A 1 28  ? -19.483 -9.175  -2.301  1.00 26.90 ? 28  TYR A N   1 
ATOM   199  C CA  . TYR A 1 28  ? -18.501 -10.244 -2.412  1.00 25.60 ? 28  TYR A CA  1 
ATOM   200  C C   . TYR A 1 28  ? -17.159 -9.709  -1.906  1.00 25.55 ? 28  TYR A C   1 
ATOM   201  O O   . TYR A 1 28  ? -16.953 -8.493  -1.833  1.00 24.92 ? 28  TYR A O   1 
ATOM   202  C CB  . TYR A 1 28  ? -18.382 -10.710 -3.864  1.00 23.81 ? 28  TYR A CB  1 
ATOM   203  C CG  . TYR A 1 28  ? -18.113 -9.592  -4.821  1.00 21.57 ? 28  TYR A CG  1 
ATOM   204  C CD1 . TYR A 1 28  ? -19.123 -8.698  -5.190  1.00 20.12 ? 28  TYR A CD1 1 
ATOM   205  C CD2 . TYR A 1 28  ? -16.850 -9.411  -5.342  1.00 19.16 ? 28  TYR A CD2 1 
ATOM   206  C CE1 . TYR A 1 28  ? -18.862 -7.657  -6.059  1.00 20.21 ? 28  TYR A CE1 1 
ATOM   207  C CE2 . TYR A 1 28  ? -16.582 -8.377  -6.199  1.00 20.00 ? 28  TYR A CE2 1 
ATOM   208  C CZ  . TYR A 1 28  ? -17.582 -7.503  -6.564  1.00 20.09 ? 28  TYR A CZ  1 
ATOM   209  O OH  . TYR A 1 28  ? -17.278 -6.501  -7.461  1.00 22.21 ? 28  TYR A OH  1 
ATOM   210  N N   . CYS A 1 29  ? -16.235 -10.616 -1.626  1.00 22.30 ? 29  CYS A N   1 
ATOM   211  C CA  . CYS A 1 29  ? -14.944 -10.241 -1.086  1.00 22.27 ? 29  CYS A CA  1 
ATOM   212  C C   . CYS A 1 29  ? -13.840 -10.833 -1.940  1.00 22.18 ? 29  CYS A C   1 
ATOM   213  O O   . CYS A 1 29  ? -14.079 -11.202 -3.089  1.00 24.71 ? 29  CYS A O   1 
ATOM   214  C CB  . CYS A 1 29  ? -14.884 -10.754 0.347   1.00 22.45 ? 29  CYS A CB  1 
ATOM   215  S SG  . CYS A 1 29  ? -16.505 -10.497 1.135   1.00 26.15 ? 29  CYS A SG  1 
ATOM   216  N N   . GLY A 1 30  ? -12.618 -10.837 -1.420  1.00 21.33 ? 30  GLY A N   1 
ATOM   217  C CA  . GLY A 1 30  ? -11.501 -11.405 -2.153  1.00 16.61 ? 30  GLY A CA  1 
ATOM   218  C C   . GLY A 1 30  ? -10.857 -10.528 -3.201  1.00 14.97 ? 30  GLY A C   1 
ATOM   219  O O   . GLY A 1 30  ? -11.057 -9.310  -3.214  1.00 15.60 ? 30  GLY A O   1 
ATOM   220  N N   . VAL A 1 31  ? -10.104 -11.163 -4.098  1.00 14.23 ? 31  VAL A N   1 
ATOM   221  C CA  . VAL A 1 31  ? -9.391  -10.473 -5.163  1.00 16.10 ? 31  VAL A CA  1 
ATOM   222  C C   . VAL A 1 31  ? -10.288 -9.636  -6.069  1.00 19.09 ? 31  VAL A C   1 
ATOM   223  O O   . VAL A 1 31  ? -9.925  -8.504  -6.405  1.00 19.59 ? 31  VAL A O   1 
ATOM   224  C CB  . VAL A 1 31  ? -8.522  -11.440 -5.985  1.00 17.34 ? 31  VAL A CB  1 
ATOM   225  C CG1 . VAL A 1 31  ? -7.859  -10.710 -7.144  1.00 15.58 ? 31  VAL A CG1 1 
ATOM   226  C CG2 . VAL A 1 31  ? -7.457  -12.071 -5.087  1.00 15.39 ? 31  VAL A CG2 1 
ATOM   227  N N   . PRO A 1 32  ? -11.465 -10.172 -6.484  1.00 24.14 ? 32  PRO A N   1 
ATOM   228  C CA  . PRO A 1 32  ? -12.366 -9.394  -7.353  1.00 21.27 ? 32  PRO A CA  1 
ATOM   229  C C   . PRO A 1 32  ? -12.843 -8.122  -6.631  1.00 19.03 ? 32  PRO A C   1 
ATOM   230  O O   . PRO A 1 32  ? -12.960 -7.074  -7.266  1.00 18.43 ? 32  PRO A O   1 
ATOM   231  C CB  . PRO A 1 32  ? -13.515 -10.372 -7.610  1.00 23.03 ? 32  PRO A CB  1 
ATOM   232  C CG  . PRO A 1 32  ? -12.831 -11.707 -7.556  1.00 24.32 ? 32  PRO A CG  1 
ATOM   233  C CD  . PRO A 1 32  ? -11.980 -11.550 -6.324  1.00 24.71 ? 32  PRO A CD  1 
ATOM   234  N N   . ALA A 1 33  ? -13.116 -8.220  -5.319  1.00 17.01 ? 33  ALA A N   1 
ATOM   235  C CA  . ALA A 1 33  ? -13.519 -7.052  -4.510  1.00 15.87 ? 33  ALA A CA  1 
ATOM   236  C C   . ALA A 1 33  ? -12.357 -5.994  -4.500  1.00 17.47 ? 33  ALA A C   1 
ATOM   237  O O   . ALA A 1 33  ? -12.582 -4.807  -4.756  1.00 16.29 ? 33  ALA A O   1 
ATOM   238  C CB  . ALA A 1 33  ? -13.884 -7.488  -3.089  1.00 15.82 ? 33  ALA A CB  1 
ATOM   239  N N   . SER A 1 34  ? -11.118 -6.429  -4.242  1.00 19.17 ? 34  SER A N   1 
ATOM   240  C CA  . SER A 1 34  ? -9.945  -5.523  -4.257  1.00 18.88 ? 34  SER A CA  1 
ATOM   241  C C   . SER A 1 34  ? -9.811  -4.824  -5.618  1.00 19.28 ? 34  SER A C   1 
ATOM   242  O O   . SER A 1 34  ? -9.626  -3.607  -5.665  1.00 16.83 ? 34  SER A O   1 
ATOM   243  C CB  . SER A 1 34  ? -8.629  -6.272  -3.962  1.00 16.86 ? 34  SER A CB  1 
ATOM   244  O OG  . SER A 1 34  ? -8.604  -6.828  -2.654  1.00 16.07 ? 34  SER A OG  1 
ATOM   245  N N   . LYS A 1 35  ? -9.921  -5.573  -6.721  1.00 17.25 ? 35  LYS A N   1 
ATOM   246  C CA  . LYS A 1 35  ? -9.813  -4.955  -8.047  1.00 19.92 ? 35  LYS A CA  1 
ATOM   247  C C   . LYS A 1 35  ? -10.950 -3.963  -8.365  1.00 17.45 ? 35  LYS A C   1 
ATOM   248  O O   . LYS A 1 35  ? -10.705 -2.926  -8.979  1.00 19.32 ? 35  LYS A O   1 
ATOM   249  C CB  . LYS A 1 35  ? -9.675  -6.012  -9.145  1.00 19.63 ? 35  LYS A CB  1 
ATOM   250  C CG  . LYS A 1 35  ? -8.491  -6.894  -8.913  1.00 23.55 ? 35  LYS A CG  1 
ATOM   251  C CD  . LYS A 1 35  ? -8.076  -7.697  -10.116 1.00 25.95 ? 35  LYS A CD  1 
ATOM   252  C CE  . LYS A 1 35  ? -6.825  -8.450  -9.738  1.00 28.49 ? 35  LYS A CE  1 
ATOM   253  N NZ  . LYS A 1 35  ? -6.267  -9.218  -10.862 1.00 33.02 ? 35  LYS A NZ  1 
ATOM   254  N N   . THR A 1 36  ? -12.172 -4.255  -7.929  1.00 15.43 ? 36  THR A N   1 
ATOM   255  C CA  . THR A 1 36  ? -13.293 -3.346  -8.173  1.00 19.71 ? 36  THR A CA  1 
ATOM   256  C C   . THR A 1 36  ? -13.097 -2.027  -7.393  1.00 21.29 ? 36  THR A C   1 
ATOM   257  O O   . THR A 1 36  ? -13.361 -0.927  -7.926  1.00 19.35 ? 36  THR A O   1 
ATOM   258  C CB  . THR A 1 36  ? -14.662 -4.008  -7.794  1.00 21.97 ? 36  THR A CB  1 
ATOM   259  O OG1 . THR A 1 36  ? -14.885 -5.159  -8.619  1.00 21.73 ? 36  THR A OG1 1 
ATOM   260  C CG2 . THR A 1 36  ? -15.818 -3.030  -7.968  1.00 20.35 ? 36  THR A CG2 1 
ATOM   261  N N   . ILE A 1 37  ? -12.655 -2.136  -6.133  1.00 21.49 ? 37  ILE A N   1 
ATOM   262  C CA  . ILE A 1 37  ? -12.402 -0.953  -5.311  1.00 19.90 ? 37  ILE A CA  1 
ATOM   263  C C   . ILE A 1 37  ? -11.243 -0.141  -5.944  1.00 18.20 ? 37  ILE A C   1 
ATOM   264  O O   . ILE A 1 37  ? -11.332 1.085   -6.042  1.00 19.81 ? 37  ILE A O   1 
ATOM   265  C CB  . ILE A 1 37  ? -12.138 -1.314  -3.797  1.00 19.60 ? 37  ILE A CB  1 
ATOM   266  C CG1 . ILE A 1 37  ? -13.407 -1.883  -3.156  1.00 19.27 ? 37  ILE A CG1 1 
ATOM   267  C CG2 . ILE A 1 37  ? -11.721 -0.054  -3.016  1.00 19.30 ? 37  ILE A CG2 1 
ATOM   268  C CD1 . ILE A 1 37  ? -13.162 -2.680  -1.888  1.00 19.69 ? 37  ILE A CD1 1 
ATOM   269  N N   . ALA A 1 38  ? -10.204 -0.820  -6.438  1.00 16.66 ? 38  ALA A N   1 
ATOM   270  C CA  . ALA A 1 38  ? -9.069  -0.159  -7.093  1.00 17.72 ? 38  ALA A CA  1 
ATOM   271  C C   . ALA A 1 38  ? -9.545  0.553   -8.362  1.00 21.61 ? 38  ALA A C   1 
ATOM   272  O O   . ALA A 1 38  ? -9.072  1.647   -8.673  1.00 22.24 ? 38  ALA A O   1 
ATOM   273  C CB  . ALA A 1 38  ? -7.971  -1.171  -7.439  1.00 16.57 ? 38  ALA A CB  1 
ATOM   274  N N   . GLU A 1 39  ? -10.476 -0.058  -9.103  1.00 22.45 ? 39  GLU A N   1 
ATOM   275  C CA  . GLU A 1 39  ? -10.997 0.573   -10.323 1.00 23.09 ? 39  GLU A CA  1 
ATOM   276  C C   . GLU A 1 39  ? -11.757 1.863   -9.989  1.00 19.14 ? 39  GLU A C   1 
ATOM   277  O O   . GLU A 1 39  ? -11.666 2.837   -10.734 1.00 19.88 ? 39  GLU A O   1 
ATOM   278  C CB  . GLU A 1 39  ? -11.900 -0.376  -11.105 1.00 24.73 ? 39  GLU A CB  1 
ATOM   279  C CG  . GLU A 1 39  ? -12.392 0.209   -12.431 1.00 29.94 ? 39  GLU A CG  1 
ATOM   280  C CD  . GLU A 1 39  ? -13.083 -0.838  -13.297 1.00 33.43 ? 39  GLU A CD  1 
ATOM   281  O OE1 . GLU A 1 39  ? -14.266 -1.151  -13.009 1.00 33.19 ? 39  GLU A OE1 1 
ATOM   282  O OE2 . GLU A 1 39  ? -12.421 -1.361  -14.234 1.00 34.23 ? 39  GLU A OE2 1 
ATOM   283  N N   . ARG A 1 40  ? -12.500 1.865   -8.881  1.00 17.21 ? 40  ARG A N   1 
ATOM   284  C CA  . ARG A 1 40  ? -13.242 3.047   -8.434  1.00 19.10 ? 40  ARG A CA  1 
ATOM   285  C C   . ARG A 1 40  ? -12.348 4.250   -8.098  1.00 19.71 ? 40  ARG A C   1 
ATOM   286  O O   . ARG A 1 40  ? -12.795 5.400   -8.143  1.00 21.35 ? 40  ARG A O   1 
ATOM   287  C CB  . ARG A 1 40  ? -14.095 2.696   -7.221  1.00 21.60 ? 40  ARG A CB  1 
ATOM   288  C CG  . ARG A 1 40  ? -15.494 2.289   -7.581  1.00 29.57 ? 40  ARG A CG  1 
ATOM   289  C CD  . ARG A 1 40  ? -15.889 0.976   -6.936  1.00 36.63 ? 40  ARG A CD  1 
ATOM   290  N NE  . ARG A 1 40  ? -16.073 1.071   -5.493  1.00 39.89 ? 40  ARG A NE  1 
ATOM   291  C CZ  . ARG A 1 40  ? -17.009 0.409   -4.813  1.00 41.62 ? 40  ARG A CZ  1 
ATOM   292  N NH1 . ARG A 1 40  ? -17.861 -0.395  -5.440  1.00 42.11 ? 40  ARG A NH1 1 
ATOM   293  N NH2 . ARG A 1 40  ? -17.067 0.525   -3.494  1.00 40.32 ? 40  ARG A NH2 1 
ATOM   294  N N   . ASP A 1 41  ? -11.097 3.977   -7.729  1.00 19.72 ? 41  ASP A N   1 
ATOM   295  C CA  . ASP A 1 41  ? -10.126 5.009   -7.379  1.00 18.25 ? 41  ASP A CA  1 
ATOM   296  C C   . ASP A 1 41  ? -9.210  5.424   -8.530  1.00 18.42 ? 41  ASP A C   1 
ATOM   297  O O   . ASP A 1 41  ? -8.442  6.377   -8.393  1.00 20.22 ? 41  ASP A O   1 
ATOM   298  C CB  . ASP A 1 41  ? -9.246  4.534   -6.214  1.00 16.95 ? 41  ASP A CB  1 
ATOM   299  C CG  . ASP A 1 41  ? -9.987  4.469   -4.903  1.00 14.47 ? 41  ASP A CG  1 
ATOM   300  O OD1 . ASP A 1 41  ? -11.083 5.053   -4.780  1.00 16.42 ? 41  ASP A OD1 1 
ATOM   301  O OD2 . ASP A 1 41  ? -9.465  3.825   -3.971  1.00 15.70 ? 41  ASP A OD2 1 
ATOM   302  N N   . LEU A 1 42  ? -9.306  4.746   -9.672  1.00 17.72 ? 42  LEU A N   1 
ATOM   303  C CA  . LEU A 1 42  ? -8.444  5.039   -10.817 1.00 19.05 ? 42  LEU A CA  1 
ATOM   304  C C   . LEU A 1 42  ? -8.465  6.473   -11.363 1.00 19.58 ? 42  LEU A C   1 
ATOM   305  O O   . LEU A 1 42  ? -7.409  7.019   -11.673 1.00 20.33 ? 42  LEU A O   1 
ATOM   306  C CB  . LEU A 1 42  ? -8.692  4.032   -11.940 1.00 20.01 ? 42  LEU A CB  1 
ATOM   307  C CG  . LEU A 1 42  ? -7.763  4.052   -13.150 1.00 19.96 ? 42  LEU A CG  1 
ATOM   308  C CD1 . LEU A 1 42  ? -6.354  3.625   -12.781 1.00 21.49 ? 42  LEU A CD1 1 
ATOM   309  C CD2 . LEU A 1 42  ? -8.320  3.109   -14.182 1.00 21.97 ? 42  LEU A CD2 1 
ATOM   310  N N   . LYS A 1 43  ? -9.637  7.091   -11.490 1.00 23.31 ? 43  LYS A N   1 
ATOM   311  C CA  . LYS A 1 43  ? -9.692  8.469   -11.997 1.00 25.59 ? 43  LYS A CA  1 
ATOM   312  C C   . LYS A 1 43  ? -8.961  9.416   -11.047 1.00 24.04 ? 43  LYS A C   1 
ATOM   313  O O   . LYS A 1 43  ? -8.122  10.208  -11.484 1.00 23.52 ? 43  LYS A O   1 
ATOM   314  C CB  . LYS A 1 43  ? -11.127 8.949   -12.194 1.00 30.81 ? 43  LYS A CB  1 
ATOM   315  C CG  . LYS A 1 43  ? -11.213 10.163  -13.125 1.00 39.22 ? 43  LYS A CG  1 
ATOM   316  C CD  . LYS A 1 43  ? -12.614 10.785  -13.164 1.00 46.09 ? 43  LYS A CD  1 
ATOM   317  C CE  . LYS A 1 43  ? -12.956 11.484  -11.834 1.00 50.33 ? 43  LYS A CE  1 
ATOM   318  N NZ  . LYS A 1 43  ? -14.400 11.869  -11.724 1.00 52.46 ? 43  LYS A NZ  1 
ATOM   319  N N   . ALA A 1 44  ? -9.267  9.309   -9.752  1.00 22.00 ? 44  ALA A N   1 
ATOM   320  C CA  . ALA A 1 44  ? -8.622  10.119  -8.718  1.00 19.46 ? 44  ALA A CA  1 
ATOM   321  C C   . ALA A 1 44  ? -7.107  9.841   -8.700  1.00 20.47 ? 44  ALA A C   1 
ATOM   322  O O   . ALA A 1 44  ? -6.279  10.781  -8.660  1.00 19.64 ? 44  ALA A O   1 
ATOM   323  C CB  . ALA A 1 44  ? -9.231  9.820   -7.370  1.00 17.44 ? 44  ALA A CB  1 
ATOM   324  N N   . MET A 1 45  ? -6.741  8.562   -8.808  1.00 18.77 ? 45  MET A N   1 
ATOM   325  C CA  . MET A 1 45  ? -5.338  8.158   -8.806  1.00 18.23 ? 45  MET A CA  1 
ATOM   326  C C   . MET A 1 45  ? -4.541  8.743   -9.980  1.00 20.09 ? 45  MET A C   1 
ATOM   327  O O   . MET A 1 45  ? -3.366  9.145   -9.802  1.00 18.18 ? 45  MET A O   1 
ATOM   328  C CB  . MET A 1 45  ? -5.202  6.623   -8.840  1.00 17.05 ? 45  MET A CB  1 
ATOM   329  C CG  . MET A 1 45  ? -3.781  6.110   -8.497  1.00 18.87 ? 45  MET A CG  1 
ATOM   330  S SD  . MET A 1 45  ? -3.475  6.223   -6.711  1.00 17.57 ? 45  MET A SD  1 
ATOM   331  C CE  . MET A 1 45  ? -4.779  5.155   -6.106  1.00 14.60 ? 45  MET A CE  1 
ATOM   332  N N   . ASP A 1 46  ? -5.165  8.788   -11.165 1.00 18.61 ? 46  ASP A N   1 
ATOM   333  C CA  . ASP A 1 46  ? -4.495  9.272   -12.377 1.00 21.89 ? 46  ASP A CA  1 
ATOM   334  C C   . ASP A 1 46  ? -4.040  10.716  -12.283 1.00 22.45 ? 46  ASP A C   1 
ATOM   335  O O   . ASP A 1 46  ? -3.160  11.144  -13.034 1.00 22.05 ? 46  ASP A O   1 
ATOM   336  C CB  . ASP A 1 46  ? -5.385  9.091   -13.612 1.00 25.11 ? 46  ASP A CB  1 
ATOM   337  C CG  . ASP A 1 46  ? -5.386  7.663   -14.141 1.00 28.17 ? 46  ASP A CG  1 
ATOM   338  O OD1 . ASP A 1 46  ? -4.547  6.837   -13.716 1.00 27.79 ? 46  ASP A OD1 1 
ATOM   339  O OD2 . ASP A 1 46  ? -6.236  7.364   -15.000 1.00 28.78 ? 46  ASP A OD2 1 
ATOM   340  N N   . ARG A 1 47  ? -4.658  11.459  -11.370 1.00 23.97 ? 47  ARG A N   1 
ATOM   341  C CA  . ARG A 1 47  ? -4.298  12.853  -11.137 1.00 28.60 ? 47  ARG A CA  1 
ATOM   342  C C   . ARG A 1 47  ? -2.851  12.944  -10.571 1.00 26.69 ? 47  ARG A C   1 
ATOM   343  O O   . ARG A 1 47  ? -2.132  13.914  -10.812 1.00 24.68 ? 47  ARG A O   1 
ATOM   344  C CB  . ARG A 1 47  ? -5.300  13.456  -10.158 1.00 32.89 ? 47  ARG A CB  1 
ATOM   345  C CG  . ARG A 1 47  ? -5.482  14.949  -10.251 1.00 42.42 ? 47  ARG A CG  1 
ATOM   346  C CD  . ARG A 1 47  ? -6.804  15.347  -9.608  1.00 49.14 ? 47  ARG A CD  1 
ATOM   347  N NE  . ARG A 1 47  ? -7.922  14.648  -10.243 1.00 56.97 ? 47  ARG A NE  1 
ATOM   348  C CZ  . ARG A 1 47  ? -8.985  14.166  -9.592  1.00 62.73 ? 47  ARG A CZ  1 
ATOM   349  N NH1 . ARG A 1 47  ? -9.083  14.290  -8.268  1.00 64.60 ? 47  ARG A NH1 1 
ATOM   350  N NH2 . ARG A 1 47  ? -9.959  13.541  -10.263 1.00 64.78 ? 47  ARG A NH2 1 
ATOM   351  N N   . TYR A 1 48  ? -2.405  11.889  -9.894  1.00 21.94 ? 48  TYR A N   1 
ATOM   352  C CA  . TYR A 1 48  ? -1.078  11.859  -9.293  1.00 19.68 ? 48  TYR A CA  1 
ATOM   353  C C   . TYR A 1 48  ? -0.144  10.868  -9.971  1.00 19.51 ? 48  TYR A C   1 
ATOM   354  O O   . TYR A 1 48  ? 0.993   10.668  -9.522  1.00 19.52 ? 48  TYR A O   1 
ATOM   355  C CB  . TYR A 1 48  ? -1.215  11.503  -7.813  1.00 18.35 ? 48  TYR A CB  1 
ATOM   356  C CG  . TYR A 1 48  ? -2.258  12.339  -7.102  1.00 20.92 ? 48  TYR A CG  1 
ATOM   357  C CD1 . TYR A 1 48  ? -2.112  13.730  -7.002  1.00 21.15 ? 48  TYR A CD1 1 
ATOM   358  C CD2 . TYR A 1 48  ? -3.402  11.755  -6.546  1.00 20.16 ? 48  TYR A CD2 1 
ATOM   359  C CE1 . TYR A 1 48  ? -3.065  14.513  -6.375  1.00 21.21 ? 48  TYR A CE1 1 
ATOM   360  C CE2 . TYR A 1 48  ? -4.374  12.537  -5.906  1.00 21.22 ? 48  TYR A CE2 1 
ATOM   361  C CZ  . TYR A 1 48  ? -4.188  13.916  -5.831  1.00 22.29 ? 48  TYR A CZ  1 
ATOM   362  O OH  . TYR A 1 48  ? -5.107  14.712  -5.203  1.00 26.39 ? 48  TYR A OH  1 
ATOM   363  N N   . LYS A 1 49  ? -0.592  10.287  -11.080 1.00 22.57 ? 49  LYS A N   1 
ATOM   364  C CA  . LYS A 1 49  ? 0.199   9.291   -11.792 1.00 21.50 ? 49  LYS A CA  1 
ATOM   365  C C   . LYS A 1 49  ? 1.640   9.695   -12.092 1.00 22.11 ? 49  LYS A C   1 
ATOM   366  O O   . LYS A 1 49  ? 2.556   8.916   -11.832 1.00 22.71 ? 49  LYS A O   1 
ATOM   367  C CB  . LYS A 1 49  ? -0.509  8.849   -13.063 1.00 24.16 ? 49  LYS A CB  1 
ATOM   368  C CG  . LYS A 1 49  ? 0.316   7.885   -13.893 1.00 28.65 ? 49  LYS A CG  1 
ATOM   369  C CD  . LYS A 1 49  ? -0.513  7.192   -14.939 1.00 31.80 ? 49  LYS A CD  1 
ATOM   370  C CE  . LYS A 1 49  ? -1.276  8.209   -15.735 1.00 34.85 ? 49  LYS A CE  1 
ATOM   371  N NZ  . LYS A 1 49  ? -2.037  7.514   -16.798 1.00 40.78 ? 49  LYS A NZ  1 
ATOM   372  N N   . THR A 1 50  ? 1.864   10.910  -12.593 1.00 20.83 ? 50  THR A N   1 
ATOM   373  C CA  . THR A 1 50  ? 3.231   11.357  -12.900 1.00 20.86 ? 50  THR A CA  1 
ATOM   374  C C   . THR A 1 50  ? 4.163   11.352  -11.663 1.00 19.95 ? 50  THR A C   1 
ATOM   375  O O   . THR A 1 50  ? 5.297   10.854  -11.731 1.00 18.59 ? 50  THR A O   1 
ATOM   376  C CB  . THR A 1 50  ? 3.239   12.752  -13.561 1.00 21.26 ? 50  THR A CB  1 
ATOM   377  O OG1 . THR A 1 50  ? 2.382   12.733  -14.703 1.00 23.34 ? 50  THR A OG1 1 
ATOM   378  C CG2 . THR A 1 50  ? 4.628   13.106  -14.031 1.00 20.47 ? 50  THR A CG2 1 
ATOM   379  N N   . ILE A 1 51  ? 3.657   11.848  -10.535 1.00 19.22 ? 51  ILE A N   1 
ATOM   380  C CA  . ILE A 1 51  ? 4.414   11.900  -9.281  1.00 20.88 ? 51  ILE A CA  1 
ATOM   381  C C   . ILE A 1 51  ? 4.658   10.476  -8.748  1.00 21.07 ? 51  ILE A C   1 
ATOM   382  O O   . ILE A 1 51  ? 5.772   10.160  -8.319  1.00 22.81 ? 51  ILE A O   1 
ATOM   383  C CB  . ILE A 1 51  ? 3.669   12.733  -8.205  1.00 22.75 ? 51  ILE A CB  1 
ATOM   384  C CG1 . ILE A 1 51  ? 3.526   14.186  -8.649  1.00 23.67 ? 51  ILE A CG1 1 
ATOM   385  C CG2 . ILE A 1 51  ? 4.422   12.715  -6.892  1.00 24.50 ? 51  ILE A CG2 1 
ATOM   386  C CD1 . ILE A 1 51  ? 2.700   15.005  -7.669  1.00 26.55 ? 51  ILE A CD1 1 
ATOM   387  N N   . ILE A 1 52  ? 3.627   9.628   -8.776  1.00 17.86 ? 52  ILE A N   1 
ATOM   388  C CA  . ILE A 1 52  ? 3.735   8.245   -8.311  1.00 18.48 ? 52  ILE A CA  1 
ATOM   389  C C   . ILE A 1 52  ? 4.802   7.472   -9.132  1.00 19.85 ? 52  ILE A C   1 
ATOM   390  O O   . ILE A 1 52  ? 5.654   6.790   -8.570  1.00 18.20 ? 52  ILE A O   1 
ATOM   391  C CB  . ILE A 1 52  ? 2.356   7.519   -8.397  1.00 16.69 ? 52  ILE A CB  1 
ATOM   392  C CG1 . ILE A 1 52  ? 1.364   8.156   -7.422  1.00 15.60 ? 52  ILE A CG1 1 
ATOM   393  C CG2 . ILE A 1 52  ? 2.515   6.020   -8.128  1.00 15.47 ? 52  ILE A CG2 1 
ATOM   394  C CD1 . ILE A 1 52  ? -0.083  7.613   -7.524  1.00 15.34 ? 52  ILE A CD1 1 
ATOM   395  N N   . LYS A 1 53  ? 4.781   7.613   -10.455 1.00 21.34 ? 53  LYS A N   1 
ATOM   396  C CA  . LYS A 1 53  ? 5.756   6.934   -11.308 1.00 23.47 ? 53  LYS A CA  1 
ATOM   397  C C   . LYS A 1 53  ? 7.174   7.479   -11.082 1.00 23.57 ? 53  LYS A C   1 
ATOM   398  O O   . LYS A 1 53  ? 8.152   6.730   -11.107 1.00 24.79 ? 53  LYS A O   1 
ATOM   399  C CB  . LYS A 1 53  ? 5.349   7.050   -12.794 1.00 25.02 ? 53  LYS A CB  1 
ATOM   400  C CG  . LYS A 1 53  ? 4.099   6.237   -13.157 1.00 27.20 ? 53  LYS A CG  1 
ATOM   401  C CD  . LYS A 1 53  ? 3.653   6.483   -14.598 1.00 30.90 ? 53  LYS A CD  1 
ATOM   402  C CE  . LYS A 1 53  ? 4.424   5.653   -15.609 1.00 32.83 ? 53  LYS A CE  1 
ATOM   403  N NZ  . LYS A 1 53  ? 3.999   4.230   -15.570 1.00 35.47 ? 53  LYS A NZ  1 
ATOM   404  N N   . LYS A 1 54  ? 7.271   8.782   -10.839 1.00 22.35 ? 54  LYS A N   1 
ATOM   405  C CA  . LYS A 1 54  ? 8.544   9.462   -10.591 1.00 24.53 ? 54  LYS A CA  1 
ATOM   406  C C   . LYS A 1 54  ? 9.197   8.986   -9.283  1.00 22.46 ? 54  LYS A C   1 
ATOM   407  O O   . LYS A 1 54  ? 10.388  8.670   -9.266  1.00 23.77 ? 54  LYS A O   1 
ATOM   408  C CB  . LYS A 1 54  ? 8.278   10.960  -10.544 1.00 27.21 ? 54  LYS A CB  1 
ATOM   409  C CG  . LYS A 1 54  ? 9.455   11.863  -10.488 1.00 33.21 ? 54  LYS A CG  1 
ATOM   410  C CD  . LYS A 1 54  ? 8.925   13.245  -10.761 1.00 35.80 ? 54  LYS A CD  1 
ATOM   411  C CE  . LYS A 1 54  ? 9.980   14.291  -10.619 1.00 40.10 ? 54  LYS A CE  1 
ATOM   412  N NZ  . LYS A 1 54  ? 9.357   15.561  -11.073 1.00 45.64 ? 54  LYS A NZ  1 
ATOM   413  N N   . VAL A 1 55  ? 8.420   8.921   -8.201  1.00 18.59 ? 55  VAL A N   1 
ATOM   414  C CA  . VAL A 1 55  ? 8.935   8.464   -6.908  1.00 18.68 ? 55  VAL A CA  1 
ATOM   415  C C   . VAL A 1 55  ? 9.309   6.984   -6.967  1.00 21.94 ? 55  VAL A C   1 
ATOM   416  O O   . VAL A 1 55  ? 10.299  6.562   -6.356  1.00 22.99 ? 55  VAL A O   1 
ATOM   417  C CB  . VAL A 1 55  ? 7.926   8.682   -5.768  1.00 16.70 ? 55  VAL A CB  1 
ATOM   418  C CG1 . VAL A 1 55  ? 8.448   8.057   -4.466  1.00 16.86 ? 55  VAL A CG1 1 
ATOM   419  C CG2 . VAL A 1 55  ? 7.665   10.170  -5.578  1.00 17.06 ? 55  VAL A CG2 1 
ATOM   420  N N   . GLY A 1 56  ? 8.513   6.197   -7.691  1.00 22.85 ? 56  GLY A N   1 
ATOM   421  C CA  . GLY A 1 56  ? 8.788   4.772   -7.839  1.00 21.09 ? 56  GLY A CA  1 
ATOM   422  C C   . GLY A 1 56  ? 10.114  4.532   -8.536  1.00 23.00 ? 56  GLY A C   1 
ATOM   423  O O   . GLY A 1 56  ? 10.872  3.659   -8.133  1.00 21.57 ? 56  GLY A O   1 
ATOM   424  N N   . GLU A 1 57  ? 10.390  5.295   -9.592  1.00 24.65 ? 57  GLU A N   1 
ATOM   425  C CA  . GLU A 1 57  ? 11.647  5.182   -10.322 1.00 27.81 ? 57  GLU A CA  1 
ATOM   426  C C   . GLU A 1 57  ? 12.809  5.612   -9.423  1.00 27.81 ? 57  GLU A C   1 
ATOM   427  O O   . GLU A 1 57  ? 13.866  4.992   -9.412  1.00 29.38 ? 57  GLU A O   1 
ATOM   428  C CB  . GLU A 1 57  ? 11.626  6.083   -11.557 1.00 31.56 ? 57  GLU A CB  1 
ATOM   429  C CG  . GLU A 1 57  ? 10.816  5.544   -12.696 1.00 38.32 ? 57  GLU A CG  1 
ATOM   430  C CD  . GLU A 1 57  ? 11.475  4.333   -13.335 1.00 43.28 ? 57  GLU A CD  1 
ATOM   431  O OE1 . GLU A 1 57  ? 12.732  4.239   -13.287 1.00 45.56 ? 57  GLU A OE1 1 
ATOM   432  O OE2 . GLU A 1 57  ? 10.740  3.487   -13.900 1.00 45.29 ? 57  GLU A OE2 1 
ATOM   433  N N   . LYS A 1 58  ? 12.601  6.701   -8.699  1.00 27.84 ? 58  LYS A N   1 
ATOM   434  C CA  . LYS A 1 58  ? 13.593  7.260   -7.795  1.00 26.61 ? 58  LYS A CA  1 
ATOM   435  C C   . LYS A 1 58  ? 13.984  6.292   -6.678  1.00 24.88 ? 58  LYS A C   1 
ATOM   436  O O   . LYS A 1 58  ? 15.157  6.142   -6.377  1.00 24.66 ? 58  LYS A O   1 
ATOM   437  C CB  . LYS A 1 58  ? 13.048  8.572   -7.208  1.00 28.75 ? 58  LYS A CB  1 
ATOM   438  C CG  . LYS A 1 58  ? 13.957  9.282   -6.218  1.00 32.43 ? 58  LYS A CG  1 
ATOM   439  C CD  . LYS A 1 58  ? 13.422  10.676  -5.860  1.00 33.53 ? 58  LYS A CD  1 
ATOM   440  C CE  . LYS A 1 58  ? 12.234  10.657  -4.876  1.00 32.50 ? 58  LYS A CE  1 
ATOM   441  N NZ  . LYS A 1 58  ? 11.691  12.052  -4.691  1.00 31.03 ? 58  LYS A NZ  1 
ATOM   442  N N   . LEU A 1 59  ? 13.009  5.613   -6.083  1.00 22.46 ? 59  LEU A N   1 
ATOM   443  C CA  . LEU A 1 59  ? 13.277  4.688   -4.982  1.00 22.69 ? 59  LEU A CA  1 
ATOM   444  C C   . LEU A 1 59  ? 13.351  3.212   -5.383  1.00 23.47 ? 59  LEU A C   1 
ATOM   445  O O   . LEU A 1 59  ? 13.492  2.333   -4.518  1.00 24.75 ? 59  LEU A O   1 
ATOM   446  C CB  . LEU A 1 59  ? 12.230  4.878   -3.874  1.00 21.31 ? 59  LEU A CB  1 
ATOM   447  C CG  . LEU A 1 59  ? 12.081  6.319   -3.368  1.00 21.60 ? 59  LEU A CG  1 
ATOM   448  C CD1 . LEU A 1 59  ? 11.124  6.369   -2.218  1.00 21.56 ? 59  LEU A CD1 1 
ATOM   449  C CD2 . LEU A 1 59  ? 13.416  6.846   -2.932  1.00 22.47 ? 59  LEU A CD2 1 
ATOM   450  N N   . CYS A 1 60  ? 13.252  2.949   -6.684  1.00 21.82 ? 60  CYS A N   1 
ATOM   451  C CA  . CYS A 1 60  ? 13.269  1.595   -7.225  1.00 22.84 ? 60  CYS A CA  1 
ATOM   452  C C   . CYS A 1 60  ? 12.182  0.665   -6.624  1.00 23.19 ? 60  CYS A C   1 
ATOM   453  O O   . CYS A 1 60  ? 12.466  -0.476  -6.227  1.00 22.96 ? 60  CYS A O   1 
ATOM   454  C CB  . CYS A 1 60  ? 14.660  0.978   -7.093  1.00 22.68 ? 60  CYS A CB  1 
ATOM   455  S SG  . CYS A 1 60  ? 14.941  -0.430  -8.218  1.00 23.49 ? 60  CYS A SG  1 
ATOM   456  N N   . VAL A 1 61  ? 10.947  1.172   -6.558  1.00 20.59 ? 61  VAL A N   1 
ATOM   457  C CA  . VAL A 1 61  ? 9.773   0.453   -6.055  1.00 20.54 ? 61  VAL A CA  1 
ATOM   458  C C   . VAL A 1 61  ? 8.712   0.582   -7.164  1.00 20.84 ? 61  VAL A C   1 
ATOM   459  O O   . VAL A 1 61  ? 8.662   1.591   -7.860  1.00 20.55 ? 61  VAL A O   1 
ATOM   460  C CB  . VAL A 1 61  ? 9.220   1.105   -4.759  1.00 22.79 ? 61  VAL A CB  1 
ATOM   461  C CG1 . VAL A 1 61  ? 7.888   0.462   -4.346  1.00 23.75 ? 61  VAL A CG1 1 
ATOM   462  C CG2 . VAL A 1 61  ? 10.230  0.966   -3.644  1.00 26.24 ? 61  VAL A CG2 1 
ATOM   463  N N   . GLU A 1 62  ? 7.860   -0.421  -7.335  1.00 20.96 ? 62  GLU A N   1 
ATOM   464  C CA  . GLU A 1 62  ? 6.835   -0.354  -8.376  1.00 20.24 ? 62  GLU A CA  1 
ATOM   465  C C   . GLU A 1 62  ? 5.771   0.703   -8.131  1.00 17.73 ? 62  GLU A C   1 
ATOM   466  O O   . GLU A 1 62  ? 5.170   0.756   -7.058  1.00 18.51 ? 62  GLU A O   1 
ATOM   467  C CB  . GLU A 1 62  ? 6.140   -1.704  -8.530  1.00 21.77 ? 62  GLU A CB  1 
ATOM   468  C CG  . GLU A 1 62  ? 7.043   -2.799  -9.083  1.00 23.08 ? 62  GLU A CG  1 
ATOM   469  C CD  . GLU A 1 62  ? 6.352   -4.125  -9.091  1.00 25.97 ? 62  GLU A CD  1 
ATOM   470  O OE1 . GLU A 1 62  ? 5.958   -4.611  -8.012  1.00 28.27 ? 62  GLU A OE1 1 
ATOM   471  O OE2 . GLU A 1 62  ? 6.177   -4.679  -10.179 1.00 28.23 ? 62  GLU A OE2 1 
ATOM   472  N N   . PRO A 1 63  ? 5.516   1.552   -9.136  1.00 18.76 ? 63  PRO A N   1 
ATOM   473  C CA  . PRO A 1 63  ? 4.500   2.598   -9.023  1.00 17.31 ? 63  PRO A CA  1 
ATOM   474  C C   . PRO A 1 63  ? 3.182   1.943   -8.644  1.00 17.83 ? 63  PRO A C   1 
ATOM   475  O O   . PRO A 1 63  ? 2.391   2.510   -7.889  1.00 18.18 ? 63  PRO A O   1 
ATOM   476  C CB  . PRO A 1 63  ? 4.454   3.166   -10.432 1.00 18.22 ? 63  PRO A CB  1 
ATOM   477  C CG  . PRO A 1 63  ? 5.924   3.106   -10.843 1.00 19.32 ? 63  PRO A CG  1 
ATOM   478  C CD  . PRO A 1 63  ? 6.310   1.711   -10.372 1.00 19.34 ? 63  PRO A CD  1 
ATOM   479  N N   . ALA A 1 64  ? 2.963   0.725   -9.131  1.00 16.08 ? 64  ALA A N   1 
ATOM   480  C CA  . ALA A 1 64  ? 1.746   -0.019  -8.812  1.00 14.48 ? 64  ALA A CA  1 
ATOM   481  C C   . ALA A 1 64  ? 1.589   -0.224  -7.310  1.00 13.79 ? 64  ALA A C   1 
ATOM   482  O O   . ALA A 1 64  ? 0.468   -0.165  -6.805  1.00 14.09 ? 64  ALA A O   1 
ATOM   483  C CB  . ALA A 1 64  ? 1.728   -1.386  -9.525  1.00 15.70 ? 64  ALA A CB  1 
ATOM   484  N N   . VAL A 1 65  ? 2.689   -0.511  -6.604  1.00 13.55 ? 65  VAL A N   1 
ATOM   485  C CA  . VAL A 1 65  ? 2.634   -0.716  -5.148  1.00 13.54 ? 65  VAL A CA  1 
ATOM   486  C C   . VAL A 1 65  ? 2.263   0.591   -4.418  1.00 14.16 ? 65  VAL A C   1 
ATOM   487  O O   . VAL A 1 65  ? 1.437   0.592   -3.487  1.00 14.19 ? 65  VAL A O   1 
ATOM   488  C CB  . VAL A 1 65  ? 3.976   -1.291  -4.596  1.00 16.93 ? 65  VAL A CB  1 
ATOM   489  C CG1 . VAL A 1 65  ? 3.918   -1.364  -3.086  1.00 16.65 ? 65  VAL A CG1 1 
ATOM   490  C CG2 . VAL A 1 65  ? 4.227   -2.696  -5.155  1.00 17.21 ? 65  VAL A CG2 1 
ATOM   491  N N   . ILE A 1 66  ? 2.866   1.702   -4.841  1.00 14.81 ? 66  ILE A N   1 
ATOM   492  C CA  . ILE A 1 66  ? 2.559   3.019   -4.252  1.00 13.16 ? 66  ILE A CA  1 
ATOM   493  C C   . ILE A 1 66  ? 1.053   3.311   -4.453  1.00 12.37 ? 66  ILE A C   1 
ATOM   494  O O   . ILE A 1 66  ? 0.345   3.662   -3.501  1.00 12.98 ? 66  ILE A O   1 
ATOM   495  C CB  . ILE A 1 66  ? 3.439   4.125   -4.882  1.00 10.76 ? 66  ILE A CB  1 
ATOM   496  C CG1 . ILE A 1 66  ? 4.914   3.818   -4.613  1.00 11.83 ? 66  ILE A CG1 1 
ATOM   497  C CG2 . ILE A 1 66  ? 3.059   5.502   -4.325  1.00 12.68 ? 66  ILE A CG2 1 
ATOM   498  C CD1 . ILE A 1 66  ? 5.911   4.739   -5.332  1.00 14.51 ? 66  ILE A CD1 1 
ATOM   499  N N   . ALA A 1 67  ? 0.551   3.064   -5.662  1.00 13.91 ? 67  ALA A N   1 
ATOM   500  C CA  . ALA A 1 67  ? -0.869  3.279   -5.965  1.00 14.90 ? 67  ALA A CA  1 
ATOM   501  C C   . ALA A 1 67  ? -1.808  2.371   -5.123  1.00 14.55 ? 67  ALA A C   1 
ATOM   502  O O   . ALA A 1 67  ? -2.853  2.818   -4.632  1.00 14.59 ? 67  ALA A O   1 
ATOM   503  C CB  . ALA A 1 67  ? -1.114  3.104   -7.477  1.00 14.90 ? 67  ALA A CB  1 
ATOM   504  N N   . GLY A 1 68  ? -1.441  1.099   -4.951  1.00 14.91 ? 68  GLY A N   1 
ATOM   505  C CA  . GLY A 1 68  ? -2.262  0.207   -4.145  1.00 13.20 ? 68  GLY A CA  1 
ATOM   506  C C   . GLY A 1 68  ? -2.376  0.711   -2.712  1.00 15.33 ? 68  GLY A C   1 
ATOM   507  O O   . GLY A 1 68  ? -3.452  0.652   -2.104  1.00 12.83 ? 68  GLY A O   1 
ATOM   508  N N   . ILE A 1 69  ? -1.258  1.218   -2.179  1.00 17.83 ? 69  ILE A N   1 
ATOM   509  C CA  . ILE A 1 69  ? -1.203  1.757   -0.815  1.00 16.03 ? 69  ILE A CA  1 
ATOM   510  C C   . ILE A 1 69  ? -2.060  3.004   -0.712  1.00 13.58 ? 69  ILE A C   1 
ATOM   511  O O   . ILE A 1 69  ? -2.873  3.115   0.197   1.00 13.25 ? 69  ILE A O   1 
ATOM   512  C CB  . ILE A 1 69  ? 0.260   2.034   -0.356  1.00 16.97 ? 69  ILE A CB  1 
ATOM   513  C CG1 . ILE A 1 69  ? 0.952   0.688   -0.096  1.00 17.06 ? 69  ILE A CG1 1 
ATOM   514  C CG2 . ILE A 1 69  ? 0.275   2.883   0.966   1.00 16.01 ? 69  ILE A CG2 1 
ATOM   515  C CD1 . ILE A 1 69  ? 2.407   0.786   0.271   1.00 16.89 ? 69  ILE A CD1 1 
ATOM   516  N N   . ILE A 1 70  ? -1.935  3.896   -1.689  1.00 14.07 ? 70  ILE A N   1 
ATOM   517  C CA  . ILE A 1 70  ? -2.722  5.124   -1.713  1.00 13.32 ? 70  ILE A CA  1 
ATOM   518  C C   . ILE A 1 70  ? -4.237  4.800   -1.793  1.00 14.77 ? 70  ILE A C   1 
ATOM   519  O O   . ILE A 1 70  ? -5.061  5.420   -1.097  1.00 14.45 ? 70  ILE A O   1 
ATOM   520  C CB  . ILE A 1 70  ? -2.280  6.044   -2.868  1.00 12.80 ? 70  ILE A CB  1 
ATOM   521  C CG1 . ILE A 1 70  ? -0.899  6.627   -2.572  1.00 11.31 ? 70  ILE A CG1 1 
ATOM   522  C CG2 . ILE A 1 70  ? -3.309  7.147   -3.090  1.00 13.88 ? 70  ILE A CG2 1 
ATOM   523  C CD1 . ILE A 1 70  ? -0.306  7.420   -3.698  1.00 11.68 ? 70  ILE A CD1 1 
ATOM   524  N N   . SER A 1 71  ? -4.601  3.788   -2.577  1.00 14.11 ? 71  SER A N   1 
ATOM   525  C CA  . SER A 1 71  ? -6.003  3.413   -2.704  1.00 14.53 ? 71  SER A CA  1 
ATOM   526  C C   . SER A 1 71  ? -6.566  2.924   -1.364  1.00 11.64 ? 71  SER A C   1 
ATOM   527  O O   . SER A 1 71  ? -7.632  3.365   -0.923  1.00 10.27 ? 71  SER A O   1 
ATOM   528  C CB  . SER A 1 71  ? -6.170  2.346   -3.791  1.00 14.11 ? 71  SER A CB  1 
ATOM   529  O OG  . SER A 1 71  ? -7.505  1.864   -3.819  1.00 15.72 ? 71  SER A OG  1 
ATOM   530  N N   . ARG A 1 72  ? -5.814  2.060   -0.691  1.00 12.81 ? 72  ARG A N   1 
ATOM   531  C CA  . ARG A 1 72  ? -6.226  1.502   0.605   1.00 13.35 ? 72  ARG A CA  1 
ATOM   532  C C   . ARG A 1 72  ? -6.257  2.534   1.747   1.00 12.77 ? 72  ARG A C   1 
ATOM   533  O O   . ARG A 1 72  ? -7.199  2.574   2.536   1.00 12.54 ? 72  ARG A O   1 
ATOM   534  C CB  . ARG A 1 72  ? -5.291  0.325   0.968   1.00 14.51 ? 72  ARG A CB  1 
ATOM   535  C CG  . ARG A 1 72  ? -5.513  -0.323  2.362   1.00 14.85 ? 72  ARG A CG  1 
ATOM   536  C CD  . ARG A 1 72  ? -6.901  -0.959  2.577   1.00 16.63 ? 72  ARG A CD  1 
ATOM   537  N NE  . ARG A 1 72  ? -7.051  -1.405  3.962   1.00 19.32 ? 72  ARG A NE  1 
ATOM   538  C CZ  . ARG A 1 72  ? -7.173  -2.675  4.346   1.00 17.76 ? 72  ARG A CZ  1 
ATOM   539  N NH1 . ARG A 1 72  ? -7.184  -3.644  3.452   1.00 15.49 ? 72  ARG A NH1 1 
ATOM   540  N NH2 . ARG A 1 72  ? -7.199  -2.974  5.639   1.00 16.77 ? 72  ARG A NH2 1 
ATOM   541  N N   . GLU A 1 73  ? -5.217  3.359   1.824   1.00 13.50 ? 73  GLU A N   1 
ATOM   542  C CA  . GLU A 1 73  ? -5.081  4.373   2.865   1.00 15.52 ? 73  GLU A CA  1 
ATOM   543  C C   . GLU A 1 73  ? -6.022  5.577   2.787   1.00 16.30 ? 73  GLU A C   1 
ATOM   544  O O   . GLU A 1 73  ? -6.577  6.000   3.812   1.00 16.70 ? 73  GLU A O   1 
ATOM   545  C CB  . GLU A 1 73  ? -3.637  4.907   2.916   1.00 15.34 ? 73  GLU A CB  1 
ATOM   546  C CG  . GLU A 1 73  ? -2.573  3.927   3.429   1.00 15.08 ? 73  GLU A CG  1 
ATOM   547  C CD  . GLU A 1 73  ? -2.755  3.517   4.887   1.00 17.86 ? 73  GLU A CD  1 
ATOM   548  O OE1 . GLU A 1 73  ? -3.413  4.225   5.694   1.00 17.69 ? 73  GLU A OE1 1 
ATOM   549  O OE2 . GLU A 1 73  ? -2.201  2.462   5.237   1.00 20.53 ? 73  GLU A OE2 1 
ATOM   550  N N   . SER A 1 74  ? -6.220  6.116   1.586   1.00 15.28 ? 74  SER A N   1 
ATOM   551  C CA  . SER A 1 74  ? -7.036  7.318   1.461   1.00 15.55 ? 74  SER A CA  1 
ATOM   552  C C   . SER A 1 74  ? -7.991  7.427   0.265   1.00 16.42 ? 74  SER A C   1 
ATOM   553  O O   . SER A 1 74  ? -8.570  8.505   0.056   1.00 15.34 ? 74  SER A O   1 
ATOM   554  C CB  . SER A 1 74  ? -6.081  8.508   1.388   1.00 14.79 ? 74  SER A CB  1 
ATOM   555  O OG  . SER A 1 74  ? -5.352  8.484   0.161   1.00 15.82 ? 74  SER A OG  1 
ATOM   556  N N   . HIS A 1 75  ? -8.151  6.351   -0.513  1.00 16.08 ? 75  HIS A N   1 
ATOM   557  C CA  . HIS A 1 75  ? -8.981  6.378   -1.731  1.00 15.53 ? 75  HIS A CA  1 
ATOM   558  C C   . HIS A 1 75  ? -8.505  7.511   -2.639  1.00 15.46 ? 75  HIS A C   1 
ATOM   559  O O   . HIS A 1 75  ? -9.290  8.273   -3.186  1.00 17.05 ? 75  HIS A O   1 
ATOM   560  C CB  . HIS A 1 75  ? -10.478 6.496   -1.422  1.00 15.46 ? 75  HIS A CB  1 
ATOM   561  C CG  . HIS A 1 75  ? -11.094 5.229   -0.911  1.00 15.20 ? 75  HIS A CG  1 
ATOM   562  N ND1 . HIS A 1 75  ? -10.928 4.012   -1.533  1.00 15.02 ? 75  HIS A ND1 1 
ATOM   563  C CD2 . HIS A 1 75  ? -11.878 4.994   0.168   1.00 15.82 ? 75  HIS A CD2 1 
ATOM   564  C CE1 . HIS A 1 75  ? -11.579 3.081   -0.858  1.00 15.88 ? 75  HIS A CE1 1 
ATOM   565  N NE2 . HIS A 1 75  ? -12.163 3.652   0.178   1.00 15.43 ? 75  HIS A NE2 1 
ATOM   566  N N   . ALA A 1 76  ? -7.188  7.608   -2.777  1.00 16.01 ? 76  ALA A N   1 
ATOM   567  C CA  . ALA A 1 76  ? -6.543  8.631   -3.589  1.00 18.17 ? 76  ALA A CA  1 
ATOM   568  C C   . ALA A 1 76  ? -6.950  10.060  -3.195  1.00 18.85 ? 76  ALA A C   1 
ATOM   569  O O   . ALA A 1 76  ? -7.105  10.921  -4.058  1.00 20.86 ? 76  ALA A O   1 
ATOM   570  C CB  . ALA A 1 76  ? -6.793  8.377   -5.098  1.00 17.11 ? 76  ALA A CB  1 
ATOM   571  N N   . GLY A 1 77  ? -7.124  10.305  -1.896  1.00 17.85 ? 77  GLY A N   1 
ATOM   572  C CA  . GLY A 1 77  ? -7.487  11.636  -1.430  1.00 19.99 ? 77  GLY A CA  1 
ATOM   573  C C   . GLY A 1 77  ? -8.958  11.941  -1.199  1.00 21.91 ? 77  GLY A C   1 
ATOM   574  O O   . GLY A 1 77  ? -9.289  12.861  -0.449  1.00 22.07 ? 77  GLY A O   1 
ATOM   575  N N   . LYS A 1 78  ? -9.844  11.141  -1.784  1.00 23.72 ? 78  LYS A N   1 
ATOM   576  C CA  . LYS A 1 78  ? -11.300 11.348  -1.660  1.00 24.36 ? 78  LYS A CA  1 
ATOM   577  C C   . LYS A 1 78  ? -11.849 11.332  -0.235  1.00 21.88 ? 78  LYS A C   1 
ATOM   578  O O   . LYS A 1 78  ? -12.828 12.000  0.071   1.00 22.58 ? 78  LYS A O   1 
ATOM   579  C CB  . LYS A 1 78  ? -12.059 10.318  -2.535  1.00 24.79 ? 78  LYS A CB  1 
ATOM   580  C CG  . LYS A 1 78  ? -12.041 10.653  -4.038  1.00 28.73 ? 78  LYS A CG  1 
ATOM   581  C CD  . LYS A 1 78  ? -11.824 9.440   -4.949  1.00 31.61 ? 78  LYS A CD  1 
ATOM   582  C CE  . LYS A 1 78  ? -12.907 8.393   -4.808  1.00 33.74 ? 78  LYS A CE  1 
ATOM   583  N NZ  . LYS A 1 78  ? -12.729 7.329   -5.831  1.00 33.38 ? 78  LYS A NZ  1 
ATOM   584  N N   . VAL A 1 79  ? -11.163 10.627  0.650   1.00 22.43 ? 79  VAL A N   1 
ATOM   585  C CA  . VAL A 1 79  ? -11.588 10.450  2.035   1.00 22.60 ? 79  VAL A CA  1 
ATOM   586  C C   . VAL A 1 79  ? -10.923 11.410  3.070   1.00 22.34 ? 79  VAL A C   1 
ATOM   587  O O   . VAL A 1 79  ? -11.283 11.436  4.244   1.00 22.88 ? 79  VAL A O   1 
ATOM   588  C CB  . VAL A 1 79  ? -11.379 8.930   2.366   1.00 24.28 ? 79  VAL A CB  1 
ATOM   589  C CG1 . VAL A 1 79  ? -10.563 8.706   3.613   1.00 26.37 ? 79  VAL A CG1 1 
ATOM   590  C CG2 . VAL A 1 79  ? -12.707 8.212   2.370   1.00 24.67 ? 79  VAL A CG2 1 
ATOM   591  N N   . LEU A 1 80  ? -10.021 12.253  2.586   1.00 22.09 ? 80  LEU A N   1 
ATOM   592  C CA  . LEU A 1 80  ? -9.286  13.197  3.417   1.00 20.61 ? 80  LEU A CA  1 
ATOM   593  C C   . LEU A 1 80  ? -9.890  14.618  3.491   1.00 21.02 ? 80  LEU A C   1 
ATOM   594  O O   . LEU A 1 80  ? -10.589 15.068  2.576   1.00 21.25 ? 80  LEU A O   1 
ATOM   595  C CB  . LEU A 1 80  ? -7.845  13.297  2.891   1.00 17.29 ? 80  LEU A CB  1 
ATOM   596  C CG  . LEU A 1 80  ? -7.100  11.986  2.671   1.00 15.39 ? 80  LEU A CG  1 
ATOM   597  C CD1 . LEU A 1 80  ? -5.705  12.293  2.170   1.00 14.33 ? 80  LEU A CD1 1 
ATOM   598  C CD2 . LEU A 1 80  ? -7.065  11.175  3.946   1.00 16.51 ? 80  LEU A CD2 1 
ATOM   599  N N   . LYS A 1 81  ? -9.612  15.295  4.606   1.00 21.31 ? 81  LYS A N   1 
ATOM   600  C CA  . LYS A 1 81  ? -10.024 16.684  4.888   1.00 19.04 ? 81  LYS A CA  1 
ATOM   601  C C   . LYS A 1 81  ? -8.708  17.481  5.033   1.00 18.98 ? 81  LYS A C   1 
ATOM   602  O O   . LYS A 1 81  ? -8.032  17.387  6.058   1.00 20.50 ? 81  LYS A O   1 
ATOM   603  C CB  . LYS A 1 81  ? -10.817 16.721  6.193   1.00 17.31 ? 81  LYS A CB  1 
ATOM   604  C CG  . LYS A 1 81  ? -12.201 16.082  6.096   1.00 18.43 ? 81  LYS A CG  1 
ATOM   605  C CD  . LYS A 1 81  ? -13.020 16.692  4.945   1.00 16.71 ? 81  LYS A CD  1 
ATOM   606  C CE  . LYS A 1 81  ? -14.470 16.259  5.029   1.00 15.80 ? 81  LYS A CE  1 
ATOM   607  N NZ  . LYS A 1 81  ? -15.121 16.841  6.212   1.00 17.46 ? 81  LYS A NZ  1 
ATOM   608  N N   . ASN A 1 82  ? -8.313  18.201  3.988   1.00 22.60 ? 82  ASN A N   1 
ATOM   609  C CA  . ASN A 1 82  ? -7.046  18.952  3.969   1.00 26.37 ? 82  ASN A CA  1 
ATOM   610  C C   . ASN A 1 82  ? -5.854  18.033  4.252   1.00 26.94 ? 82  ASN A C   1 
ATOM   611  O O   . ASN A 1 82  ? -4.958  18.371  5.030   1.00 26.93 ? 82  ASN A O   1 
ATOM   612  C CB  . ASN A 1 82  ? -7.057  20.123  4.959   1.00 30.54 ? 82  ASN A CB  1 
ATOM   613  C CG  . ASN A 1 82  ? -7.886  21.299  4.472   1.00 32.96 ? 82  ASN A CG  1 
ATOM   614  O OD1 . ASN A 1 82  ? -8.035  21.524  3.263   1.00 35.34 ? 82  ASN A OD1 1 
ATOM   615  N ND2 . ASN A 1 82  ? -8.432  22.059  5.416   1.00 33.03 ? 82  ASN A ND2 1 
ATOM   616  N N   . GLY A 1 83  ? -5.879  16.846  3.650   1.00 26.12 ? 83  GLY A N   1 
ATOM   617  C CA  . GLY A 1 83  ? -4.808  15.882  3.828   1.00 22.33 ? 83  GLY A CA  1 
ATOM   618  C C   . GLY A 1 83  ? -4.856  14.992  5.055   1.00 19.48 ? 83  GLY A C   1 
ATOM   619  O O   . GLY A 1 83  ? -4.105  14.029  5.117   1.00 19.25 ? 83  GLY A O   1 
ATOM   620  N N   . TRP A 1 84  ? -5.755  15.272  5.992   1.00 19.25 ? 84  TRP A N   1 
ATOM   621  C CA  . TRP A 1 84  ? -5.885  14.493  7.240   1.00 20.92 ? 84  TRP A CA  1 
ATOM   622  C C   . TRP A 1 84  ? -6.896  13.345  7.212   1.00 19.84 ? 84  TRP A C   1 
ATOM   623  O O   . TRP A 1 84  ? -7.976  13.483  6.635   1.00 20.03 ? 84  TRP A O   1 
ATOM   624  C CB  . TRP A 1 84  ? -6.226  15.423  8.437   1.00 20.68 ? 84  TRP A CB  1 
ATOM   625  C CG  . TRP A 1 84  ? -5.128  16.397  8.737   1.00 24.04 ? 84  TRP A CG  1 
ATOM   626  C CD1 . TRP A 1 84  ? -5.053  17.707  8.322   1.00 24.66 ? 84  TRP A CD1 1 
ATOM   627  C CD2 . TRP A 1 84  ? -3.854  16.093  9.340   1.00 24.40 ? 84  TRP A CD2 1 
ATOM   628  N NE1 . TRP A 1 84  ? -3.800  18.217  8.597   1.00 26.25 ? 84  TRP A NE1 1 
ATOM   629  C CE2 . TRP A 1 84  ? -3.047  17.255  9.225   1.00 26.25 ? 84  TRP A CE2 1 
ATOM   630  C CE3 . TRP A 1 84  ? -3.309  14.952  9.952   1.00 24.88 ? 84  TRP A CE3 1 
ATOM   631  C CZ2 . TRP A 1 84  ? -1.724  17.301  9.699   1.00 26.41 ? 84  TRP A CZ2 1 
ATOM   632  C CZ3 . TRP A 1 84  ? -1.989  15.002  10.423  1.00 24.77 ? 84  TRP A CZ3 1 
ATOM   633  C CH2 . TRP A 1 84  ? -1.218  16.168  10.290  1.00 25.55 ? 84  TRP A CH2 1 
ATOM   634  N N   . GLY A 1 85  ? -6.540  12.238  7.867   1.00 20.68 ? 85  GLY A N   1 
ATOM   635  C CA  . GLY A 1 85  ? -7.412  11.083  7.962   1.00 19.16 ? 85  GLY A CA  1 
ATOM   636  C C   . GLY A 1 85  ? -8.504  11.455  8.930   1.00 21.76 ? 85  GLY A C   1 
ATOM   637  O O   . GLY A 1 85  ? -8.385  12.474  9.617   1.00 20.85 ? 85  GLY A O   1 
ATOM   638  N N   . ASP A 1 86  ? -9.527  10.621  9.068   1.00 23.48 ? 86  ASP A N   1 
ATOM   639  C CA  . ASP A 1 86  ? -10.621 10.995  9.961   1.00 27.44 ? 86  ASP A CA  1 
ATOM   640  C C   . ASP A 1 86  ? -10.374 11.068  11.473  1.00 27.62 ? 86  ASP A C   1 
ATOM   641  O O   . ASP A 1 86  ? -11.221 11.556  12.219  1.00 28.27 ? 86  ASP A O   1 
ATOM   642  C CB  . ASP A 1 86  ? -11.956 10.301  9.596   1.00 32.81 ? 86  ASP A CB  1 
ATOM   643  C CG  . ASP A 1 86  ? -11.882 8.780   9.592   1.00 36.70 ? 86  ASP A CG  1 
ATOM   644  O OD1 . ASP A 1 86  ? -11.016 8.171   10.264  1.00 37.81 ? 86  ASP A OD1 1 
ATOM   645  O OD2 . ASP A 1 86  ? -12.749 8.188   8.916   1.00 39.55 ? 86  ASP A OD2 1 
ATOM   646  N N   . ARG A 1 87  ? -9.229  10.584  11.937  1.00 30.20 ? 87  ARG A N   1 
ATOM   647  C CA  . ARG A 1 87  ? -8.917  10.715  13.354  1.00 32.19 ? 87  ARG A CA  1 
ATOM   648  C C   . ARG A 1 87  ? -7.814  11.768  13.555  1.00 31.10 ? 87  ARG A C   1 
ATOM   649  O O   . ARG A 1 87  ? -7.299  11.943  14.653  1.00 32.65 ? 87  ARG A O   1 
ATOM   650  C CB  . ARG A 1 87  ? -8.567  9.371   13.989  1.00 36.96 ? 87  ARG A CB  1 
ATOM   651  C CG  . ARG A 1 87  ? -9.800  8.583   14.450  1.00 42.89 ? 87  ARG A CG  1 
ATOM   652  C CD  . ARG A 1 87  ? -9.438  7.131   14.703  1.00 50.40 ? 87  ARG A CD  1 
ATOM   653  N NE  . ARG A 1 87  ? -8.689  6.594   13.563  1.00 58.56 ? 87  ARG A NE  1 
ATOM   654  C CZ  . ARG A 1 87  ? -8.746  5.336   13.125  1.00 61.81 ? 87  ARG A CZ  1 
ATOM   655  N NH1 . ARG A 1 87  ? -9.526  4.446   13.735  1.00 64.16 ? 87  ARG A NH1 1 
ATOM   656  N NH2 . ARG A 1 87  ? -8.033  4.976   12.054  1.00 61.70 ? 87  ARG A NH2 1 
ATOM   657  N N   . GLY A 1 88  ? -7.474  12.485  12.488  1.00 26.34 ? 88  GLY A N   1 
ATOM   658  C CA  . GLY A 1 88  ? -6.472  13.530  12.579  1.00 24.22 ? 88  GLY A CA  1 
ATOM   659  C C   . GLY A 1 88  ? -5.033  13.100  12.778  1.00 24.07 ? 88  GLY A C   1 
ATOM   660  O O   . GLY A 1 88  ? -4.171  13.948  12.950  1.00 24.39 ? 88  GLY A O   1 
ATOM   661  N N   . ASN A 1 89  ? -4.764  11.801  12.712  1.00 20.88 ? 89  ASN A N   1 
ATOM   662  C CA  . ASN A 1 89  ? -3.413  11.290  12.879  1.00 20.21 ? 89  ASN A CA  1 
ATOM   663  C C   . ASN A 1 89  ? -2.679  11.078  11.569  1.00 21.65 ? 89  ASN A C   1 
ATOM   664  O O   . ASN A 1 89  ? -1.492  11.406  11.457  1.00 20.97 ? 89  ASN A O   1 
ATOM   665  C CB  . ASN A 1 89  ? -3.442  9.992   13.658  1.00 21.60 ? 89  ASN A CB  1 
ATOM   666  C CG  . ASN A 1 89  ? -3.880  10.203  15.087  1.00 25.36 ? 89  ASN A CG  1 
ATOM   667  O OD1 . ASN A 1 89  ? -3.485  11.175  15.714  1.00 27.99 ? 89  ASN A OD1 1 
ATOM   668  N ND2 . ASN A 1 89  ? -4.711  9.312   15.601  1.00 25.19 ? 89  ASN A ND2 1 
ATOM   669  N N   . GLY A 1 90  ? -3.372  10.513  10.583  1.00 18.59 ? 90  GLY A N   1 
ATOM   670  C CA  . GLY A 1 90  ? -2.742  10.252  9.296   1.00 18.16 ? 90  GLY A CA  1 
ATOM   671  C C   . GLY A 1 90  ? -2.740  11.445  8.367   1.00 15.91 ? 90  GLY A C   1 
ATOM   672  O O   . GLY A 1 90  ? -3.766  12.111  8.210   1.00 16.91 ? 90  GLY A O   1 
ATOM   673  N N   . PHE A 1 91  ? -1.598  11.710  7.748   1.00 16.61 ? 91  PHE A N   1 
ATOM   674  C CA  . PHE A 1 91  ? -1.458  12.826  6.816   1.00 17.46 ? 91  PHE A CA  1 
ATOM   675  C C   . PHE A 1 91  ? -1.081  12.389  5.384   1.00 17.23 ? 91  PHE A C   1 
ATOM   676  O O   . PHE A 1 91  ? -0.223  11.515  5.183   1.00 16.25 ? 91  PHE A O   1 
ATOM   677  C CB  . PHE A 1 91  ? -0.424  13.849  7.345   1.00 16.89 ? 91  PHE A CB  1 
ATOM   678  C CG  . PHE A 1 91  ? -0.224  15.050  6.445   1.00 17.03 ? 91  PHE A CG  1 
ATOM   679  C CD1 . PHE A 1 91  ? -1.167  16.083  6.408   1.00 19.61 ? 91  PHE A CD1 1 
ATOM   680  C CD2 . PHE A 1 91  ? 0.900   15.132  5.609   1.00 17.85 ? 91  PHE A CD2 1 
ATOM   681  C CE1 . PHE A 1 91  ? -0.999  17.182  5.547   1.00 18.72 ? 91  PHE A CE1 1 
ATOM   682  C CE2 . PHE A 1 91  ? 1.078   16.223  4.746   1.00 19.10 ? 91  PHE A CE2 1 
ATOM   683  C CZ  . PHE A 1 91  ? 0.121   17.252  4.718   1.00 18.07 ? 91  PHE A CZ  1 
ATOM   684  N N   . GLY A 1 92  ? -1.733  13.020  4.400   1.00 16.82 ? 92  GLY A N   1 
ATOM   685  C CA  . GLY A 1 92  ? -1.450  12.769  2.993   1.00 16.47 ? 92  GLY A CA  1 
ATOM   686  C C   . GLY A 1 92  ? -2.024  11.531  2.323   1.00 14.81 ? 92  GLY A C   1 
ATOM   687  O O   . GLY A 1 92  ? -2.631  10.670  2.974   1.00 13.41 ? 92  GLY A O   1 
ATOM   688  N N   . LEU A 1 93  ? -1.826  11.454  1.008   1.00 16.20 ? 93  LEU A N   1 
ATOM   689  C CA  . LEU A 1 93  ? -2.297  10.320  0.205   1.00 16.37 ? 93  LEU A CA  1 
ATOM   690  C C   . LEU A 1 93  ? -1.904  8.965   0.815   1.00 18.81 ? 93  LEU A C   1 
ATOM   691  O O   . LEU A 1 93  ? -2.723  8.054   0.885   1.00 20.50 ? 93  LEU A O   1 
ATOM   692  C CB  . LEU A 1 93  ? -1.744  10.407  -1.229  1.00 14.01 ? 93  LEU A CB  1 
ATOM   693  C CG  . LEU A 1 93  ? -2.132  11.625  -2.069  1.00 13.96 ? 93  LEU A CG  1 
ATOM   694  C CD1 . LEU A 1 93  ? -1.270  11.700  -3.311  1.00 16.49 ? 93  LEU A CD1 1 
ATOM   695  C CD2 . LEU A 1 93  ? -3.601  11.557  -2.419  1.00 16.92 ? 93  LEU A CD2 1 
ATOM   696  N N   . MET A 1 94  ? -0.666  8.838   1.287   1.00 17.50 ? 94  MET A N   1 
ATOM   697  C CA  . MET A 1 94  ? -0.191  7.584   1.873   1.00 14.37 ? 94  MET A CA  1 
ATOM   698  C C   . MET A 1 94  ? -0.405  7.463   3.381   1.00 15.84 ? 94  MET A C   1 
ATOM   699  O O   . MET A 1 94  ? -0.039  6.452   3.984   1.00 15.65 ? 94  MET A O   1 
ATOM   700  C CB  . MET A 1 94  ? 1.264   7.375   1.540   1.00 13.92 ? 94  MET A CB  1 
ATOM   701  C CG  . MET A 1 94  ? 1.492   7.212   0.069   1.00 14.86 ? 94  MET A CG  1 
ATOM   702  S SD  . MET A 1 94  ? 3.193   6.887   -0.328  1.00 17.94 ? 94  MET A SD  1 
ATOM   703  C CE  . MET A 1 94  ? 3.260   5.099   -0.026  1.00 15.31 ? 94  MET A CE  1 
ATOM   704  N N   . GLN A 1 95  ? -1.005  8.493   3.979   1.00 14.57 ? 95  GLN A N   1 
ATOM   705  C CA  . GLN A 1 95  ? -1.298  8.530   5.411   1.00 13.95 ? 95  GLN A CA  1 
ATOM   706  C C   . GLN A 1 95  ? -0.138  8.253   6.389   1.00 16.23 ? 95  GLN A C   1 
ATOM   707  O O   . GLN A 1 95  ? -0.212  7.318   7.189   1.00 19.02 ? 95  GLN A O   1 
ATOM   708  C CB  . GLN A 1 95  ? -2.508  7.635   5.738   1.00 12.78 ? 95  GLN A CB  1 
ATOM   709  C CG  . GLN A 1 95  ? -3.820  8.118   5.124   1.00 12.26 ? 95  GLN A CG  1 
ATOM   710  C CD  . GLN A 1 95  ? -4.407  9.295   5.874   1.00 12.94 ? 95  GLN A CD  1 
ATOM   711  O OE1 . GLN A 1 95  ? -5.107  9.109   6.850   1.00 16.01 ? 95  GLN A OE1 1 
ATOM   712  N NE2 . GLN A 1 95  ? -4.127  10.509  5.419   1.00 14.97 ? 95  GLN A NE2 1 
ATOM   713  N N   . VAL A 1 96  ? 0.933   9.042   6.305   1.00 15.41 ? 96  VAL A N   1 
ATOM   714  C CA  . VAL A 1 96  ? 2.060   8.941   7.241   1.00 15.57 ? 96  VAL A CA  1 
ATOM   715  C C   . VAL A 1 96  ? 1.476   9.381   8.610   1.00 16.33 ? 96  VAL A C   1 
ATOM   716  O O   . VAL A 1 96  ? 0.761   10.386  8.699   1.00 18.06 ? 96  VAL A O   1 
ATOM   717  C CB  . VAL A 1 96  ? 3.194   9.883   6.805   1.00 16.85 ? 96  VAL A CB  1 
ATOM   718  C CG1 . VAL A 1 96  ? 4.266   9.974   7.891   1.00 17.93 ? 96  VAL A CG1 1 
ATOM   719  C CG2 . VAL A 1 96  ? 3.817   9.378   5.492   1.00 16.20 ? 96  VAL A CG2 1 
ATOM   720  N N   . ASP A 1 97  ? 1.697   8.600   9.660   1.00 17.95 ? 97  ASP A N   1 
ATOM   721  C CA  . ASP A 1 97  ? 1.141   8.904   10.995  1.00 18.83 ? 97  ASP A CA  1 
ATOM   722  C C   . ASP A 1 97  ? 1.979   9.968   11.723  1.00 20.84 ? 97  ASP A C   1 
ATOM   723  O O   . ASP A 1 97  ? 3.149   9.721   12.048  1.00 20.22 ? 97  ASP A O   1 
ATOM   724  C CB  . ASP A 1 97  ? 1.111   7.625   11.843  1.00 20.64 ? 97  ASP A CB  1 
ATOM   725  C CG  . ASP A 1 97  ? 0.265   7.753   13.103  1.00 22.39 ? 97  ASP A CG  1 
ATOM   726  O OD1 . ASP A 1 97  ? 0.194   8.833   13.724  1.00 22.27 ? 97  ASP A OD1 1 
ATOM   727  O OD2 . ASP A 1 97  ? -0.345  6.736   13.483  1.00 28.57 ? 97  ASP A OD2 1 
ATOM   728  N N   . LYS A 1 98  ? 1.366   11.107  12.037  1.00 22.10 ? 98  LYS A N   1 
ATOM   729  C CA  . LYS A 1 98  ? 2.063   12.202  12.720  1.00 22.99 ? 98  LYS A CA  1 
ATOM   730  C C   . LYS A 1 98  ? 2.643   11.822  14.105  1.00 24.26 ? 98  LYS A C   1 
ATOM   731  O O   . LYS A 1 98  ? 3.549   12.482  14.612  1.00 26.22 ? 98  LYS A O   1 
ATOM   732  C CB  . LYS A 1 98  ? 1.141   13.413  12.863  1.00 20.30 ? 98  LYS A CB  1 
ATOM   733  C CG  . LYS A 1 98  ? 0.138   13.267  13.968  1.00 21.07 ? 98  LYS A CG  1 
ATOM   734  C CD  . LYS A 1 98  ? -0.746  14.460  14.041  1.00 21.85 ? 98  LYS A CD  1 
ATOM   735  C CE  . LYS A 1 98  ? -1.624  14.363  15.249  1.00 22.14 ? 98  LYS A CE  1 
ATOM   736  N NZ  . LYS A 1 98  ? -2.487  15.565  15.259  1.00 27.42 ? 98  LYS A NZ  1 
ATOM   737  N N   . ARG A 1 99  ? 2.107   10.787  14.731  1.00 22.64 ? 99  ARG A N   1 
ATOM   738  C CA  . ARG A 1 99  ? 2.614   10.359  16.027  1.00 23.00 ? 99  ARG A CA  1 
ATOM   739  C C   . ARG A 1 99  ? 3.904   9.543   15.883  1.00 23.35 ? 99  ARG A C   1 
ATOM   740  O O   . ARG A 1 99  ? 4.666   9.406   16.840  1.00 25.00 ? 99  ARG A O   1 
ATOM   741  C CB  . ARG A 1 99  ? 1.534   9.564   16.747  1.00 22.72 ? 99  ARG A CB  1 
ATOM   742  C CG  . ARG A 1 99  ? 0.234   10.359  16.862  1.00 24.10 ? 99  ARG A CG  1 
ATOM   743  C CD  . ARG A 1 99  ? -0.929  9.490   17.323  1.00 23.79 ? 99  ARG A CD  1 
ATOM   744  N NE  . ARG A 1 99  ? -1.144  8.389   16.384  1.00 27.08 ? 99  ARG A NE  1 
ATOM   745  C CZ  . ARG A 1 99  ? -2.063  7.431   16.520  1.00 27.68 ? 99  ARG A CZ  1 
ATOM   746  N NH1 . ARG A 1 99  ? -2.888  7.408   17.564  1.00 27.67 ? 99  ARG A NH1 1 
ATOM   747  N NH2 . ARG A 1 99  ? -2.144  6.479   15.602  1.00 27.09 ? 99  ARG A NH2 1 
ATOM   748  N N   . SER A 1 100 ? 4.168   9.033   14.682  1.00 21.21 ? 100 SER A N   1 
ATOM   749  C CA  . SER A 1 100 ? 5.369   8.229   14.425  1.00 23.02 ? 100 SER A CA  1 
ATOM   750  C C   . SER A 1 100 ? 6.433   8.949   13.597  1.00 20.78 ? 100 SER A C   1 
ATOM   751  O O   . SER A 1 100 ? 7.620   8.665   13.718  1.00 23.02 ? 100 SER A O   1 
ATOM   752  C CB  . SER A 1 100 ? 4.995   6.908   13.722  1.00 24.63 ? 100 SER A CB  1 
ATOM   753  O OG  . SER A 1 100 ? 4.093   6.155   14.513  1.00 30.80 ? 100 SER A OG  1 
ATOM   754  N N   . HIS A 1 101 ? 6.022   9.822   12.692  1.00 19.86 ? 101 HIS A N   1 
ATOM   755  C CA  . HIS A 1 101 ? 6.985   10.542  11.874  1.00 21.73 ? 101 HIS A CA  1 
ATOM   756  C C   . HIS A 1 101 ? 6.420   11.924  11.651  1.00 23.53 ? 101 HIS A C   1 
ATOM   757  O O   . HIS A 1 101 ? 5.207   12.056  11.441  1.00 23.34 ? 101 HIS A O   1 
ATOM   758  C CB  . HIS A 1 101 ? 7.165   9.873   10.509  1.00 23.66 ? 101 HIS A CB  1 
ATOM   759  C CG  . HIS A 1 101 ? 7.583   8.440   10.583  1.00 26.27 ? 101 HIS A CG  1 
ATOM   760  N ND1 . HIS A 1 101 ? 8.907   8.048   10.554  1.00 28.86 ? 101 HIS A ND1 1 
ATOM   761  C CD2 . HIS A 1 101 ? 6.856   7.303   10.680  1.00 25.69 ? 101 HIS A CD2 1 
ATOM   762  C CE1 . HIS A 1 101 ? 8.977   6.731   10.627  1.00 27.99 ? 101 HIS A CE1 1 
ATOM   763  N NE2 . HIS A 1 101 ? 7.745   6.256   10.707  1.00 28.15 ? 101 HIS A NE2 1 
ATOM   764  N N   . LYS A 1 102 ? 7.266   12.953  11.704  1.00 23.01 ? 102 LYS A N   1 
ATOM   765  C CA  . LYS A 1 102 ? 6.768   14.293  11.446  1.00 21.24 ? 102 LYS A CA  1 
ATOM   766  C C   . LYS A 1 102 ? 6.480   14.349  9.933   1.00 18.91 ? 102 LYS A C   1 
ATOM   767  O O   . LYS A 1 102 ? 7.361   14.103  9.112   1.00 19.47 ? 102 LYS A O   1 
ATOM   768  C CB  . LYS A 1 102 ? 7.793   15.353  11.829  1.00 24.71 ? 102 LYS A CB  1 
ATOM   769  C CG  . LYS A 1 102 ? 7.193   16.737  11.748  1.00 25.70 ? 102 LYS A CG  1 
ATOM   770  C CD  . LYS A 1 102 ? 8.227   17.784  11.569  1.00 30.81 ? 102 LYS A CD  1 
ATOM   771  C CE  . LYS A 1 102 ? 7.552   19.105  11.317  1.00 32.62 ? 102 LYS A CE  1 
ATOM   772  N NZ  . LYS A 1 102 ? 7.106   19.166  9.900   1.00 35.59 ? 102 LYS A NZ  1 
ATOM   773  N N   . PRO A 1 103 ? 5.228   14.627  9.547   1.00 21.48 ? 103 PRO A N   1 
ATOM   774  C CA  . PRO A 1 103 ? 4.904   14.679  8.118   1.00 20.94 ? 103 PRO A CA  1 
ATOM   775  C C   . PRO A 1 103 ? 5.608   15.795  7.381   1.00 20.74 ? 103 PRO A C   1 
ATOM   776  O O   . PRO A 1 103 ? 5.724   16.906  7.891   1.00 24.08 ? 103 PRO A O   1 
ATOM   777  C CB  . PRO A 1 103 ? 3.393   14.899  8.110   1.00 22.29 ? 103 PRO A CB  1 
ATOM   778  C CG  . PRO A 1 103 ? 2.945   14.360  9.462   1.00 23.53 ? 103 PRO A CG  1 
ATOM   779  C CD  . PRO A 1 103 ? 4.029   14.858  10.370  1.00 20.93 ? 103 PRO A CD  1 
ATOM   780  N N   . GLN A 1 104 ? 6.079   15.488  6.181   1.00 21.02 ? 104 GLN A N   1 
ATOM   781  C CA  . GLN A 1 104 ? 6.764   16.456  5.333   1.00 23.92 ? 104 GLN A CA  1 
ATOM   782  C C   . GLN A 1 104 ? 5.987   16.729  4.052   1.00 24.59 ? 104 GLN A C   1 
ATOM   783  O O   . GLN A 1 104 ? 5.301   15.840  3.540   1.00 25.31 ? 104 GLN A O   1 
ATOM   784  C CB  . GLN A 1 104 ? 8.134   15.926  4.948   1.00 23.31 ? 104 GLN A CB  1 
ATOM   785  C CG  . GLN A 1 104 ? 8.978   15.547  6.124   1.00 26.82 ? 104 GLN A CG  1 
ATOM   786  C CD  . GLN A 1 104 ? 10.223  14.831  5.702   1.00 30.83 ? 104 GLN A CD  1 
ATOM   787  O OE1 . GLN A 1 104 ? 10.724  15.027  4.590   1.00 32.60 ? 104 GLN A OE1 1 
ATOM   788  N NE2 . GLN A 1 104 ? 10.740  13.982  6.582   1.00 34.79 ? 104 GLN A NE2 1 
ATOM   789  N N   . GLY A 1 105 ? 6.139   17.948  3.533   1.00 22.10 ? 105 GLY A N   1 
ATOM   790  C CA  . GLY A 1 105 ? 5.494   18.364  2.298   1.00 20.67 ? 105 GLY A CA  1 
ATOM   791  C C   . GLY A 1 105 ? 3.994   18.574  2.355   1.00 19.61 ? 105 GLY A C   1 
ATOM   792  O O   . GLY A 1 105 ? 3.385   18.531  3.430   1.00 20.68 ? 105 GLY A O   1 
ATOM   793  N N   . THR A 1 106 ? 3.410   18.892  1.203   1.00 22.22 ? 106 THR A N   1 
ATOM   794  C CA  . THR A 1 106 ? 1.956   19.081  1.095   1.00 24.14 ? 106 THR A CA  1 
ATOM   795  C C   . THR A 1 106 ? 1.326   17.678  1.079   1.00 22.20 ? 106 THR A C   1 
ATOM   796  O O   . THR A 1 106 ? 2.003   16.708  0.703   1.00 23.58 ? 106 THR A O   1 
ATOM   797  C CB  . THR A 1 106 ? 1.580   19.834  -0.198  1.00 26.43 ? 106 THR A CB  1 
ATOM   798  O OG1 . THR A 1 106 ? 2.163   19.172  -1.330  1.00 25.76 ? 106 THR A OG1 1 
ATOM   799  C CG2 . THR A 1 106 ? 2.090   21.285  -0.147  1.00 27.61 ? 106 THR A CG2 1 
ATOM   800  N N   . TRP A 1 107 ? 0.046   17.571  1.439   1.00 23.07 ? 107 TRP A N   1 
ATOM   801  C CA  . TRP A 1 107 ? -0.641  16.277  1.504   1.00 20.07 ? 107 TRP A CA  1 
ATOM   802  C C   . TRP A 1 107 ? -0.702  15.420  0.230   1.00 21.78 ? 107 TRP A C   1 
ATOM   803  O O   . TRP A 1 107 ? -0.881  14.191  0.309   1.00 20.07 ? 107 TRP A O   1 
ATOM   804  C CB  . TRP A 1 107 ? -2.039  16.464  2.051   1.00 20.11 ? 107 TRP A CB  1 
ATOM   805  C CG  . TRP A 1 107 ? -2.971  17.063  1.060   1.00 24.83 ? 107 TRP A CG  1 
ATOM   806  C CD1 . TRP A 1 107 ? -3.151  18.380  0.813   1.00 26.14 ? 107 TRP A CD1 1 
ATOM   807  C CD2 . TRP A 1 107 ? -3.862  16.361  0.175   1.00 27.25 ? 107 TRP A CD2 1 
ATOM   808  N NE1 . TRP A 1 107 ? -4.094  18.558  -0.169  1.00 28.78 ? 107 TRP A NE1 1 
ATOM   809  C CE2 . TRP A 1 107 ? -4.550  17.336  -0.580  1.00 28.49 ? 107 TRP A CE2 1 
ATOM   810  C CE3 . TRP A 1 107 ? -4.145  15.005  -0.056  1.00 26.76 ? 107 TRP A CE3 1 
ATOM   811  C CZ2 . TRP A 1 107 ? -5.502  17.004  -1.548  1.00 27.83 ? 107 TRP A CZ2 1 
ATOM   812  C CZ3 . TRP A 1 107 ? -5.089  14.674  -1.018  1.00 27.73 ? 107 TRP A CZ3 1 
ATOM   813  C CH2 . TRP A 1 107 ? -5.757  15.672  -1.753  1.00 26.78 ? 107 TRP A CH2 1 
ATOM   814  N N   . ASN A 1 108 ? -0.533  16.046  -0.934  1.00 21.30 ? 108 ASN A N   1 
ATOM   815  C CA  . ASN A 1 108 ? -0.614  15.328  -2.209  1.00 22.84 ? 108 ASN A CA  1 
ATOM   816  C C   . ASN A 1 108 ? 0.529   15.571  -3.189  1.00 21.83 ? 108 ASN A C   1 
ATOM   817  O O   . ASN A 1 108 ? 0.338   15.450  -4.400  1.00 23.20 ? 108 ASN A O   1 
ATOM   818  C CB  . ASN A 1 108 ? -1.958  15.638  -2.904  1.00 25.43 ? 108 ASN A CB  1 
ATOM   819  C CG  . ASN A 1 108 ? -2.147  17.145  -3.257  1.00 27.04 ? 108 ASN A CG  1 
ATOM   820  O OD1 . ASN A 1 108 ? -3.203  17.533  -3.740  1.00 31.15 ? 108 ASN A OD1 1 
ATOM   821  N ND2 . ASN A 1 108 ? -1.138  17.968  -3.030  1.00 22.51 ? 108 ASN A ND2 1 
ATOM   822  N N   . GLY A 1 109 ? 1.723   15.852  -2.679  1.00 20.39 ? 109 GLY A N   1 
ATOM   823  C CA  . GLY A 1 109 ? 2.858   16.138  -3.559  1.00 20.39 ? 109 GLY A CA  1 
ATOM   824  C C   . GLY A 1 109 ? 3.986   15.127  -3.539  1.00 20.64 ? 109 GLY A C   1 
ATOM   825  O O   . GLY A 1 109 ? 3.917   14.120  -2.828  1.00 19.02 ? 109 GLY A O   1 
ATOM   826  N N   . GLU A 1 110 ? 5.051   15.421  -4.278  1.00 20.37 ? 110 GLU A N   1 
ATOM   827  C CA  . GLU A 1 110 ? 6.197   14.521  -4.388  1.00 22.53 ? 110 GLU A CA  1 
ATOM   828  C C   . GLU A 1 110 ? 6.949   14.259  -3.073  1.00 22.10 ? 110 GLU A C   1 
ATOM   829  O O   . GLU A 1 110 ? 7.387   13.138  -2.808  1.00 22.11 ? 110 GLU A O   1 
ATOM   830  C CB  . GLU A 1 110 ? 7.150   15.033  -5.455  1.00 22.47 ? 110 GLU A CB  1 
ATOM   831  C CG  . GLU A 1 110 ? 8.230   14.069  -5.801  1.00 29.10 ? 110 GLU A CG  1 
ATOM   832  C CD  . GLU A 1 110 ? 9.161   14.620  -6.862  1.00 33.85 ? 110 GLU A CD  1 
ATOM   833  O OE1 . GLU A 1 110 ? 8.696   15.451  -7.675  1.00 34.70 ? 110 GLU A OE1 1 
ATOM   834  O OE2 . GLU A 1 110 ? 10.357  14.232  -6.877  1.00 36.32 ? 110 GLU A OE2 1 
ATOM   835  N N   . VAL A 1 111 ? 7.081   15.293  -2.249  1.00 20.84 ? 111 VAL A N   1 
ATOM   836  C CA  . VAL A 1 111 ? 7.748   15.176  -0.953  1.00 19.67 ? 111 VAL A CA  1 
ATOM   837  C C   . VAL A 1 111 ? 6.998   14.181  -0.059  1.00 18.78 ? 111 VAL A C   1 
ATOM   838  O O   . VAL A 1 111 ? 7.623   13.320  0.576   1.00 19.43 ? 111 VAL A O   1 
ATOM   839  C CB  . VAL A 1 111 ? 7.843   16.550  -0.246  1.00 16.50 ? 111 VAL A CB  1 
ATOM   840  C CG1 . VAL A 1 111 ? 8.349   16.381  1.185   1.00 16.96 ? 111 VAL A CG1 1 
ATOM   841  C CG2 . VAL A 1 111 ? 8.753   17.460  -1.050  1.00 18.88 ? 111 VAL A CG2 1 
ATOM   842  N N   . HIS A 1 112 ? 5.672   14.307  0.005   1.00 16.12 ? 112 HIS A N   1 
ATOM   843  C CA  . HIS A 1 112 ? 4.876   13.390  0.821   1.00 15.97 ? 112 HIS A CA  1 
ATOM   844  C C   . HIS A 1 112 ? 5.006   11.947  0.348   1.00 16.60 ? 112 HIS A C   1 
ATOM   845  O O   . HIS A 1 112 ? 5.214   11.044  1.164   1.00 16.55 ? 112 HIS A O   1 
ATOM   846  C CB  . HIS A 1 112 ? 3.386   13.752  0.832   1.00 16.66 ? 112 HIS A CB  1 
ATOM   847  C CG  . HIS A 1 112 ? 2.514   12.631  1.317   1.00 15.96 ? 112 HIS A CG  1 
ATOM   848  N ND1 . HIS A 1 112 ? 2.521   12.204  2.628   1.00 16.56 ? 112 HIS A ND1 1 
ATOM   849  C CD2 . HIS A 1 112 ? 1.718   11.766  0.646   1.00 16.15 ? 112 HIS A CD2 1 
ATOM   850  C CE1 . HIS A 1 112 ? 1.788   11.113  2.742   1.00 17.51 ? 112 HIS A CE1 1 
ATOM   851  N NE2 . HIS A 1 112 ? 1.294   10.823  1.551   1.00 16.75 ? 112 HIS A NE2 1 
ATOM   852  N N   . ILE A 1 113 ? 4.810   11.730  -0.956  1.00 17.53 ? 113 ILE A N   1 
ATOM   853  C CA  . ILE A 1 113 ? 4.886   10.388  -1.553  1.00 17.75 ? 113 ILE A CA  1 
ATOM   854  C C   . ILE A 1 113 ? 6.279   9.776   -1.351  1.00 17.71 ? 113 ILE A C   1 
ATOM   855  O O   . ILE A 1 113 ? 6.373   8.588   -1.048  1.00 17.61 ? 113 ILE A O   1 
ATOM   856  C CB  . ILE A 1 113 ? 4.408   10.390  -3.048  1.00 17.80 ? 113 ILE A CB  1 
ATOM   857  C CG1 . ILE A 1 113 ? 2.920   10.788  -3.095  1.00 16.36 ? 113 ILE A CG1 1 
ATOM   858  C CG2 . ILE A 1 113 ? 4.622   9.018   -3.704  1.00 14.64 ? 113 ILE A CG2 1 
ATOM   859  C CD1 . ILE A 1 113 ? 2.344   10.908  -4.512  1.00 19.99 ? 113 ILE A CD1 1 
ATOM   860  N N   . THR A 1 114 ? 7.340   10.588  -1.457  1.00 16.92 ? 114 THR A N   1 
ATOM   861  C CA  . THR A 1 114 ? 8.710   10.121  -1.228  1.00 15.62 ? 114 THR A CA  1 
ATOM   862  C C   . THR A 1 114 ? 8.862   9.695   0.243   1.00 15.93 ? 114 THR A C   1 
ATOM   863  O O   . THR A 1 114 ? 9.470   8.658   0.513   1.00 15.51 ? 114 THR A O   1 
ATOM   864  C CB  . THR A 1 114 ? 9.761   11.198  -1.579  1.00 17.22 ? 114 THR A CB  1 
ATOM   865  O OG1 . THR A 1 114 ? 9.655   11.521  -2.968  1.00 18.80 ? 114 THR A OG1 1 
ATOM   866  C CG2 . THR A 1 114 ? 11.177  10.691  -1.306  1.00 16.11 ? 114 THR A CG2 1 
ATOM   867  N N   . GLN A 1 115 ? 8.293   10.464  1.185   1.00 14.82 ? 115 GLN A N   1 
ATOM   868  C CA  . GLN A 1 115 ? 8.364   10.105  2.603   1.00 14.81 ? 115 GLN A CA  1 
ATOM   869  C C   . GLN A 1 115 ? 7.631   8.775   2.890   1.00 18.08 ? 115 GLN A C   1 
ATOM   870  O O   . GLN A 1 115 ? 8.205   7.884   3.539   1.00 15.66 ? 115 GLN A O   1 
ATOM   871  C CB  . GLN A 1 115 ? 7.815   11.209  3.529   1.00 12.96 ? 115 GLN A CB  1 
ATOM   872  C CG  . GLN A 1 115 ? 7.850   10.804  5.021   1.00 15.33 ? 115 GLN A CG  1 
ATOM   873  C CD  . GLN A 1 115 ? 7.322   11.868  5.965   1.00 17.41 ? 115 GLN A CD  1 
ATOM   874  O OE1 . GLN A 1 115 ? 6.371   12.573  5.655   1.00 20.80 ? 115 GLN A OE1 1 
ATOM   875  N NE2 . GLN A 1 115 ? 7.926   11.968  7.138   1.00 18.06 ? 115 GLN A NE2 1 
ATOM   876  N N   . GLY A 1 116 ? 6.377   8.643   2.431   1.00 17.04 ? 116 GLY A N   1 
ATOM   877  C CA  . GLY A 1 116 ? 5.625   7.412   2.648   1.00 16.45 ? 116 GLY A CA  1 
ATOM   878  C C   . GLY A 1 116 ? 6.311   6.195   2.027   1.00 15.52 ? 116 GLY A C   1 
ATOM   879  O O   . GLY A 1 116 ? 6.375   5.141   2.656   1.00 17.15 ? 116 GLY A O   1 
ATOM   880  N N   . THR A 1 117 ? 6.853   6.347   0.811   1.00 14.22 ? 117 THR A N   1 
ATOM   881  C CA  . THR A 1 117 ? 7.536   5.255   0.121   1.00 15.44 ? 117 THR A CA  1 
ATOM   882  C C   . THR A 1 117 ? 8.845   4.880   0.819   1.00 17.22 ? 117 THR A C   1 
ATOM   883  O O   . THR A 1 117 ? 9.197   3.708   0.868   1.00 17.69 ? 117 THR A O   1 
ATOM   884  C CB  . THR A 1 117 ? 7.795   5.591   -1.365  1.00 15.17 ? 117 THR A CB  1 
ATOM   885  O OG1 . THR A 1 117 ? 6.557   5.978   -1.975  1.00 16.89 ? 117 THR A OG1 1 
ATOM   886  C CG2 . THR A 1 117 ? 8.322   4.377   -2.119  1.00 14.98 ? 117 THR A CG2 1 
ATOM   887  N N   . THR A 1 118 ? 9.579   5.869   1.325   1.00 19.21 ? 118 THR A N   1 
ATOM   888  C CA  . THR A 1 118 ? 10.817  5.601   2.051   1.00 18.81 ? 118 THR A CA  1 
ATOM   889  C C   . THR A 1 118 ? 10.467  4.797   3.318   1.00 16.28 ? 118 THR A C   1 
ATOM   890  O O   . THR A 1 118 ? 11.162  3.833   3.626   1.00 17.51 ? 118 THR A O   1 
ATOM   891  C CB  . THR A 1 118 ? 11.573  6.922   2.386   1.00 19.35 ? 118 THR A CB  1 
ATOM   892  O OG1 . THR A 1 118 ? 11.988  7.533   1.164   1.00 20.18 ? 118 THR A OG1 1 
ATOM   893  C CG2 . THR A 1 118 ? 12.814  6.666   3.249   1.00 20.74 ? 118 THR A CG2 1 
ATOM   894  N N   . ILE A 1 119 ? 9.382   5.159   4.016   1.00 15.54 ? 119 ILE A N   1 
ATOM   895  C CA  . ILE A 1 119 ? 8.931   4.427   5.214   1.00 17.14 ? 119 ILE A CA  1 
ATOM   896  C C   . ILE A 1 119 ? 8.634   2.958   4.832   1.00 18.50 ? 119 ILE A C   1 
ATOM   897  O O   . ILE A 1 119 ? 8.991   2.034   5.579   1.00 17.38 ? 119 ILE A O   1 
ATOM   898  C CB  . ILE A 1 119 ? 7.706   5.120   5.895   1.00 15.86 ? 119 ILE A CB  1 
ATOM   899  C CG1 . ILE A 1 119 ? 8.187   6.398   6.627   1.00 17.42 ? 119 ILE A CG1 1 
ATOM   900  C CG2 . ILE A 1 119 ? 6.987   4.160   6.847   1.00 17.04 ? 119 ILE A CG2 1 
ATOM   901  C CD1 . ILE A 1 119 ? 7.108   7.430   6.999   1.00 14.70 ? 119 ILE A CD1 1 
ATOM   902  N N   . LEU A 1 120 ? 8.025   2.758   3.655   1.00 20.03 ? 120 LEU A N   1 
ATOM   903  C CA  . LEU A 1 120 ? 7.729   1.416   3.125   1.00 18.71 ? 120 LEU A CA  1 
ATOM   904  C C   . LEU A 1 120 ? 9.023   0.630   2.847   1.00 16.65 ? 120 LEU A C   1 
ATOM   905  O O   . LEU A 1 120 ? 9.121   -0.517  3.295   1.00 16.30 ? 120 LEU A O   1 
ATOM   906  C CB  . LEU A 1 120 ? 6.869   1.461   1.845   1.00 17.86 ? 120 LEU A CB  1 
ATOM   907  C CG  . LEU A 1 120 ? 6.665   0.117   1.112   1.00 17.05 ? 120 LEU A CG  1 
ATOM   908  C CD1 . LEU A 1 120 ? 5.774   -0.807  1.939   1.00 17.75 ? 120 LEU A CD1 1 
ATOM   909  C CD2 . LEU A 1 120 ? 6.054   0.365   -0.262  1.00 18.38 ? 120 LEU A CD2 1 
ATOM   910  N N   . THR A 1 121 ? 9.999   1.227   2.137   1.00 16.30 ? 121 THR A N   1 
ATOM   911  C CA  . THR A 1 121 ? 11.275  0.545   1.842   1.00 20.01 ? 121 THR A CA  1 
ATOM   912  C C   . THR A 1 121 ? 12.063  0.208   3.112   1.00 21.15 ? 121 THR A C   1 
ATOM   913  O O   . THR A 1 121 ? 12.835  -0.753  3.121   1.00 23.94 ? 121 THR A O   1 
ATOM   914  C CB  . THR A 1 121 ? 12.203  1.289   0.839   1.00 20.05 ? 121 THR A CB  1 
ATOM   915  O OG1 . THR A 1 121 ? 12.540  2.588   1.330   1.00 24.21 ? 121 THR A OG1 1 
ATOM   916  C CG2 . THR A 1 121 ? 11.533  1.409   -0.512  1.00 22.77 ? 121 THR A CG2 1 
ATOM   917  N N   . ASP A 1 122 ? 11.855  0.978   4.182   1.00 19.75 ? 122 ASP A N   1 
ATOM   918  C CA  . ASP A 1 122 ? 12.506  0.694   5.466   1.00 22.28 ? 122 ASP A CA  1 
ATOM   919  C C   . ASP A 1 122 ? 11.883  -0.576  6.052   1.00 20.81 ? 122 ASP A C   1 
ATOM   920  O O   . ASP A 1 122 ? 12.593  -1.418  6.615   1.00 21.12 ? 122 ASP A O   1 
ATOM   921  C CB  . ASP A 1 122 ? 12.349  1.855   6.460   1.00 26.10 ? 122 ASP A CB  1 
ATOM   922  C CG  . ASP A 1 122 ? 13.275  3.047   6.149   1.00 31.42 ? 122 ASP A CG  1 
ATOM   923  O OD1 . ASP A 1 122 ? 14.225  2.948   5.315   1.00 32.85 ? 122 ASP A OD1 1 
ATOM   924  O OD2 . ASP A 1 122 ? 13.028  4.106   6.767   1.00 35.39 ? 122 ASP A OD2 1 
ATOM   925  N N   . PHE A 1 123 ? 10.558  -0.704  5.956   1.00 16.98 ? 123 PHE A N   1 
ATOM   926  C CA  . PHE A 1 123 ? 9.896   -1.917  6.441   1.00 17.63 ? 123 PHE A CA  1 
ATOM   927  C C   . PHE A 1 123 ? 10.287  -3.151  5.596   1.00 18.11 ? 123 PHE A C   1 
ATOM   928  O O   . PHE A 1 123 ? 10.483  -4.236  6.151   1.00 20.18 ? 123 PHE A O   1 
ATOM   929  C CB  . PHE A 1 123 ? 8.383   -1.740  6.472   1.00 16.84 ? 123 PHE A CB  1 
ATOM   930  C CG  . PHE A 1 123 ? 7.899   -0.973  7.659   1.00 18.36 ? 123 PHE A CG  1 
ATOM   931  C CD1 . PHE A 1 123 ? 8.127   -1.456  8.945   1.00 18.22 ? 123 PHE A CD1 1 
ATOM   932  C CD2 . PHE A 1 123 ? 7.187   0.207   7.493   1.00 18.44 ? 123 PHE A CD2 1 
ATOM   933  C CE1 . PHE A 1 123 ? 7.651   -0.785  10.050  1.00 18.40 ? 123 PHE A CE1 1 
ATOM   934  C CE2 . PHE A 1 123 ? 6.704   0.892   8.594   1.00 19.15 ? 123 PHE A CE2 1 
ATOM   935  C CZ  . PHE A 1 123 ? 6.933   0.393   9.877   1.00 19.69 ? 123 PHE A CZ  1 
ATOM   936  N N   . ILE A 1 124 ? 10.411  -2.983  4.273   1.00 16.29 ? 124 ILE A N   1 
ATOM   937  C CA  . ILE A 1 124 ? 10.813  -4.077  3.387   1.00 18.30 ? 124 ILE A CA  1 
ATOM   938  C C   . ILE A 1 124 ? 12.222  -4.529  3.772   1.00 22.41 ? 124 ILE A C   1 
ATOM   939  O O   . ILE A 1 124 ? 12.480  -5.732  3.866   1.00 22.34 ? 124 ILE A O   1 
ATOM   940  C CB  . ILE A 1 124 ? 10.827  -3.675  1.900   1.00 18.62 ? 124 ILE A CB  1 
ATOM   941  C CG1 . ILE A 1 124 ? 9.414   -3.316  1.424   1.00 19.71 ? 124 ILE A CG1 1 
ATOM   942  C CG2 . ILE A 1 124 ? 11.384  -4.819  1.057   1.00 20.19 ? 124 ILE A CG2 1 
ATOM   943  C CD1 . ILE A 1 124 ? 9.375   -2.726  0.020   1.00 18.40 ? 124 ILE A CD1 1 
ATOM   944  N N   . LYS A 1 125 ? 13.135  -3.575  3.986   1.00 23.59 ? 125 LYS A N   1 
ATOM   945  C CA  . LYS A 1 125 ? 14.504  -3.907  4.391   1.00 24.23 ? 125 LYS A CA  1 
ATOM   946  C C   . LYS A 1 125 ? 14.500  -4.636  5.737   1.00 21.05 ? 125 LYS A C   1 
ATOM   947  O O   . LYS A 1 125 ? 15.228  -5.595  5.911   1.00 22.80 ? 125 LYS A O   1 
ATOM   948  C CB  . LYS A 1 125 ? 15.393  -2.663  4.424   1.00 25.87 ? 125 LYS A CB  1 
ATOM   949  C CG  . LYS A 1 125 ? 15.780  -2.141  3.043   1.00 28.44 ? 125 LYS A CG  1 
ATOM   950  C CD  . LYS A 1 125 ? 16.447  -0.779  3.166   1.00 33.81 ? 125 LYS A CD  1 
ATOM   951  C CE  . LYS A 1 125 ? 16.923  -0.250  1.828   1.00 36.62 ? 125 LYS A CE  1 
ATOM   952  N NZ  . LYS A 1 125 ? 17.505  1.129   1.974   1.00 41.95 ? 125 LYS A NZ  1 
ATOM   953  N N   . ARG A 1 126 ? 13.638  -4.240  6.665   1.00 21.22 ? 126 ARG A N   1 
ATOM   954  C CA  . ARG A 1 126 ? 13.553  -4.947  7.946   1.00 25.82 ? 126 ARG A CA  1 
ATOM   955  C C   . ARG A 1 126 ? 13.112  -6.420  7.801   1.00 25.22 ? 126 ARG A C   1 
ATOM   956  O O   . ARG A 1 126 ? 13.616  -7.292  8.513   1.00 22.53 ? 126 ARG A O   1 
ATOM   957  C CB  . ARG A 1 126 ? 12.586  -4.262  8.906   1.00 28.61 ? 126 ARG A CB  1 
ATOM   958  C CG  . ARG A 1 126 ? 13.103  -3.024  9.536   1.00 37.14 ? 126 ARG A CG  1 
ATOM   959  C CD  . ARG A 1 126 ? 12.243  -2.723  10.723  1.00 43.71 ? 126 ARG A CD  1 
ATOM   960  N NE  . ARG A 1 126 ? 12.087  -1.293  10.905  1.00 49.54 ? 126 ARG A NE  1 
ATOM   961  C CZ  . ARG A 1 126 ? 11.231  -0.755  11.764  1.00 54.32 ? 126 ARG A CZ  1 
ATOM   962  N NH1 . ARG A 1 126 ? 10.463  -1.535  12.529  1.00 54.01 ? 126 ARG A NH1 1 
ATOM   963  N NH2 . ARG A 1 126 ? 11.156  0.568   11.863  1.00 56.08 ? 126 ARG A NH2 1 
ATOM   964  N N   . ILE A 1 127 ? 12.137  -6.679  6.925   1.00 23.64 ? 127 ILE A N   1 
ATOM   965  C CA  . ILE A 1 127 ? 11.626  -8.034  6.701   1.00 22.39 ? 127 ILE A CA  1 
ATOM   966  C C   . ILE A 1 127 ? 12.668  -8.907  5.986   1.00 21.70 ? 127 ILE A C   1 
ATOM   967  O O   . ILE A 1 127 ? 12.742  -10.118 6.219   1.00 21.24 ? 127 ILE A O   1 
ATOM   968  C CB  . ILE A 1 127 ? 10.262  -7.997  5.934   1.00 21.42 ? 127 ILE A CB  1 
ATOM   969  C CG1 . ILE A 1 127 ? 9.184   -7.358  6.822   1.00 21.64 ? 127 ILE A CG1 1 
ATOM   970  C CG2 . ILE A 1 127 ? 9.856   -9.386  5.453   1.00 21.54 ? 127 ILE A CG2 1 
ATOM   971  C CD1 . ILE A 1 127 ? 9.159   -7.826  8.272   1.00 20.50 ? 127 ILE A CD1 1 
ATOM   972  N N   . GLN A 1 128 ? 13.467  -8.284  5.121   1.00 22.10 ? 128 GLN A N   1 
ATOM   973  C CA  . GLN A 1 128 ? 14.535  -8.971  4.396   1.00 24.94 ? 128 GLN A CA  1 
ATOM   974  C C   . GLN A 1 128 ? 15.572  -9.514  5.389   1.00 27.85 ? 128 GLN A C   1 
ATOM   975  O O   . GLN A 1 128 ? 16.085  -10.628 5.230   1.00 30.38 ? 128 GLN A O   1 
ATOM   976  C CB  . GLN A 1 128 ? 15.238  -8.019  3.417   1.00 24.39 ? 128 GLN A CB  1 
ATOM   977  C CG  . GLN A 1 128 ? 14.412  -7.614  2.215   1.00 26.58 ? 128 GLN A CG  1 
ATOM   978  C CD  . GLN A 1 128 ? 15.183  -6.736  1.252   1.00 30.50 ? 128 GLN A CD  1 
ATOM   979  O OE1 . GLN A 1 128 ? 16.202  -6.149  1.614   1.00 33.08 ? 128 GLN A OE1 1 
ATOM   980  N NE2 . GLN A 1 128 ? 14.702  -6.637  0.016   1.00 32.25 ? 128 GLN A NE2 1 
ATOM   981  N N   . LYS A 1 129 ? 15.864  -8.736  6.423   1.00 28.51 ? 129 LYS A N   1 
ATOM   982  C CA  . LYS A 1 129 ? 16.837  -9.152  7.423   1.00 31.72 ? 129 LYS A CA  1 
ATOM   983  C C   . LYS A 1 129 ? 16.210  -10.138 8.405   1.00 29.45 ? 129 LYS A C   1 
ATOM   984  O O   . LYS A 1 129 ? 16.880  -11.038 8.905   1.00 29.94 ? 129 LYS A O   1 
ATOM   985  C CB  . LYS A 1 129 ? 17.423  -7.926  8.155   1.00 35.34 ? 129 LYS A CB  1 
ATOM   986  C CG  . LYS A 1 129 ? 18.033  -6.867  7.206   1.00 42.16 ? 129 LYS A CG  1 
ATOM   987  C CD  . LYS A 1 129 ? 18.833  -5.774  7.936   1.00 47.18 ? 129 LYS A CD  1 
ATOM   988  C CE  . LYS A 1 129 ? 18.876  -4.437  7.155   1.00 49.98 ? 129 LYS A CE  1 
ATOM   989  N NZ  . LYS A 1 129 ? 19.310  -4.525  5.723   1.00 52.52 ? 129 LYS A NZ  1 
ATOM   990  N N   . LYS A 1 130 ? 14.909  -10.010 8.633   1.00 25.88 ? 130 LYS A N   1 
ATOM   991  C CA  . LYS A 1 130 ? 14.208  -10.896 9.563   1.00 25.61 ? 130 LYS A CA  1 
ATOM   992  C C   . LYS A 1 130 ? 13.921  -12.293 8.971   1.00 26.23 ? 130 LYS A C   1 
ATOM   993  O O   . LYS A 1 130 ? 13.938  -13.295 9.694   1.00 25.71 ? 130 LYS A O   1 
ATOM   994  C CB  . LYS A 1 130 ? 12.917  -10.215 10.042  1.00 23.50 ? 130 LYS A CB  1 
ATOM   995  C CG  . LYS A 1 130 ? 12.183  -10.928 11.152  1.00 22.24 ? 130 LYS A CG  1 
ATOM   996  C CD  . LYS A 1 130 ? 11.024  -10.103 11.651  1.00 22.17 ? 130 LYS A CD  1 
ATOM   997  C CE  . LYS A 1 130 ? 10.237  -10.899 12.661  1.00 22.22 ? 130 LYS A CE  1 
ATOM   998  N NZ  . LYS A 1 130 ? 9.175   -10.097 13.303  1.00 21.65 ? 130 LYS A NZ  1 
ATOM   999  N N   . PHE A 1 131 ? 13.675  -12.357 7.661   1.00 23.22 ? 131 PHE A N   1 
ATOM   1000 C CA  . PHE A 1 131 ? 13.386  -13.612 6.977   1.00 22.28 ? 131 PHE A CA  1 
ATOM   1001 C C   . PHE A 1 131 ? 14.247  -13.722 5.726   1.00 21.81 ? 131 PHE A C   1 
ATOM   1002 O O   . PHE A 1 131 ? 13.752  -13.628 4.605   1.00 22.21 ? 131 PHE A O   1 
ATOM   1003 C CB  . PHE A 1 131 ? 11.907  -13.675 6.578   1.00 20.43 ? 131 PHE A CB  1 
ATOM   1004 C CG  . PHE A 1 131 ? 10.959  -13.647 7.737   1.00 20.40 ? 131 PHE A CG  1 
ATOM   1005 C CD1 . PHE A 1 131 ? 10.691  -14.800 8.463   1.00 20.46 ? 131 PHE A CD1 1 
ATOM   1006 C CD2 . PHE A 1 131 ? 10.306  -12.470 8.095   1.00 21.35 ? 131 PHE A CD2 1 
ATOM   1007 C CE1 . PHE A 1 131 ? 9.781   -14.785 9.530   1.00 20.17 ? 131 PHE A CE1 1 
ATOM   1008 C CE2 . PHE A 1 131 ? 9.386   -12.447 9.175   1.00 19.83 ? 131 PHE A CE2 1 
ATOM   1009 C CZ  . PHE A 1 131 ? 9.136   -13.608 9.879   1.00 19.43 ? 131 PHE A CZ  1 
ATOM   1010 N N   . PRO A 1 132 ? 15.535  -14.018 5.896   1.00 23.19 ? 132 PRO A N   1 
ATOM   1011 C CA  . PRO A 1 132 ? 16.481  -14.149 4.776   1.00 24.94 ? 132 PRO A CA  1 
ATOM   1012 C C   . PRO A 1 132 ? 16.148  -15.271 3.800   1.00 24.87 ? 132 PRO A C   1 
ATOM   1013 O O   . PRO A 1 132 ? 16.543  -15.218 2.649   1.00 27.93 ? 132 PRO A O   1 
ATOM   1014 C CB  . PRO A 1 132 ? 17.818  -14.437 5.474   1.00 26.03 ? 132 PRO A CB  1 
ATOM   1015 C CG  . PRO A 1 132 ? 17.590  -14.099 6.906   1.00 26.72 ? 132 PRO A CG  1 
ATOM   1016 C CD  . PRO A 1 132 ? 16.156  -14.418 7.164   1.00 24.74 ? 132 PRO A CD  1 
ATOM   1017 N N   . SER A 1 133 ? 15.461  -16.304 4.291   1.00 28.88 ? 133 SER A N   1 
ATOM   1018 C CA  . SER A 1 133 ? 15.054  -17.475 3.497   1.00 29.24 ? 133 SER A CA  1 
ATOM   1019 C C   . SER A 1 133 ? 13.939  -17.175 2.473   1.00 27.78 ? 133 SER A C   1 
ATOM   1020 O O   . SER A 1 133 ? 13.848  -17.841 1.443   1.00 27.31 ? 133 SER A O   1 
ATOM   1021 C CB  . SER A 1 133 ? 14.581  -18.607 4.422   1.00 30.99 ? 133 SER A CB  1 
ATOM   1022 O OG  . SER A 1 133 ? 15.629  -19.065 5.264   1.00 38.09 ? 133 SER A OG  1 
ATOM   1023 N N   . TRP A 1 134 ? 13.073  -16.210 2.776   1.00 24.83 ? 134 TRP A N   1 
ATOM   1024 C CA  . TRP A 1 134 ? 11.988  -15.845 1.864   1.00 22.17 ? 134 TRP A CA  1 
ATOM   1025 C C   . TRP A 1 134 ? 12.535  -15.338 0.544   1.00 22.44 ? 134 TRP A C   1 
ATOM   1026 O O   . TRP A 1 134 ? 13.680  -14.875 0.471   1.00 26.07 ? 134 TRP A O   1 
ATOM   1027 C CB  . TRP A 1 134 ? 11.107  -14.725 2.469   1.00 20.60 ? 134 TRP A CB  1 
ATOM   1028 C CG  . TRP A 1 134 ? 10.279  -15.104 3.684   1.00 19.79 ? 134 TRP A CG  1 
ATOM   1029 C CD1 . TRP A 1 134 ? 10.316  -16.283 4.378   1.00 20.71 ? 134 TRP A CD1 1 
ATOM   1030 C CD2 . TRP A 1 134 ? 9.283   -14.290 4.331   1.00 19.25 ? 134 TRP A CD2 1 
ATOM   1031 N NE1 . TRP A 1 134 ? 9.401   -16.253 5.413   1.00 20.88 ? 134 TRP A NE1 1 
ATOM   1032 C CE2 . TRP A 1 134 ? 8.759   -15.042 5.406   1.00 19.32 ? 134 TRP A CE2 1 
ATOM   1033 C CE3 . TRP A 1 134 ? 8.786   -13.002 4.106   1.00 18.07 ? 134 TRP A CE3 1 
ATOM   1034 C CZ2 . TRP A 1 134 ? 7.765   -14.549 6.249   1.00 17.52 ? 134 TRP A CZ2 1 
ATOM   1035 C CZ3 . TRP A 1 134 ? 7.792   -12.513 4.951   1.00 18.69 ? 134 TRP A CZ3 1 
ATOM   1036 C CH2 . TRP A 1 134 ? 7.295   -13.285 6.004   1.00 18.62 ? 134 TRP A CH2 1 
ATOM   1037 N N   . THR A 1 135 ? 11.722  -15.409 -0.503  1.00 23.77 ? 135 THR A N   1 
ATOM   1038 C CA  . THR A 1 135 ? 12.127  -14.883 -1.808  1.00 24.52 ? 135 THR A CA  1 
ATOM   1039 C C   . THR A 1 135 ? 11.906  -13.359 -1.742  1.00 24.23 ? 135 THR A C   1 
ATOM   1040 O O   . THR A 1 135 ? 11.200  -12.867 -0.847  1.00 23.77 ? 135 THR A O   1 
ATOM   1041 C CB  . THR A 1 135 ? 11.247  -15.463 -2.942  1.00 25.68 ? 135 THR A CB  1 
ATOM   1042 O OG1 . THR A 1 135 ? 9.888   -15.033 -2.759  1.00 25.97 ? 135 THR A OG1 1 
ATOM   1043 C CG2 . THR A 1 135 ? 11.297  -16.988 -2.940  1.00 26.21 ? 135 THR A CG2 1 
ATOM   1044 N N   . LYS A 1 136 ? 12.472  -12.615 -2.684  1.00 23.11 ? 136 LYS A N   1 
ATOM   1045 C CA  . LYS A 1 136 ? 12.295  -11.166 -2.688  1.00 24.28 ? 136 LYS A CA  1 
ATOM   1046 C C   . LYS A 1 136 ? 10.813  -10.750 -2.715  1.00 24.14 ? 136 LYS A C   1 
ATOM   1047 O O   . LYS A 1 136 ? 10.403  -9.836  -1.997  1.00 21.64 ? 136 LYS A O   1 
ATOM   1048 C CB  . LYS A 1 136 ? 13.050  -10.543 -3.864  1.00 24.64 ? 136 LYS A CB  1 
ATOM   1049 C CG  . LYS A 1 136 ? 14.563  -10.400 -3.619  1.00 30.09 ? 136 LYS A CG  1 
ATOM   1050 C CD  . LYS A 1 136 ? 15.289  -9.875  -4.861  1.00 32.20 ? 136 LYS A CD  1 
ATOM   1051 C CE  . LYS A 1 136 ? 14.534  -8.690  -5.456  1.00 34.37 ? 136 LYS A CE  1 
ATOM   1052 N NZ  . LYS A 1 136 ? 15.019  -8.293  -6.806  1.00 35.24 ? 136 LYS A NZ  1 
ATOM   1053 N N   . ASP A 1 137 ? 10.006  -11.452 -3.503  1.00 24.04 ? 137 ASP A N   1 
ATOM   1054 C CA  . ASP A 1 137 ? 8.580   -11.141 -3.627  1.00 23.14 ? 137 ASP A CA  1 
ATOM   1055 C C   . ASP A 1 137 ? 7.839   -11.390 -2.323  1.00 21.72 ? 137 ASP A C   1 
ATOM   1056 O O   . ASP A 1 137 ? 6.908   -10.659 -1.999  1.00 19.81 ? 137 ASP A O   1 
ATOM   1057 C CB  . ASP A 1 137 ? 7.944   -11.934 -4.769  1.00 24.32 ? 137 ASP A CB  1 
ATOM   1058 C CG  . ASP A 1 137 ? 8.768   -11.870 -6.042  1.00 26.85 ? 137 ASP A CG  1 
ATOM   1059 O OD1 . ASP A 1 137 ? 8.967   -10.760 -6.579  1.00 24.26 ? 137 ASP A OD1 1 
ATOM   1060 O OD2 . ASP A 1 137 ? 9.249   -12.932 -6.484  1.00 29.09 ? 137 ASP A OD2 1 
ATOM   1061 N N   . GLN A 1 138 ? 8.260   -12.401 -1.567  1.00 20.93 ? 138 GLN A N   1 
ATOM   1062 C CA  . GLN A 1 138 ? 7.635   -12.692 -0.277  1.00 21.82 ? 138 GLN A CA  1 
ATOM   1063 C C   . GLN A 1 138 ? 7.932   -11.569 0.739   1.00 21.01 ? 138 GLN A C   1 
ATOM   1064 O O   . GLN A 1 138 ? 7.054   -11.172 1.520   1.00 17.71 ? 138 GLN A O   1 
ATOM   1065 C CB  . GLN A 1 138 ? 8.107   -14.038 0.264   1.00 22.62 ? 138 GLN A CB  1 
ATOM   1066 C CG  . GLN A 1 138 ? 7.544   -15.228 -0.488  1.00 25.86 ? 138 GLN A CG  1 
ATOM   1067 C CD  . GLN A 1 138 ? 8.070   -16.537 0.048   1.00 25.93 ? 138 GLN A CD  1 
ATOM   1068 O OE1 . GLN A 1 138 ? 9.269   -16.725 0.186   1.00 24.50 ? 138 GLN A OE1 1 
ATOM   1069 N NE2 . GLN A 1 138 ? 7.172   -17.440 0.373   1.00 30.37 ? 138 GLN A NE2 1 
ATOM   1070 N N   . GLN A 1 139 ? 9.168   -11.065 0.700   1.00 20.15 ? 139 GLN A N   1 
ATOM   1071 C CA  . GLN A 1 139 ? 9.629   -9.977  1.574   1.00 21.81 ? 139 GLN A CA  1 
ATOM   1072 C C   . GLN A 1 139 ? 8.872   -8.678  1.256   1.00 19.28 ? 139 GLN A C   1 
ATOM   1073 O O   . GLN A 1 139 ? 8.496   -7.938  2.171   1.00 19.09 ? 139 GLN A O   1 
ATOM   1074 C CB  . GLN A 1 139 ? 11.151  -9.809  1.472   1.00 19.68 ? 139 GLN A CB  1 
ATOM   1075 C CG  . GLN A 1 139 ? 11.881  -11.042 1.986   1.00 21.27 ? 139 GLN A CG  1 
ATOM   1076 C CD  . GLN A 1 139 ? 13.317  -11.130 1.505   1.00 24.57 ? 139 GLN A CD  1 
ATOM   1077 O OE1 . GLN A 1 139 ? 13.691  -10.522 0.497   1.00 26.18 ? 139 GLN A OE1 1 
ATOM   1078 N NE2 . GLN A 1 139 ? 14.132  -11.900 2.217   1.00 25.83 ? 139 GLN A NE2 1 
ATOM   1079 N N   . LEU A 1 140 ? 8.618   -8.439  -0.032  1.00 17.66 ? 140 LEU A N   1 
ATOM   1080 C CA  . LEU A 1 140 ? 7.839   -7.284  -0.466  1.00 17.68 ? 140 LEU A CA  1 
ATOM   1081 C C   . LEU A 1 140 ? 6.428   -7.358  0.174   1.00 16.24 ? 140 LEU A C   1 
ATOM   1082 O O   . LEU A 1 140 ? 5.927   -6.368  0.716   1.00 17.03 ? 140 LEU A O   1 
ATOM   1083 C CB  . LEU A 1 140 ? 7.772   -7.247  -1.993  1.00 17.48 ? 140 LEU A CB  1 
ATOM   1084 C CG  . LEU A 1 140 ? 6.912   -6.193  -2.696  1.00 19.27 ? 140 LEU A CG  1 
ATOM   1085 C CD1 . LEU A 1 140 ? 7.270   -4.794  -2.236  1.00 21.15 ? 140 LEU A CD1 1 
ATOM   1086 C CD2 . LEU A 1 140 ? 7.128   -6.322  -4.197  1.00 20.51 ? 140 LEU A CD2 1 
ATOM   1087 N N   . LYS A 1 141 ? 5.821   -8.544  0.200   1.00 15.02 ? 141 LYS A N   1 
ATOM   1088 C CA  . LYS A 1 141 ? 4.496   -8.680  0.805   1.00 14.46 ? 141 LYS A CA  1 
ATOM   1089 C C   . LYS A 1 141 ? 4.592   -8.417  2.310   1.00 14.98 ? 141 LYS A C   1 
ATOM   1090 O O   . LYS A 1 141 ? 3.726   -7.752  2.888   1.00 14.68 ? 141 LYS A O   1 
ATOM   1091 C CB  . LYS A 1 141 ? 3.912   -10.071 0.547   1.00 15.21 ? 141 LYS A CB  1 
ATOM   1092 C CG  . LYS A 1 141 ? 2.402   -10.156 0.806   1.00 15.17 ? 141 LYS A CG  1 
ATOM   1093 C CD  . LYS A 1 141 ? 1.857   -11.587 0.704   1.00 15.31 ? 141 LYS A CD  1 
ATOM   1094 C CE  . LYS A 1 141 ? 0.338   -11.615 0.867   1.00 13.64 ? 141 LYS A CE  1 
ATOM   1095 N NZ  . LYS A 1 141 ? -0.221  -12.982 0.715   1.00 13.57 ? 141 LYS A NZ  1 
ATOM   1096 N N   . GLY A 1 142 ? 5.656   -8.933  2.936   1.00 16.02 ? 142 GLY A N   1 
ATOM   1097 C CA  . GLY A 1 142 ? 5.871   -8.755  4.366   1.00 13.90 ? 142 GLY A CA  1 
ATOM   1098 C C   . GLY A 1 142 ? 6.050   -7.280  4.667   1.00 14.73 ? 142 GLY A C   1 
ATOM   1099 O O   . GLY A 1 142 ? 5.473   -6.763  5.643   1.00 15.58 ? 142 GLY A O   1 
ATOM   1100 N N   . GLY A 1 143 ? 6.813   -6.605  3.810   1.00 13.34 ? 143 GLY A N   1 
ATOM   1101 C CA  . GLY A 1 143 ? 7.057   -5.181  3.957   1.00 15.01 ? 143 GLY A CA  1 
ATOM   1102 C C   . GLY A 1 143 ? 5.763   -4.378  3.941   1.00 17.77 ? 143 GLY A C   1 
ATOM   1103 O O   . GLY A 1 143 ? 5.544   -3.512  4.800   1.00 17.92 ? 143 GLY A O   1 
ATOM   1104 N N   . ILE A 1 144 ? 4.887   -4.681  2.985   1.00 16.22 ? 144 ILE A N   1 
ATOM   1105 C CA  . ILE A 1 144 ? 3.606   -3.999  2.874   1.00 13.36 ? 144 ILE A CA  1 
ATOM   1106 C C   . ILE A 1 144 ? 2.755   -4.274  4.110   1.00 13.85 ? 144 ILE A C   1 
ATOM   1107 O O   . ILE A 1 144 ? 2.131   -3.360  4.649   1.00 13.27 ? 144 ILE A O   1 
ATOM   1108 C CB  . ILE A 1 144 ? 2.883   -4.429  1.573   1.00 12.58 ? 144 ILE A CB  1 
ATOM   1109 C CG1 . ILE A 1 144 ? 3.699   -3.964  0.376   1.00 12.48 ? 144 ILE A CG1 1 
ATOM   1110 C CG2 . ILE A 1 144 ? 1.479   -3.872  1.514   1.00 13.27 ? 144 ILE A CG2 1 
ATOM   1111 C CD1 . ILE A 1 144 ? 3.352   -4.647  -0.902  1.00 13.91 ? 144 ILE A CD1 1 
ATOM   1112 N N   . SER A 1 145 ? 2.759   -5.512  4.600   1.00 12.98 ? 145 SER A N   1 
ATOM   1113 C CA  . SER A 1 145 ? 1.977   -5.862  5.789   1.00 14.44 ? 145 SER A CA  1 
ATOM   1114 C C   . SER A 1 145 ? 2.465   -5.045  7.021   1.00 16.93 ? 145 SER A C   1 
ATOM   1115 O O   . SER A 1 145 ? 1.649   -4.546  7.816   1.00 15.56 ? 145 SER A O   1 
ATOM   1116 C CB  . SER A 1 145 ? 2.071   -7.381  6.063   1.00 13.46 ? 145 SER A CB  1 
ATOM   1117 O OG  . SER A 1 145 ? 1.108   -7.794  7.020   1.00 13.47 ? 145 SER A OG  1 
ATOM   1118 N N   . ALA A 1 146 ? 3.792   -4.906  7.155   1.00 18.40 ? 146 ALA A N   1 
ATOM   1119 C CA  . ALA A 1 146 ? 4.418   -4.160  8.257   1.00 17.94 ? 146 ALA A CA  1 
ATOM   1120 C C   . ALA A 1 146 ? 4.102   -2.650  8.209   1.00 19.03 ? 146 ALA A C   1 
ATOM   1121 O O   . ALA A 1 146 ? 4.060   -1.996  9.253   1.00 17.14 ? 146 ALA A O   1 
ATOM   1122 C CB  . ALA A 1 146 ? 5.933   -4.398  8.263   1.00 16.66 ? 146 ALA A CB  1 
ATOM   1123 N N   . TYR A 1 147 ? 3.865   -2.108  7.008   1.00 17.51 ? 147 TYR A N   1 
ATOM   1124 C CA  . TYR A 1 147 ? 3.517   -0.687  6.823   1.00 17.55 ? 147 TYR A CA  1 
ATOM   1125 C C   . TYR A 1 147 ? 2.238   -0.344  7.617   1.00 18.98 ? 147 TYR A C   1 
ATOM   1126 O O   . TYR A 1 147 ? 2.023   0.812   8.021   1.00 21.45 ? 147 TYR A O   1 
ATOM   1127 C CB  . TYR A 1 147 ? 3.337   -0.374  5.319   1.00 18.44 ? 147 TYR A CB  1 
ATOM   1128 C CG  . TYR A 1 147 ? 3.097   1.094   4.966   1.00 18.51 ? 147 TYR A CG  1 
ATOM   1129 C CD1 . TYR A 1 147 ? 1.793   1.619   4.907   1.00 18.32 ? 147 TYR A CD1 1 
ATOM   1130 C CD2 . TYR A 1 147 ? 4.168   1.956   4.687   1.00 19.48 ? 147 TYR A CD2 1 
ATOM   1131 C CE1 . TYR A 1 147 ? 1.559   2.961   4.591   1.00 17.13 ? 147 TYR A CE1 1 
ATOM   1132 C CE2 . TYR A 1 147 ? 3.940   3.310   4.363   1.00 20.53 ? 147 TYR A CE2 1 
ATOM   1133 C CZ  . TYR A 1 147 ? 2.637   3.800   4.324   1.00 20.34 ? 147 TYR A CZ  1 
ATOM   1134 O OH  . TYR A 1 147 ? 2.414   5.137   4.065   1.00 21.87 ? 147 TYR A OH  1 
ATOM   1135 N N   . ASN A 1 148 ? 1.378   -1.337  7.819   1.00 15.04 ? 148 ASN A N   1 
ATOM   1136 C CA  . ASN A 1 148 ? 0.156   -1.130  8.583   1.00 14.79 ? 148 ASN A CA  1 
ATOM   1137 C C   . ASN A 1 148 ? 0.290   -1.542  10.042  1.00 16.76 ? 148 ASN A C   1 
ATOM   1138 O O   . ASN A 1 148 ? -0.171  -0.826  10.925  1.00 16.59 ? 148 ASN A O   1 
ATOM   1139 C CB  . ASN A 1 148 ? -1.013  -1.903  7.969   1.00 12.83 ? 148 ASN A CB  1 
ATOM   1140 C CG  . ASN A 1 148 ? -2.260  -1.902  8.854   1.00 15.11 ? 148 ASN A CG  1 
ATOM   1141 O OD1 . ASN A 1 148 ? -2.473  -2.831  9.628   1.00 17.48 ? 148 ASN A OD1 1 
ATOM   1142 N ND2 . ASN A 1 148 ? -3.097  -0.870  8.724   1.00 16.56 ? 148 ASN A ND2 1 
ATOM   1143 N N   . ALA A 1 149 ? 0.916   -2.682  10.315  1.00 17.14 ? 149 ALA A N   1 
ATOM   1144 C CA  . ALA A 1 149 ? 0.994   -3.142  11.701  1.00 17.75 ? 149 ALA A CA  1 
ATOM   1145 C C   . ALA A 1 149 ? 2.373   -3.239  12.367  1.00 18.36 ? 149 ALA A C   1 
ATOM   1146 O O   . ALA A 1 149 ? 2.461   -3.638  13.525  1.00 19.78 ? 149 ALA A O   1 
ATOM   1147 C CB  . ALA A 1 149 ? 0.242   -4.467  11.848  1.00 17.76 ? 149 ALA A CB  1 
ATOM   1148 N N   . GLY A 1 150 ? 3.435   -2.892  11.647  1.00 17.81 ? 150 GLY A N   1 
ATOM   1149 C CA  . GLY A 1 150 ? 4.767   -2.943  12.220  1.00 19.12 ? 150 GLY A CA  1 
ATOM   1150 C C   . GLY A 1 150 ? 5.453   -4.256  11.943  1.00 19.57 ? 150 GLY A C   1 
ATOM   1151 O O   . GLY A 1 150 ? 4.779   -5.276  11.819  1.00 18.78 ? 150 GLY A O   1 
ATOM   1152 N N   . ALA A 1 151 ? 6.786   -4.243  11.865  1.00 20.20 ? 151 ALA A N   1 
ATOM   1153 C CA  . ALA A 1 151 ? 7.561   -5.453  11.574  1.00 21.16 ? 151 ALA A CA  1 
ATOM   1154 C C   . ALA A 1 151 ? 7.337   -6.541  12.614  1.00 22.09 ? 151 ALA A C   1 
ATOM   1155 O O   . ALA A 1 151 ? 7.391   -7.731  12.301  1.00 22.09 ? 151 ALA A O   1 
ATOM   1156 C CB  . ALA A 1 151 ? 9.049   -5.129  11.447  1.00 20.55 ? 151 ALA A CB  1 
ATOM   1157 N N   . GLY A 1 152 ? 6.999   -6.141  13.835  1.00 21.71 ? 152 GLY A N   1 
ATOM   1158 C CA  . GLY A 1 152 ? 6.779   -7.127  14.879  1.00 22.74 ? 152 GLY A CA  1 
ATOM   1159 C C   . GLY A 1 152 ? 5.564   -8.016  14.668  1.00 23.03 ? 152 GLY A C   1 
ATOM   1160 O O   . GLY A 1 152 ? 5.452   -9.098  15.257  1.00 25.26 ? 152 GLY A O   1 
ATOM   1161 N N   . ASN A 1 153 ? 4.625   -7.548  13.853  1.00 21.41 ? 153 ASN A N   1 
ATOM   1162 C CA  . ASN A 1 153 ? 3.425   -8.318  13.572  1.00 21.03 ? 153 ASN A CA  1 
ATOM   1163 C C   . ASN A 1 153 ? 3.653   -9.399  12.496  1.00 19.56 ? 153 ASN A C   1 
ATOM   1164 O O   . ASN A 1 153 ? 2.828   -10.301 12.358  1.00 20.29 ? 153 ASN A O   1 
ATOM   1165 C CB  . ASN A 1 153 ? 2.284   -7.386  13.155  1.00 20.52 ? 153 ASN A CB  1 
ATOM   1166 C CG  . ASN A 1 153 ? 0.926   -8.041  13.299  1.00 24.53 ? 153 ASN A CG  1 
ATOM   1167 O OD1 . ASN A 1 153 ? 0.537   -8.446  14.403  1.00 24.19 ? 153 ASN A OD1 1 
ATOM   1168 N ND2 . ASN A 1 153 ? 0.192   -8.149  12.191  1.00 23.02 ? 153 ASN A ND2 1 
ATOM   1169 N N   . VAL A 1 154 ? 4.748   -9.303  11.727  1.00 18.11 ? 154 VAL A N   1 
ATOM   1170 C CA  . VAL A 1 154 ? 5.055   -10.284 10.678  1.00 17.62 ? 154 VAL A CA  1 
ATOM   1171 C C   . VAL A 1 154 ? 5.899   -11.399 11.298  1.00 18.66 ? 154 VAL A C   1 
ATOM   1172 O O   . VAL A 1 154 ? 7.111   -11.252 11.453  1.00 19.89 ? 154 VAL A O   1 
ATOM   1173 C CB  . VAL A 1 154 ? 5.810   -9.640  9.468   1.00 17.04 ? 154 VAL A CB  1 
ATOM   1174 C CG1 . VAL A 1 154 ? 5.996   -10.653 8.326   1.00 14.87 ? 154 VAL A CG1 1 
ATOM   1175 C CG2 . VAL A 1 154 ? 5.051   -8.428  8.954   1.00 17.54 ? 154 VAL A CG2 1 
ATOM   1176 N N   . ARG A 1 155 ? 5.245   -12.500 11.670  1.00 18.58 ? 155 ARG A N   1 
ATOM   1177 C CA  . ARG A 1 155 ? 5.915   -13.643 12.303  1.00 21.10 ? 155 ARG A CA  1 
ATOM   1178 C C   . ARG A 1 155 ? 6.081   -14.868 11.399  1.00 21.61 ? 155 ARG A C   1 
ATOM   1179 O O   . ARG A 1 155 ? 6.861   -15.779 11.695  1.00 19.78 ? 155 ARG A O   1 
ATOM   1180 C CB  . ARG A 1 155 ? 5.151   -14.054 13.570  1.00 22.50 ? 155 ARG A CB  1 
ATOM   1181 C CG  . ARG A 1 155 ? 5.054   -12.943 14.587  1.00 26.76 ? 155 ARG A CG  1 
ATOM   1182 C CD  . ARG A 1 155 ? 4.135   -13.281 15.744  1.00 34.99 ? 155 ARG A CD  1 
ATOM   1183 N NE  . ARG A 1 155 ? 4.017   -12.139 16.652  1.00 43.24 ? 155 ARG A NE  1 
ATOM   1184 C CZ  . ARG A 1 155 ? 4.929   -11.820 17.578  1.00 48.37 ? 155 ARG A CZ  1 
ATOM   1185 N NH1 . ARG A 1 155 ? 6.025   -12.569 17.726  1.00 48.76 ? 155 ARG A NH1 1 
ATOM   1186 N NH2 . ARG A 1 155 ? 4.770   -10.736 18.340  1.00 49.48 ? 155 ARG A NH2 1 
ATOM   1187 N N   . SER A 1 156 ? 5.348   -14.876 10.293  1.00 23.27 ? 156 SER A N   1 
ATOM   1188 C CA  . SER A 1 156 ? 5.355   -15.987 9.335   1.00 23.49 ? 156 SER A CA  1 
ATOM   1189 C C   . SER A 1 156 ? 4.866   -15.426 8.034   1.00 22.53 ? 156 SER A C   1 
ATOM   1190 O O   . SER A 1 156 ? 4.374   -14.296 7.992   1.00 21.10 ? 156 SER A O   1 
ATOM   1191 C CB  . SER A 1 156 ? 4.369   -17.091 9.759   1.00 23.09 ? 156 SER A CB  1 
ATOM   1192 O OG  . SER A 1 156 ? 3.014   -16.635 9.785   1.00 22.53 ? 156 SER A OG  1 
ATOM   1193 N N   . TYR A 1 157 ? 4.976   -16.220 6.979   1.00 20.73 ? 157 TYR A N   1 
ATOM   1194 C CA  . TYR A 1 157 ? 4.503   -15.779 5.689   1.00 19.84 ? 157 TYR A CA  1 
ATOM   1195 C C   . TYR A 1 157 ? 2.986   -15.927 5.584   1.00 21.57 ? 157 TYR A C   1 
ATOM   1196 O O   . TYR A 1 157 ? 2.278   -14.986 5.201   1.00 20.09 ? 157 TYR A O   1 
ATOM   1197 C CB  . TYR A 1 157 ? 5.169   -16.574 4.572   1.00 21.15 ? 157 TYR A CB  1 
ATOM   1198 C CG  . TYR A 1 157 ? 4.769   -16.038 3.223   1.00 24.16 ? 157 TYR A CG  1 
ATOM   1199 C CD1 . TYR A 1 157 ? 5.261   -14.816 2.777   1.00 24.25 ? 157 TYR A CD1 1 
ATOM   1200 C CD2 . TYR A 1 157 ? 3.836   -16.706 2.432   1.00 22.95 ? 157 TYR A CD2 1 
ATOM   1201 C CE1 . TYR A 1 157 ? 4.826   -14.265 1.585   1.00 27.09 ? 157 TYR A CE1 1 
ATOM   1202 C CE2 . TYR A 1 157 ? 3.396   -16.163 1.235   1.00 25.68 ? 157 TYR A CE2 1 
ATOM   1203 C CZ  . TYR A 1 157 ? 3.898   -14.943 0.818   1.00 27.04 ? 157 TYR A CZ  1 
ATOM   1204 O OH  . TYR A 1 157 ? 3.499   -14.393 -0.371  1.00 30.50 ? 157 TYR A OH  1 
ATOM   1205 N N   . ALA A 1 158 ? 2.495   -17.096 5.987   1.00 19.36 ? 158 ALA A N   1 
ATOM   1206 C CA  . ALA A 1 158 ? 1.087   -17.432 5.891   1.00 18.84 ? 158 ALA A CA  1 
ATOM   1207 C C   . ALA A 1 158 ? 0.117   -16.601 6.696   1.00 20.51 ? 158 ALA A C   1 
ATOM   1208 O O   . ALA A 1 158 ? -0.981  -16.301 6.213   1.00 22.06 ? 158 ALA A O   1 
ATOM   1209 C CB  . ALA A 1 158 ? 0.889   -18.912 6.214   1.00 20.62 ? 158 ALA A CB  1 
ATOM   1210 N N   . ARG A 1 159 ? 0.494   -16.235 7.920   1.00 17.97 ? 159 ARG A N   1 
ATOM   1211 C CA  . ARG A 1 159 ? -0.401  -15.473 8.785   1.00 19.06 ? 159 ARG A CA  1 
ATOM   1212 C C   . ARG A 1 159 ? -0.058  -14.005 9.018   1.00 16.62 ? 159 ARG A C   1 
ATOM   1213 O O   . ARG A 1 159 ? -0.639  -13.385 9.908   1.00 18.17 ? 159 ARG A O   1 
ATOM   1214 C CB  . ARG A 1 159 ? -0.540  -16.178 10.143  1.00 20.75 ? 159 ARG A CB  1 
ATOM   1215 C CG  . ARG A 1 159 ? -1.399  -17.450 10.099  1.00 25.32 ? 159 ARG A CG  1 
ATOM   1216 C CD  . ARG A 1 159 ? -1.164  -18.310 11.346  1.00 27.48 ? 159 ARG A CD  1 
ATOM   1217 N NE  . ARG A 1 159 ? 0.269   -18.592 11.510  1.00 29.05 ? 159 ARG A NE  1 
ATOM   1218 C CZ  . ARG A 1 159 ? 0.950   -19.522 10.839  1.00 30.43 ? 159 ARG A CZ  1 
ATOM   1219 N NH1 . ARG A 1 159 ? 0.344   -20.297 9.952   1.00 31.71 ? 159 ARG A NH1 1 
ATOM   1220 N NH2 . ARG A 1 159 ? 2.257   -19.635 11.005  1.00 29.78 ? 159 ARG A NH2 1 
ATOM   1221 N N   . MET A 1 160 ? 0.807   -13.438 8.183   1.00 17.27 ? 160 MET A N   1 
ATOM   1222 C CA  . MET A 1 160 ? 1.234   -12.042 8.342   1.00 17.58 ? 160 MET A CA  1 
ATOM   1223 C C   . MET A 1 160 ? 0.146   -10.983 8.537   1.00 19.33 ? 160 MET A C   1 
ATOM   1224 O O   . MET A 1 160 ? 0.268   -10.125 9.421   1.00 16.42 ? 160 MET A O   1 
ATOM   1225 C CB  . MET A 1 160 ? 2.164   -11.616 7.200   1.00 16.24 ? 160 MET A CB  1 
ATOM   1226 C CG  . MET A 1 160 ? 1.523   -11.555 5.820   1.00 16.41 ? 160 MET A CG  1 
ATOM   1227 S SD  . MET A 1 160 ? 2.648   -10.810 4.621   1.00 18.53 ? 160 MET A SD  1 
ATOM   1228 C CE  . MET A 1 160 ? 3.931   -12.034 4.555   1.00 18.66 ? 160 MET A CE  1 
ATOM   1229 N N   . ASP A 1 161 ? -0.927  -11.059 7.742   1.00 18.79 ? 161 ASP A N   1 
ATOM   1230 C CA  . ASP A 1 161 ? -1.995  -10.072 7.816   1.00 15.89 ? 161 ASP A CA  1 
ATOM   1231 C C   . ASP A 1 161 ? -2.881  -10.145 9.019   1.00 14.42 ? 161 ASP A C   1 
ATOM   1232 O O   . ASP A 1 161 ? -3.609  -9.205  9.279   1.00 16.29 ? 161 ASP A O   1 
ATOM   1233 C CB  . ASP A 1 161 ? -2.862  -10.077 6.562   1.00 16.78 ? 161 ASP A CB  1 
ATOM   1234 C CG  . ASP A 1 161 ? -2.284  -9.233  5.447   1.00 19.31 ? 161 ASP A CG  1 
ATOM   1235 O OD1 . ASP A 1 161 ? -1.347  -8.435  5.682   1.00 17.36 ? 161 ASP A OD1 1 
ATOM   1236 O OD2 . ASP A 1 161 ? -2.791  -9.347  4.317   1.00 20.60 ? 161 ASP A OD2 1 
ATOM   1237 N N   . ILE A 1 162 ? -2.872  -11.254 9.739   1.00 14.51 ? 162 ILE A N   1 
ATOM   1238 C CA  . ILE A 1 162 ? -3.718  -11.315 10.932  1.00 16.80 ? 162 ILE A CA  1 
ATOM   1239 C C   . ILE A 1 162 ? -3.155  -10.297 11.929  1.00 17.34 ? 162 ILE A C   1 
ATOM   1240 O O   . ILE A 1 162 ? -1.973  -10.339 12.295  1.00 18.86 ? 162 ILE A O   1 
ATOM   1241 C CB  . ILE A 1 162 ? -3.763  -12.731 11.534  1.00 18.05 ? 162 ILE A CB  1 
ATOM   1242 C CG1 . ILE A 1 162 ? -4.361  -13.691 10.492  1.00 20.96 ? 162 ILE A CG1 1 
ATOM   1243 C CG2 . ILE A 1 162 ? -4.611  -12.740 12.826  1.00 16.02 ? 162 ILE A CG2 1 
ATOM   1244 C CD1 . ILE A 1 162 ? -4.363  -15.122 10.897  1.00 24.68 ? 162 ILE A CD1 1 
ATOM   1245 N N   . GLY A 1 163 ? -3.979  -9.343  12.321  1.00 17.71 ? 163 GLY A N   1 
ATOM   1246 C CA  . GLY A 1 163 ? -3.511  -8.319  13.227  1.00 18.48 ? 163 GLY A CA  1 
ATOM   1247 C C   . GLY A 1 163 ? -3.443  -6.991  12.497  1.00 18.47 ? 163 GLY A C   1 
ATOM   1248 O O   . GLY A 1 163 ? -3.379  -5.955  13.140  1.00 20.22 ? 163 GLY A O   1 
ATOM   1249 N N   . THR A 1 164 ? -3.387  -7.000  11.164  1.00 17.85 ? 164 THR A N   1 
ATOM   1250 C CA  . THR A 1 164 ? -3.390  -5.739  10.420  1.00 16.28 ? 164 THR A CA  1 
ATOM   1251 C C   . THR A 1 164 ? -4.851  -5.253  10.424  1.00 16.68 ? 164 THR A C   1 
ATOM   1252 O O   . THR A 1 164 ? -5.749  -5.965  10.894  1.00 16.03 ? 164 THR A O   1 
ATOM   1253 C CB  . THR A 1 164 ? -2.911  -5.895  8.926   1.00 14.54 ? 164 THR A CB  1 
ATOM   1254 O OG1 . THR A 1 164 ? -3.780  -6.785  8.227   1.00 13.85 ? 164 THR A OG1 1 
ATOM   1255 C CG2 . THR A 1 164 ? -1.525  -6.418  8.841   1.00 12.37 ? 164 THR A CG2 1 
ATOM   1256 N N   . THR A 1 165 ? -5.105  -4.054  9.913   1.00 17.26 ? 165 THR A N   1 
ATOM   1257 C CA  . THR A 1 165 ? -6.472  -3.545  9.861   1.00 18.91 ? 165 THR A CA  1 
ATOM   1258 C C   . THR A 1 165 ? -7.270  -4.455  8.923   1.00 18.05 ? 165 THR A C   1 
ATOM   1259 O O   . THR A 1 165 ? -6.824  -4.732  7.805   1.00 16.76 ? 165 THR A O   1 
ATOM   1260 C CB  . THR A 1 165 ? -6.490  -2.101  9.338   1.00 21.26 ? 165 THR A CB  1 
ATOM   1261 O OG1 . THR A 1 165 ? -5.612  -1.308  10.139  1.00 23.09 ? 165 THR A OG1 1 
ATOM   1262 C CG2 . THR A 1 165 ? -7.890  -1.508  9.393   1.00 21.33 ? 165 THR A CG2 1 
ATOM   1263 N N   . HIS A 1 166 ? -8.394  -4.971  9.438   1.00 18.24 ? 166 HIS A N   1 
ATOM   1264 C CA  . HIS A 1 166 ? -9.313  -5.894  8.743   1.00 19.28 ? 166 HIS A CA  1 
ATOM   1265 C C   . HIS A 1 166 ? -8.671  -7.251  8.433   1.00 20.19 ? 166 HIS A C   1 
ATOM   1266 O O   . HIS A 1 166 ? -9.202  -8.006  7.614   1.00 19.30 ? 166 HIS A O   1 
ATOM   1267 C CB  . HIS A 1 166 ? -9.832  -5.314  7.421   1.00 20.06 ? 166 HIS A CB  1 
ATOM   1268 C CG  . HIS A 1 166 ? -10.589 -4.031  7.556   1.00 19.19 ? 166 HIS A CG  1 
ATOM   1269 N ND1 . HIS A 1 166 ? -11.231 -3.655  8.717   1.00 22.11 ? 166 HIS A ND1 1 
ATOM   1270 C CD2 . HIS A 1 166 ? -10.859 -3.067  6.645   1.00 19.30 ? 166 HIS A CD2 1 
ATOM   1271 C CE1 . HIS A 1 166 ? -11.872 -2.516  8.514   1.00 20.54 ? 166 HIS A CE1 1 
ATOM   1272 N NE2 . HIS A 1 166 ? -11.659 -2.141  7.265   1.00 22.38 ? 166 HIS A NE2 1 
ATOM   1273 N N   . ASP A 1 167 ? -7.528  -7.543  9.056   1.00 19.70 ? 167 ASP A N   1 
ATOM   1274 C CA  . ASP A 1 167 ? -6.795  -8.800  8.860   1.00 18.50 ? 167 ASP A CA  1 
ATOM   1275 C C   . ASP A 1 167 ? -6.504  -9.106  7.388   1.00 19.24 ? 167 ASP A C   1 
ATOM   1276 O O   . ASP A 1 167 ? -6.373  -10.281 7.030   1.00 19.87 ? 167 ASP A O   1 
ATOM   1277 C CB  . ASP A 1 167 ? -7.567  -9.990  9.461   1.00 18.86 ? 167 ASP A CB  1 
ATOM   1278 C CG  . ASP A 1 167 ? -7.703  -9.920  10.978  1.00 20.71 ? 167 ASP A CG  1 
ATOM   1279 O OD1 . ASP A 1 167 ? -6.751  -9.503  11.645  1.00 22.40 ? 167 ASP A OD1 1 
ATOM   1280 O OD2 . ASP A 1 167 ? -8.763  -10.299 11.516  1.00 25.45 ? 167 ASP A OD2 1 
ATOM   1281 N N   . ASP A 1 168 ? -6.321  -8.082  6.551   1.00 16.99 ? 168 ASP A N   1 
ATOM   1282 C CA  . ASP A 1 168 ? -6.085  -8.324  5.121   1.00 17.65 ? 168 ASP A CA  1 
ATOM   1283 C C   . ASP A 1 168 ? -5.232  -7.255  4.449   1.00 16.79 ? 168 ASP A C   1 
ATOM   1284 O O   . ASP A 1 168 ? -5.245  -7.146  3.215   1.00 15.99 ? 168 ASP A O   1 
ATOM   1285 C CB  . ASP A 1 168 ? -7.448  -8.308  4.397   1.00 15.43 ? 168 ASP A CB  1 
ATOM   1286 C CG  . ASP A 1 168 ? -8.091  -6.915  4.406   1.00 18.10 ? 168 ASP A CG  1 
ATOM   1287 O OD1 . ASP A 1 168 ? -7.564  -5.988  5.070   1.00 17.65 ? 168 ASP A OD1 1 
ATOM   1288 O OD2 . ASP A 1 168 ? -9.114  -6.718  3.725   1.00 19.73 ? 168 ASP A OD2 1 
ATOM   1289 N N   . TYR A 1 169 ? -4.524  -6.447  5.230   1.00 14.68 ? 169 TYR A N   1 
ATOM   1290 C CA  . TYR A 1 169 ? -3.790  -5.340  4.630   1.00 14.01 ? 169 TYR A CA  1 
ATOM   1291 C C   . TYR A 1 169 ? -2.919  -5.613  3.396   1.00 14.16 ? 169 TYR A C   1 
ATOM   1292 O O   . TYR A 1 169 ? -3.200  -5.055  2.330   1.00 13.46 ? 169 TYR A O   1 
ATOM   1293 C CB  . TYR A 1 169 ? -3.040  -4.507  5.685   1.00 13.59 ? 169 TYR A CB  1 
ATOM   1294 C CG  . TYR A 1 169 ? -2.555  -3.155  5.164   1.00 11.84 ? 169 TYR A CG  1 
ATOM   1295 C CD1 . TYR A 1 169 ? -1.327  -3.044  4.507   1.00 11.45 ? 169 TYR A CD1 1 
ATOM   1296 C CD2 . TYR A 1 169 ? -3.332  -2.007  5.309   1.00 13.15 ? 169 TYR A CD2 1 
ATOM   1297 C CE1 . TYR A 1 169 ? -0.878  -1.832  4.004   1.00 14.00 ? 169 TYR A CE1 1 
ATOM   1298 C CE2 . TYR A 1 169 ? -2.893  -0.779  4.812   1.00 12.52 ? 169 TYR A CE2 1 
ATOM   1299 C CZ  . TYR A 1 169 ? -1.666  -0.705  4.155   1.00 13.22 ? 169 TYR A CZ  1 
ATOM   1300 O OH  . TYR A 1 169 ? -1.209  0.480   3.622   1.00 16.76 ? 169 TYR A OH  1 
ATOM   1301 N N   . ALA A 1 170 ? -1.884  -6.447  3.511   1.00 13.74 ? 170 ALA A N   1 
ATOM   1302 C CA  . ALA A 1 170 ? -1.010  -6.728  2.359   1.00 14.63 ? 170 ALA A CA  1 
ATOM   1303 C C   . ALA A 1 170 ? -1.738  -7.454  1.227   1.00 15.26 ? 170 ALA A C   1 
ATOM   1304 O O   . ALA A 1 170 ? -1.520  -7.144  0.054   1.00 15.47 ? 170 ALA A O   1 
ATOM   1305 C CB  . ALA A 1 170 ? 0.241   -7.517  2.779   1.00 12.88 ? 170 ALA A CB  1 
ATOM   1306 N N   . ASN A 1 171 ? -2.622  -8.388  1.588   1.00 16.01 ? 171 ASN A N   1 
ATOM   1307 C CA  . ASN A 1 171 ? -3.394  -9.171  0.609   1.00 16.19 ? 171 ASN A CA  1 
ATOM   1308 C C   . ASN A 1 171 ? -4.248  -8.240  -0.254  1.00 14.27 ? 171 ASN A C   1 
ATOM   1309 O O   . ASN A 1 171 ? -4.165  -8.268  -1.494  1.00 14.32 ? 171 ASN A O   1 
ATOM   1310 C CB  . ASN A 1 171 ? -4.242  -10.252 1.314   1.00 15.63 ? 171 ASN A CB  1 
ATOM   1311 C CG  . ASN A 1 171 ? -3.438  -11.520 1.599   1.00 13.45 ? 171 ASN A CG  1 
ATOM   1312 O OD1 . ASN A 1 171 ? -2.981  -12.176 0.685   1.00 14.60 ? 171 ASN A OD1 1 
ATOM   1313 N ND2 . ASN A 1 171 ? -3.245  -11.840 2.862   1.00 13.61 ? 171 ASN A ND2 1 
ATOM   1314 N N   . ASP A 1 172 ? -4.919  -7.308  0.409   1.00 13.64 ? 172 ASP A N   1 
ATOM   1315 C CA  . ASP A 1 172 ? -5.753  -6.326  -0.269  1.00 13.81 ? 172 ASP A CA  1 
ATOM   1316 C C   . ASP A 1 172 ? -4.871  -5.366  -1.127  1.00 16.32 ? 172 ASP A C   1 
ATOM   1317 O O   . ASP A 1 172 ? -5.110  -5.201  -2.336  1.00 14.92 ? 172 ASP A O   1 
ATOM   1318 C CB  . ASP A 1 172 ? -6.606  -5.590  0.777   1.00 14.02 ? 172 ASP A CB  1 
ATOM   1319 C CG  . ASP A 1 172 ? -7.553  -4.556  0.166   1.00 16.43 ? 172 ASP A CG  1 
ATOM   1320 O OD1 . ASP A 1 172 ? -7.874  -4.662  -1.033  1.00 16.65 ? 172 ASP A OD1 1 
ATOM   1321 O OD2 . ASP A 1 172 ? -7.974  -3.619  0.881   1.00 17.32 ? 172 ASP A OD2 1 
ATOM   1322 N N   . VAL A 1 173 ? -3.815  -4.796  -0.540  1.00 15.10 ? 173 VAL A N   1 
ATOM   1323 C CA  . VAL A 1 173 ? -2.944  -3.879  -1.280  1.00 14.80 ? 173 VAL A CA  1 
ATOM   1324 C C   . VAL A 1 173 ? -2.285  -4.541  -2.491  1.00 15.19 ? 173 VAL A C   1 
ATOM   1325 O O   . VAL A 1 173 ? -2.218  -3.927  -3.562  1.00 14.84 ? 173 VAL A O   1 
ATOM   1326 C CB  . VAL A 1 173 ? -1.885  -3.195  -0.351  1.00 11.99 ? 173 VAL A CB  1 
ATOM   1327 C CG1 . VAL A 1 173 ? -0.821  -2.473  -1.169  1.00 11.55 ? 173 VAL A CG1 1 
ATOM   1328 C CG2 . VAL A 1 173 ? -2.583  -2.203  0.561   1.00 12.34 ? 173 VAL A CG2 1 
ATOM   1329 N N   . VAL A 1 174 ? -1.828  -5.787  -2.339  1.00 15.10 ? 174 VAL A N   1 
ATOM   1330 C CA  . VAL A 1 174 ? -1.189  -6.500  -3.448  1.00 15.84 ? 174 VAL A CA  1 
ATOM   1331 C C   . VAL A 1 174 ? -2.167  -6.684  -4.622  1.00 13.86 ? 174 VAL A C   1 
ATOM   1332 O O   . VAL A 1 174 ? -1.782  -6.510  -5.781  1.00 14.87 ? 174 VAL A O   1 
ATOM   1333 C CB  . VAL A 1 174 ? -0.611  -7.866  -3.000  1.00 17.60 ? 174 VAL A CB  1 
ATOM   1334 C CG1 . VAL A 1 174 ? -0.228  -8.717  -4.221  1.00 18.26 ? 174 VAL A CG1 1 
ATOM   1335 C CG2 . VAL A 1 174 ? 0.634   -7.640  -2.168  1.00 17.07 ? 174 VAL A CG2 1 
ATOM   1336 N N   . ALA A 1 175 ? -3.423  -7.008  -4.313  1.00 15.91 ? 175 ALA A N   1 
ATOM   1337 C CA  . ALA A 1 175 ? -4.467  -7.190  -5.341  1.00 16.50 ? 175 ALA A CA  1 
ATOM   1338 C C   . ALA A 1 175 ? -4.784  -5.873  -6.060  1.00 16.93 ? 175 ALA A C   1 
ATOM   1339 O O   . ALA A 1 175 ? -4.899  -5.846  -7.297  1.00 17.51 ? 175 ALA A O   1 
ATOM   1340 C CB  . ALA A 1 175 ? -5.740  -7.782  -4.719  1.00 14.55 ? 175 ALA A CB  1 
ATOM   1341 N N   . ARG A 1 176 ? -4.906  -4.780  -5.297  1.00 15.52 ? 176 ARG A N   1 
ATOM   1342 C CA  . ARG A 1 176 ? -5.176  -3.460  -5.886  1.00 14.37 ? 176 ARG A CA  1 
ATOM   1343 C C   . ARG A 1 176 ? -4.007  -3.080  -6.782  1.00 14.03 ? 176 ARG A C   1 
ATOM   1344 O O   . ARG A 1 176 ? -4.195  -2.546  -7.873  1.00 14.58 ? 176 ARG A O   1 
ATOM   1345 C CB  . ARG A 1 176 ? -5.369  -2.392  -4.803  1.00 13.01 ? 176 ARG A CB  1 
ATOM   1346 C CG  . ARG A 1 176 ? -6.528  -2.666  -3.857  1.00 12.48 ? 176 ARG A CG  1 
ATOM   1347 C CD  . ARG A 1 176 ? -6.947  -1.430  -3.060  1.00 10.78 ? 176 ARG A CD  1 
ATOM   1348 N NE  . ARG A 1 176 ? -7.831  -1.799  -1.950  1.00 11.63 ? 176 ARG A NE  1 
ATOM   1349 C CZ  . ARG A 1 176 ? -8.634  -0.974  -1.274  1.00 10.78 ? 176 ARG A CZ  1 
ATOM   1350 N NH1 . ARG A 1 176 ? -8.699  0.314   -1.584  1.00 12.41 ? 176 ARG A NH1 1 
ATOM   1351 N NH2 . ARG A 1 176 ? -9.371  -1.437  -0.267  1.00 12.27 ? 176 ARG A NH2 1 
ATOM   1352 N N   . ALA A 1 177 ? -2.790  -3.373  -6.321  1.00 13.59 ? 177 ALA A N   1 
ATOM   1353 C CA  . ALA A 1 177 ? -1.575  -3.085  -7.073  1.00 12.29 ? 177 ALA A CA  1 
ATOM   1354 C C   . ALA A 1 177 ? -1.536  -3.858  -8.393  1.00 16.75 ? 177 ALA A C   1 
ATOM   1355 O O   . ALA A 1 177 ? -1.124  -3.306  -9.422  1.00 15.18 ? 177 ALA A O   1 
ATOM   1356 C CB  . ALA A 1 177 ? -0.326  -3.427  -6.236  1.00 13.79 ? 177 ALA A CB  1 
ATOM   1357 N N   . GLN A 1 178 ? -1.898  -5.149  -8.349  1.00 17.17 ? 178 GLN A N   1 
ATOM   1358 C CA  . GLN A 1 178 ? -1.908  -5.973  -9.564  1.00 18.61 ? 178 GLN A CA  1 
ATOM   1359 C C   . GLN A 1 178 ? -2.878  -5.352  -10.579 1.00 18.22 ? 178 GLN A C   1 
ATOM   1360 O O   . GLN A 1 178 ? -2.584  -5.310  -11.777 1.00 19.31 ? 178 GLN A O   1 
ATOM   1361 C CB  . GLN A 1 178 ? -2.255  -7.423  -9.248  1.00 17.38 ? 178 GLN A CB  1 
ATOM   1362 C CG  . GLN A 1 178 ? -1.108  -8.188  -8.575  1.00 20.29 ? 178 GLN A CG  1 
ATOM   1363 C CD  . GLN A 1 178 ? -1.548  -9.540  -8.038  1.00 21.23 ? 178 GLN A CD  1 
ATOM   1364 O OE1 . GLN A 1 178 ? -2.742  -9.858  -8.032  1.00 23.25 ? 178 GLN A OE1 1 
ATOM   1365 N NE2 . GLN A 1 178 ? -0.594  -10.327 -7.547  1.00 21.94 ? 178 GLN A NE2 1 
ATOM   1366 N N   . TYR A 1 179 ? -3.977  -4.783  -10.091 1.00 18.30 ? 179 TYR A N   1 
ATOM   1367 C CA  . TYR A 1 179 ? -4.920  -4.084  -10.964 1.00 18.40 ? 179 TYR A CA  1 
ATOM   1368 C C   . TYR A 1 179 ? -4.238  -2.838  -11.577 1.00 19.52 ? 179 TYR A C   1 
ATOM   1369 O O   . TYR A 1 179 ? -4.249  -2.658  -12.799 1.00 19.80 ? 179 TYR A O   1 
ATOM   1370 C CB  . TYR A 1 179 ? -6.194  -3.687  -10.207 1.00 20.27 ? 179 TYR A CB  1 
ATOM   1371 C CG  . TYR A 1 179 ? -7.119  -2.811  -11.022 1.00 22.64 ? 179 TYR A CG  1 
ATOM   1372 C CD1 . TYR A 1 179 ? -6.927  -1.429  -11.081 1.00 25.69 ? 179 TYR A CD1 1 
ATOM   1373 C CD2 . TYR A 1 179 ? -8.143  -3.362  -11.787 1.00 23.23 ? 179 TYR A CD2 1 
ATOM   1374 C CE1 . TYR A 1 179 ? -7.719  -0.619  -11.891 1.00 29.13 ? 179 TYR A CE1 1 
ATOM   1375 C CE2 . TYR A 1 179 ? -8.955  -2.560  -12.603 1.00 25.82 ? 179 TYR A CE2 1 
ATOM   1376 C CZ  . TYR A 1 179 ? -8.734  -1.188  -12.657 1.00 28.15 ? 179 TYR A CZ  1 
ATOM   1377 O OH  . TYR A 1 179 ? -9.483  -0.386  -13.496 1.00 27.81 ? 179 TYR A OH  1 
ATOM   1378 N N   . TYR A 1 180 ? -3.606  -1.999  -10.759 1.00 18.42 ? 180 TYR A N   1 
ATOM   1379 C CA  . TYR A 1 180 ? -2.942  -0.798  -11.287 1.00 19.13 ? 180 TYR A CA  1 
ATOM   1380 C C   . TYR A 1 180 ? -1.844  -1.151  -12.270 1.00 20.19 ? 180 TYR A C   1 
ATOM   1381 O O   . TYR A 1 180 ? -1.612  -0.411  -13.208 1.00 18.69 ? 180 TYR A O   1 
ATOM   1382 C CB  . TYR A 1 180 ? -2.412  0.116   -10.168 1.00 14.76 ? 180 TYR A CB  1 
ATOM   1383 C CG  . TYR A 1 180 ? -3.538  0.777   -9.405  1.00 15.47 ? 180 TYR A CG  1 
ATOM   1384 C CD1 . TYR A 1 180 ? -4.524  1.511   -10.078 1.00 16.19 ? 180 TYR A CD1 1 
ATOM   1385 C CD2 . TYR A 1 180 ? -3.663  0.620   -8.027  1.00 13.42 ? 180 TYR A CD2 1 
ATOM   1386 C CE1 . TYR A 1 180 ? -5.597  2.058   -9.396  1.00 15.50 ? 180 TYR A CE1 1 
ATOM   1387 C CE2 . TYR A 1 180 ? -4.736  1.162   -7.336  1.00 13.46 ? 180 TYR A CE2 1 
ATOM   1388 C CZ  . TYR A 1 180 ? -5.694  1.875   -8.026  1.00 14.67 ? 180 TYR A CZ  1 
ATOM   1389 O OH  . TYR A 1 180 ? -6.738  2.403   -7.339  1.00 15.47 ? 180 TYR A OH  1 
ATOM   1390 N N   . LYS A 1 181 ? -1.213  -2.306  -12.076 1.00 21.92 ? 181 LYS A N   1 
ATOM   1391 C CA  . LYS A 1 181 ? -0.153  -2.810  -12.961 1.00 26.45 ? 181 LYS A CA  1 
ATOM   1392 C C   . LYS A 1 181 ? -0.689  -2.972  -14.390 1.00 26.80 ? 181 LYS A C   1 
ATOM   1393 O O   . LYS A 1 181 ? 0.018   -2.749  -15.367 1.00 28.33 ? 181 LYS A O   1 
ATOM   1394 C CB  . LYS A 1 181 ? 0.282   -4.195  -12.484 1.00 28.71 ? 181 LYS A CB  1 
ATOM   1395 C CG  . LYS A 1 181 ? 1.616   -4.273  -11.813 1.00 32.21 ? 181 LYS A CG  1 
ATOM   1396 C CD  . LYS A 1 181 ? 2.718   -4.022  -12.788 1.00 31.25 ? 181 LYS A CD  1 
ATOM   1397 C CE  . LYS A 1 181 ? 3.988   -4.690  -12.311 1.00 33.97 ? 181 LYS A CE  1 
ATOM   1398 N NZ  . LYS A 1 181 ? 5.197   -3.928  -12.726 1.00 36.83 ? 181 LYS A NZ  1 
ATOM   1399 N N   . GLN A 1 182 ? -1.943  -3.396  -14.484 1.00 28.08 ? 182 GLN A N   1 
ATOM   1400 C CA  . GLN A 1 182 ? -2.617  -3.618  -15.753 1.00 31.77 ? 182 GLN A CA  1 
ATOM   1401 C C   . GLN A 1 182 ? -3.216  -2.338  -16.301 1.00 31.12 ? 182 GLN A C   1 
ATOM   1402 O O   . GLN A 1 182 ? -3.749  -2.337  -17.402 1.00 33.23 ? 182 GLN A O   1 
ATOM   1403 C CB  . GLN A 1 182 ? -3.761  -4.626  -15.569 1.00 34.80 ? 182 GLN A CB  1 
ATOM   1404 C CG  . GLN A 1 182 ? -3.338  -5.965  -15.007 1.00 41.66 ? 182 GLN A CG  1 
ATOM   1405 C CD  . GLN A 1 182 ? -2.527  -6.771  -15.997 1.00 46.15 ? 182 GLN A CD  1 
ATOM   1406 O OE1 . GLN A 1 182 ? -1.348  -6.478  -16.259 1.00 47.84 ? 182 GLN A OE1 1 
ATOM   1407 N NE2 . GLN A 1 182 ? -3.160  -7.790  -16.574 1.00 48.69 ? 182 GLN A NE2 1 
ATOM   1408 N N   . HIS A 1 183 ? -3.193  -1.263  -15.519 1.00 28.68 ? 183 HIS A N   1 
ATOM   1409 C CA  . HIS A 1 183 ? -3.786  -0.016  -15.964 1.00 24.97 ? 183 HIS A CA  1 
ATOM   1410 C C   . HIS A 1 183 ? -2.908  1.225   -15.954 1.00 25.07 ? 183 HIS A C   1 
ATOM   1411 O O   . HIS A 1 183 ? -3.339  2.290   -15.539 1.00 28.65 ? 183 HIS A O   1 
ATOM   1412 C CB  . HIS A 1 183 ? -5.093  0.225   -15.216 1.00 26.03 ? 183 HIS A CB  1 
ATOM   1413 C CG  . HIS A 1 183 ? -6.101  -0.858  -15.429 1.00 28.37 ? 183 HIS A CG  1 
ATOM   1414 N ND1 . HIS A 1 183 ? -7.168  -0.724  -16.293 1.00 29.91 ? 183 HIS A ND1 1 
ATOM   1415 C CD2 . HIS A 1 183 ? -6.175  -2.117  -14.935 1.00 28.04 ? 183 HIS A CD2 1 
ATOM   1416 C CE1 . HIS A 1 183 ? -7.853  -1.853  -16.323 1.00 29.09 ? 183 HIS A CE1 1 
ATOM   1417 N NE2 . HIS A 1 183 ? -7.272  -2.714  -15.507 1.00 30.25 ? 183 HIS A NE2 1 
ATOM   1418 N N   . GLY A 1 184 ? -1.665  1.084   -16.386 1.00 23.70 ? 184 GLY A N   1 
ATOM   1419 C CA  . GLY A 1 184 ? -0.787  2.238   -16.472 1.00 27.66 ? 184 GLY A CA  1 
ATOM   1420 C C   . GLY A 1 184 ? 0.238   2.571   -15.404 1.00 27.88 ? 184 GLY A C   1 
ATOM   1421 O O   . GLY A 1 184 ? 0.919   3.591   -15.533 1.00 31.73 ? 184 GLY A O   1 
ATOM   1422 N N   . TYR A 1 185 ? 0.385   1.725   -14.390 1.00 26.96 ? 185 TYR A N   1 
ATOM   1423 C CA  . TYR A 1 185 ? 1.332   1.979   -13.304 1.00 27.91 ? 185 TYR A CA  1 
ATOM   1424 C C   . TYR A 1 185 ? 2.505   1.000   -13.285 1.00 30.28 ? 185 TYR A C   1 
ATOM   1425 O O   . TYR A 1 185 ? 2.283   -0.208  -13.113 1.00 34.25 ? 185 TYR A O   1 
ATOM   1426 C CB  . TYR A 1 185 ? 0.591   1.976   -11.955 1.00 24.09 ? 185 TYR A CB  1 
ATOM   1427 C CG  . TYR A 1 185 ? -0.387  3.120   -11.811 1.00 23.03 ? 185 TYR A CG  1 
ATOM   1428 C CD1 . TYR A 1 185 ? -1.660  3.053   -12.379 1.00 22.44 ? 185 TYR A CD1 1 
ATOM   1429 C CD2 . TYR A 1 185 ? -0.015  4.305   -11.170 1.00 23.04 ? 185 TYR A CD2 1 
ATOM   1430 C CE1 . TYR A 1 185 ? -2.529  4.132   -12.323 1.00 21.45 ? 185 TYR A CE1 1 
ATOM   1431 C CE2 . TYR A 1 185 ? -0.877  5.387   -11.110 1.00 21.09 ? 185 TYR A CE2 1 
ATOM   1432 C CZ  . TYR A 1 185 ? -2.127  5.292   -11.692 1.00 22.25 ? 185 TYR A CZ  1 
ATOM   1433 O OH  . TYR A 1 185 ? -2.968  6.362   -11.665 1.00 22.08 ? 185 TYR A OH  1 
ATOM   1434 O OXT . TYR A 1 185 ? 3.653   1.452   -13.432 1.00 35.64 ? 185 TYR A OXT 1 
HETATM 1435 O O   . HOH B 2 .   ? 2.391   -13.963 11.370  1.00 3.32  ? 200 HOH A O   1 
HETATM 1436 O O   . HOH B 2 .   ? -6.341  9.379   10.952  1.00 5.51  ? 201 HOH A O   1 
HETATM 1437 O O   . HOH B 2 .   ? -6.495  0.354   6.559   1.00 11.75 ? 202 HOH A O   1 
HETATM 1438 O O   . HOH B 2 .   ? 10.155  12.320  12.931  1.00 11.86 ? 203 HOH A O   1 
HETATM 1439 O O   . HOH B 2 .   ? 4.283   13.458  4.493   1.00 18.51 ? 205 HOH A O   1 
HETATM 1440 O O   . HOH B 2 .   ? -0.622  20.228  2.789   1.00 18.64 ? 206 HOH A O   1 
HETATM 1441 O O   . HOH B 2 .   ? 1.512   -7.451  9.766   1.00 19.02 ? 207 HOH A O   1 
HETATM 1442 O O   . HOH B 2 .   ? 4.836   17.729  -6.185  1.00 21.72 ? 208 HOH A O   1 
HETATM 1443 O O   . HOH B 2 .   ? 3.824   6.415   9.391   1.00 22.82 ? 209 HOH A O   1 
HETATM 1444 O O   . HOH B 2 .   ? -10.255 -14.279 -3.948  1.00 20.00 ? 210 HOH A O   1 
HETATM 1445 O O   . HOH B 2 .   ? 12.106  -7.418  -1.331  1.00 24.78 ? 211 HOH A O   1 
HETATM 1446 O O   . HOH B 2 .   ? 8.149   -2.016  13.410  1.00 25.11 ? 212 HOH A O   1 
HETATM 1447 O O   . HOH B 2 .   ? 10.354  13.388  1.772   1.00 26.27 ? 213 HOH A O   1 
HETATM 1448 O O   . HOH B 2 .   ? 10.343  -3.255  -6.557  1.00 24.66 ? 214 HOH A O   1 
HETATM 1449 O O   . HOH B 2 .   ? -7.547  -11.860 2.450   1.00 23.80 ? 215 HOH A O   1 
HETATM 1450 O O   . HOH B 2 .   ? -21.994 -6.078  -5.284  1.00 22.91 ? 216 HOH A O   1 
HETATM 1451 O O   . HOH B 2 .   ? -9.525  -4.142  12.335  1.00 26.73 ? 217 HOH A O   1 
HETATM 1452 O O   . HOH B 2 .   ? -6.455  -6.578  -13.450 1.00 41.35 ? 218 HOH A O   1 
HETATM 1453 O O   . HOH B 2 .   ? 4.385   -0.624  -11.354 1.00 34.36 ? 219 HOH A O   1 
HETATM 1454 O O   . HOH B 2 .   ? -13.395 10.655  13.719  1.00 44.04 ? 220 HOH A O   1 
HETATM 1455 O O   . HOH B 2 .   ? -8.179  11.825  -13.774 1.00 41.45 ? 221 HOH A O   1 
HETATM 1456 O O   . HOH B 2 .   ? -7.320  16.509  1.301   1.00 27.42 ? 222 HOH A O   1 
HETATM 1457 O O   . HOH B 2 .   ? 4.310   16.738  -0.833  1.00 24.41 ? 223 HOH A O   1 
HETATM 1458 O O   . HOH B 2 .   ? 10.931  14.703  -2.914  1.00 41.88 ? 224 HOH A O   1 
HETATM 1459 O O   . HOH B 2 .   ? 14.102  -17.055 7.352   1.00 23.47 ? 225 HOH A O   1 
HETATM 1460 O O   . HOH B 2 .   ? 2.010   -16.588 15.676  1.00 23.76 ? 226 HOH A O   1 
HETATM 1461 O O   . HOH B 2 .   ? 2.188   -16.695 12.841  1.00 21.00 ? 227 HOH A O   1 
HETATM 1462 O O   . HOH B 2 .   ? 3.533   -21.307 8.869   1.00 32.94 ? 228 HOH A O   1 
HETATM 1463 O O   . HOH B 2 .   ? 4.249   -19.397 6.885   1.00 21.35 ? 229 HOH A O   1 
HETATM 1464 O O   . HOH B 2 .   ? -12.283 5.686   -11.435 1.00 27.85 ? 230 HOH A O   1 
HETATM 1465 O O   . HOH B 2 .   ? 9.055   -5.483  -10.605 1.00 50.23 ? 231 HOH A O   1 
HETATM 1466 O O   . HOH B 2 .   ? -19.488 -5.254  -8.259  1.00 34.72 ? 232 HOH A O   1 
HETATM 1467 O O   . HOH B 2 .   ? -15.933 -8.057  -9.579  1.00 26.33 ? 233 HOH A O   1 
HETATM 1468 O O   . HOH B 2 .   ? -13.690 4.752   -3.644  1.00 31.78 ? 234 HOH A O   1 
HETATM 1469 O O   . HOH B 2 .   ? -7.581  13.382  -4.813  1.00 39.36 ? 235 HOH A O   1 
HETATM 1470 O O   . HOH B 2 .   ? 6.822   -0.853  -12.816 1.00 28.79 ? 236 HOH A O   1 
HETATM 1471 O O   . HOH B 2 .   ? -18.207 0.006   -8.496  1.00 42.99 ? 237 HOH A O   1 
HETATM 1472 O O   . HOH B 2 .   ? -11.891 7.926   -8.629  1.00 19.85 ? 238 HOH A O   1 
HETATM 1473 O O   . HOH B 2 .   ? 1.310   0.248   13.628  1.00 31.60 ? 239 HOH A O   1 
HETATM 1474 O O   . HOH B 2 .   ? -4.352  -10.252 15.948  1.00 44.56 ? 240 HOH A O   1 
HETATM 1475 O O   . HOH B 2 .   ? 18.603  -11.150 4.139   1.00 40.31 ? 241 HOH A O   1 
HETATM 1476 O O   . HOH B 2 .   ? 10.736  -7.511  14.081  1.00 24.89 ? 242 HOH A O   1 
HETATM 1477 O O   . HOH B 2 .   ? 6.961   10.307  -14.100 1.00 37.83 ? 243 HOH A O   1 
HETATM 1478 O O   . HOH B 2 .   ? -13.477 -12.270 4.916   1.00 35.00 ? 244 HOH A O   1 
HETATM 1479 O O   . HOH B 2 .   ? -15.459 -3.609  9.033   1.00 39.98 ? 245 HOH A O   1 
HETATM 1480 O O   . HOH B 2 .   ? -4.777  6.913   9.117   1.00 27.43 ? 246 HOH A O   1 
HETATM 1481 O O   . HOH B 2 .   ? 12.268  -1.874  -13.716 1.00 41.31 ? 247 HOH A O   1 
HETATM 1482 O O   . HOH B 2 .   ? 0.774   13.969  -11.073 1.00 36.79 ? 248 HOH A O   1 
HETATM 1483 O O   . HOH B 2 .   ? -7.617  7.620   6.180   1.00 40.87 ? 249 HOH A O   1 
HETATM 1484 O O   . HOH B 2 .   ? -0.411  12.545  -13.244 1.00 35.31 ? 250 HOH A O   1 
HETATM 1485 O O   . HOH B 2 .   ? 7.810   -2.916  -5.979  1.00 29.31 ? 251 HOH A O   1 
HETATM 1486 O O   . HOH B 2 .   ? -5.710  -12.280 4.948   1.00 38.72 ? 252 HOH A O   1 
HETATM 1487 O O   . HOH B 2 .   ? -14.236 7.237   -1.858  1.00 37.93 ? 253 HOH A O   1 
HETATM 1488 O O   . HOH B 2 .   ? -1.715  -9.803  16.142  1.00 37.56 ? 254 HOH A O   1 
HETATM 1489 O O   . HOH B 2 .   ? 15.345  2.217   -2.295  1.00 30.92 ? 255 HOH A O   1 
HETATM 1490 O O   . HOH B 2 .   ? -3.910  4.984   -15.676 1.00 26.38 ? 256 HOH A O   1 
HETATM 1491 O O   . HOH B 2 .   ? -0.816  1.994   7.982   1.00 40.00 ? 257 HOH A O   1 
HETATM 1492 O O   . HOH B 2 .   ? 8.112   -10.348 15.625  1.00 37.52 ? 258 HOH A O   1 
HETATM 1493 O O   . HOH B 2 .   ? 7.396   -18.379 7.326   1.00 32.74 ? 259 HOH A O   1 
HETATM 1494 O O   . HOH B 2 .   ? 8.963   -16.094 13.663  1.00 38.55 ? 260 HOH A O   1 
HETATM 1495 O O   . HOH B 2 .   ? -2.755  -15.066 -6.063  1.00 38.76 ? 261 HOH A O   1 
HETATM 1496 O O   . HOH B 2 .   ? -9.433  -6.209  -14.001 1.00 34.03 ? 262 HOH A O   1 
HETATM 1497 O O   . HOH B 2 .   ? 10.269  10.440  7.912   1.00 37.17 ? 263 HOH A O   1 
HETATM 1498 O O   . HOH B 2 .   ? -10.100 8.898   6.718   1.00 34.86 ? 264 HOH A O   1 
HETATM 1499 O O   . HOH B 2 .   ? -12.815 7.549   12.896  1.00 56.59 ? 265 HOH A O   1 
HETATM 1500 O O   . HOH B 2 .   ? -10.122 18.604  1.742   1.00 29.34 ? 266 HOH A O   1 
HETATM 1501 O O   . HOH B 2 .   ? 0.750   -14.672 2.790   1.00 34.03 ? 267 HOH A O   1 
HETATM 1502 O O   . HOH B 2 .   ? 5.522   18.630  -2.271  1.00 32.35 ? 268 HOH A O   1 
HETATM 1503 O O   . HOH B 2 .   ? 12.220  9.732   -10.916 1.00 36.06 ? 269 HOH A O   1 
HETATM 1504 O O   . HOH B 2 .   ? 3.421   0.665   11.065  1.00 28.91 ? 270 HOH A O   1 
HETATM 1505 O O   . HOH B 2 .   ? 17.347  -12.192 1.888   1.00 43.99 ? 271 HOH A O   1 
HETATM 1506 O O   . HOH B 2 .   ? -9.360  0.611   5.922   1.00 56.87 ? 272 HOH A O   1 
HETATM 1507 O O   . HOH B 2 .   ? -13.866 13.764  2.299   1.00 38.68 ? 273 HOH A O   1 
HETATM 1508 O O   . HOH B 2 .   ? 14.734  -6.922  11.383  1.00 40.80 ? 274 HOH A O   1 
HETATM 1509 O O   . HOH B 2 .   ? 10.985  4.708   8.890   1.00 46.76 ? 275 HOH A O   1 
HETATM 1510 O O   . HOH B 2 .   ? -2.850  -1.674  12.310  1.00 35.07 ? 276 HOH A O   1 
HETATM 1511 O O   . HOH B 2 .   ? 5.999   20.308  -0.339  1.00 39.91 ? 277 HOH A O   1 
HETATM 1512 O O   . HOH B 2 .   ? 8.689   20.649  1.037   1.00 48.39 ? 278 HOH A O   1 
HETATM 1513 O O   . HOH B 2 .   ? 11.917  14.313  -0.515  1.00 39.80 ? 279 HOH A O   1 
HETATM 1514 O O   . HOH B 2 .   ? -2.143  -13.721 6.117   1.00 39.09 ? 280 HOH A O   1 
HETATM 1515 O O   . HOH B 2 .   ? 6.724   -3.508  15.433  1.00 36.17 ? 281 HOH A O   1 
HETATM 1516 O O   . HOH B 2 .   ? 4.412   -6.985  17.947  1.00 40.24 ? 282 HOH A O   1 
HETATM 1517 O O   . HOH B 2 .   ? 5.086   0.326   13.339  1.00 42.81 ? 283 HOH A O   1 
HETATM 1518 O O   . HOH B 2 .   ? 3.942   18.909  6.417   1.00 42.56 ? 284 HOH A O   1 
HETATM 1519 O O   . HOH B 2 .   ? -1.876  1.800   10.673  1.00 46.16 ? 285 HOH A O   1 
HETATM 1520 O O   . HOH B 2 .   ? -10.438 0.919   1.152   1.00 35.55 ? 286 HOH A O   1 
HETATM 1521 O O   . HOH B 2 .   ? -9.680  -13.476 -9.132  1.00 46.18 ? 287 HOH A O   1 
HETATM 1522 O O   . HOH B 2 .   ? -11.287 -15.065 -7.108  1.00 41.53 ? 288 HOH A O   1 
HETATM 1523 O O   . HOH B 2 .   ? 4.134   -4.599  15.677  1.00 38.65 ? 289 HOH A O   1 
HETATM 1524 O O   . HOH B 2 .   ? -2.915  20.238  4.857   1.00 41.48 ? 290 HOH A O   1 
HETATM 1525 O O   . HOH B 2 .   ? 8.188   3.633   10.487  1.00 41.56 ? 291 HOH A O   1 
HETATM 1526 O O   . HOH B 2 .   ? 5.445   3.517   10.694  1.00 44.09 ? 292 HOH A O   1 
HETATM 1527 O O   . HOH B 2 .   ? 9.540   2.461   8.425   1.00 46.58 ? 293 HOH A O   1 
HETATM 1528 O O   . HOH B 2 .   ? -4.456  -17.069 7.404   1.00 46.78 ? 294 HOH A O   1 
HETATM 1529 O O   . HOH B 2 .   ? -7.148  21.375  8.777   1.00 43.05 ? 295 HOH A O   1 
HETATM 1530 O O   . HOH B 2 .   ? -12.961 10.607  -8.484  1.00 48.85 ? 296 HOH A O   1 
HETATM 1531 O O   . HOH B 2 .   ? -16.794 -13.570 -2.131  1.00 44.20 ? 297 HOH A O   1 
HETATM 1532 O O   . HOH B 2 .   ? 1.124   18.510  8.545   1.00 48.29 ? 298 HOH A O   1 
HETATM 1533 O O   . HOH B 2 .   ? -4.716  17.147  12.307  1.00 47.61 ? 299 HOH A O   1 
HETATM 1534 O O   . HOH B 2 .   ? -0.027  16.927  -6.655  1.00 49.30 ? 300 HOH A O   1 
HETATM 1535 O O   . HOH B 2 .   ? -13.166 -1.053  10.868  1.00 53.72 ? 301 HOH A O   1 
HETATM 1536 O O   . HOH B 2 .   ? 10.004  13.769  9.736   1.00 47.17 ? 302 HOH A O   1 
HETATM 1537 O O   . HOH B 2 .   ? -6.588  2.486   -17.939 1.00 57.81 ? 303 HOH A O   1 
HETATM 1538 O O   . HOH B 2 .   ? 15.062  2.691   2.416   1.00 48.14 ? 304 HOH A O   1 
HETATM 1539 O O   . HOH B 2 .   ? 7.230   2.781   -14.177 1.00 56.47 ? 305 HOH A O   1 
HETATM 1540 O O   . HOH B 2 .   ? -13.424 -7.986  14.817  1.00 50.34 ? 306 HOH A O   1 
HETATM 1541 O O   . HOH B 2 .   ? -8.003  -13.063 7.378   1.00 54.31 ? 307 HOH A O   1 
HETATM 1542 O O   . HOH B 2 .   ? -14.144 -10.747 7.301   1.00 45.01 ? 308 HOH A O   1 
HETATM 1543 O O   . HOH B 2 .   ? -14.477 2.250   -2.803  1.00 46.15 ? 309 HOH A O   1 
HETATM 1544 O O   . HOH B 2 .   ? -16.675 8.846   7.626   1.00 46.95 ? 310 HOH A O   1 
HETATM 1545 O O   . HOH B 2 .   ? 0.399   -17.547 1.898   1.00 47.49 ? 311 HOH A O   1 
HETATM 1546 O O   . HOH B 2 .   ? -8.512  9.624   -15.414 1.00 47.91 ? 312 HOH A O   1 
HETATM 1547 O O   . HOH B 2 .   ? -7.735  -5.751  13.518  1.00 67.63 ? 313 HOH A O   1 
HETATM 1548 O O   . HOH B 2 .   ? -17.312 3.394   0.673   1.00 64.02 ? 314 HOH A O   1 
HETATM 1549 O O   . HOH B 2 .   ? 2.686   -13.047 -13.687 1.00 45.70 ? 315 HOH A O   1 
HETATM 1550 O O   . HOH B 2 .   ? 3.671   -1.264  -15.247 1.00 53.60 ? 316 HOH A O   1 
HETATM 1551 O O   . HOH B 2 .   ? -6.715  -1.593  12.908  1.00 53.83 ? 317 HOH A O   1 
HETATM 1552 O O   . HOH B 2 .   ? -10.364 -6.707  11.898  1.00 57.77 ? 318 HOH A O   1 
HETATM 1553 O O   . HOH B 2 .   ? 18.336  -5.988  3.669   1.00 51.28 ? 319 HOH A O   1 
HETATM 1554 O O   . HOH B 2 .   ? 17.229  -2.834  9.068   1.00 55.04 ? 320 HOH A O   1 
HETATM 1555 O O   . HOH B 2 .   ? -1.310  21.910  0.795   1.00 55.79 ? 321 HOH A O   1 
HETATM 1556 O O   . HOH B 2 .   ? 1.643   6.193   15.783  1.00 50.66 ? 322 HOH A O   1 
HETATM 1557 O O   . HOH B 2 .   ? 9.325   19.032  7.810   1.00 53.18 ? 323 HOH A O   1 
HETATM 1558 O O   . HOH B 2 .   ? 12.647  -6.336  12.737  1.00 50.34 ? 324 HOH A O   1 
HETATM 1559 O O   . HOH B 2 .   ? 6.639   17.241  -8.178  1.00 47.21 ? 325 HOH A O   1 
HETATM 1560 O O   . HOH B 2 .   ? -12.540 4.286   3.637   1.00 53.70 ? 326 HOH A O   1 
HETATM 1561 O O   . HOH B 2 .   ? 4.757   -14.662 -3.444  1.00 55.97 ? 327 HOH A O   1 
HETATM 1562 O O   . HOH B 2 .   ? 9.924   -7.838  -11.616 1.00 54.60 ? 328 HOH A O   1 
HETATM 1563 O O   . HOH B 2 .   ? 4.978   -11.445 -13.866 1.00 58.35 ? 329 HOH A O   1 
HETATM 1564 O O   . HOH B 2 .   ? -3.752  12.738  -15.353 1.00 53.66 ? 330 HOH A O   1 
HETATM 1565 O O   . HOH B 2 .   ? -14.953 5.263   0.534   1.00 63.82 ? 331 HOH A O   1 
HETATM 1566 O O   . HOH B 2 .   ? -15.426 10.087  -2.719  1.00 54.21 ? 332 HOH A O   1 
HETATM 1567 O O   . HOH B 2 .   ? 16.702  -4.890  -2.696  1.00 68.35 ? 333 HOH A O   1 
HETATM 1568 O O   . HOH B 2 .   ? 13.391  -10.387 -8.155  1.00 68.43 ? 334 HOH A O   1 
HETATM 1569 O O   . HOH B 2 .   ? 7.242   -15.783 -4.621  1.00 58.16 ? 335 HOH A O   1 
HETATM 1570 O O   . HOH B 2 .   ? 16.554  -11.074 -0.504  1.00 70.98 ? 336 HOH A O   1 
HETATM 1571 O O   . HOH B 2 .   ? -7.293  3.018   5.744   1.00 60.62 ? 337 HOH A O   1 
HETATM 1572 O O   . HOH B 2 .   ? 0.826   2.599   10.766  1.00 66.08 ? 338 HOH A O   1 
HETATM 1573 O O   . HOH B 2 .   ? 1.361   4.543   8.935   1.00 68.61 ? 339 HOH A O   1 
HETATM 1574 O O   . HOH B 2 .   ? 14.729  -0.234  8.494   1.00 76.87 ? 340 HOH A O   1 
HETATM 1575 O O   . HOH B 2 .   ? -10.308 -12.361 1.533   1.00 62.85 ? 341 HOH A O   1 
HETATM 1576 O O   . HOH B 2 .   ? 13.815  12.907  -2.971  1.00 57.92 ? 342 HOH A O   1 
HETATM 1577 O O   . HOH B 2 .   ? 14.606  7.674   -11.487 1.00 62.66 ? 343 HOH A O   1 
HETATM 1578 O O   . HOH B 2 .   ? 14.438  8.287   0.220   1.00 75.68 ? 344 HOH A O   1 
HETATM 1579 O O   . HOH B 2 .   ? -4.016  8.527   20.159  1.00 76.16 ? 345 HOH A O   1 
HETATM 1580 O O   . HOH B 2 .   ? -6.516  8.655   18.287  1.00 50.78 ? 346 HOH A O   1 
HETATM 1581 O O   . HOH B 2 .   ? 8.256   19.594  4.831   1.00 51.42 ? 347 HOH A O   1 
HETATM 1582 O O   . HOH B 2 .   ? -2.235  -15.371 -0.037  1.00 68.19 ? 348 HOH A O   1 
HETATM 1583 O O   . HOH B 2 .   ? 4.574   18.767  10.339  1.00 72.43 ? 349 HOH A O   1 
HETATM 1584 O O   . HOH B 2 .   ? 1.665   -8.497  17.173  1.00 69.49 ? 350 HOH A O   1 
HETATM 1585 O O   . HOH B 2 .   ? -6.235  15.021  -14.640 1.00 43.35 ? 351 HOH A O   1 
HETATM 1586 O O   . HOH B 2 .   ? 3.603   3.312   8.042   1.00 29.09 ? 352 HOH A O   1 
# 
